data_8HMQ
#
_entry.id   8HMQ
#
_cell.length_a   99.829
_cell.length_b   136.839
_cell.length_c   149.160
_cell.angle_alpha   90.000
_cell.angle_beta   90.000
_cell.angle_gamma   90.000
#
_symmetry.space_group_name_H-M   'P 21 21 21'
#
loop_
_entity.id
_entity.type
_entity.pdbx_description
1 polymer 'Pyruvate kinase PKM'
2 non-polymer 'OXALATE ION'
3 non-polymer GLYCEROL
4 non-polymer 1,2-ETHANEDIOL
5 non-polymer 'MAGNESIUM ION'
6 non-polymer 1,6-di-O-phosphono-beta-D-fructofuranose
7 water water
#
_entity_poly.entity_id   1
_entity_poly.type   'polypeptide(L)'
_entity_poly.pdbx_seq_one_letter_code
;MGSSHHHHHHSSGLVPRGSHMSKPHSEAGTAFIQTQQLHAAMADTFLEHMCRLDIDSPPITARNTGIICTIGPASRSVET
LKEMIKSGMNVARLNFSHGTHEYHAETIKNVRTATESFASDPILYRPVAVALDTKGPEIRTGLIKGSGTAEVELKKGATL
KITLDNAYMEKCDENILWLDYKNICKVVEVGSKIYVDDGLISLQVKQKGADFLVTEVENGGSLGSKKGVNLPGAAVDLPA
VSEKDIQDLKFGVEQDVDMVFASFIRKASDVHEVRKVLGEKGKNIKIISKIENHEGVRRFDEILEASDGIMVARGDLGIE
IPAEKVFLAQKMMIGRCNRAGKPVICATQMLESMIKKPRPTRAEGSDVANAVLDGADCIMLSGETAKGDYPLEAVRMQHL
IAREAEAAIYHLQLFEELRRLAAITSDPTEATAVGAVEASFKCCSGAIIVLTKSGRSAHQVARYRPRAPIIAVTRNPQTA
RQAHLYRGIFPVLCKDPVQEAWAEDVDLRVNFAMNVGKARGFFKKGDVVIVLTGWRPGSGFTNTMRVVPVP
;
_entity_poly.pdbx_strand_id   A,B,C,D
#
loop_
_chem_comp.id
_chem_comp.type
_chem_comp.name
_chem_comp.formula
EDO non-polymer 1,2-ETHANEDIOL 'C2 H6 O2'
FBP D-saccharide, beta linking 1,6-di-O-phosphono-beta-D-fructofuranose 'C6 H14 O12 P2'
GOL non-polymer GLYCEROL 'C3 H8 O3'
MG non-polymer 'MAGNESIUM ION' 'Mg 2'
OXL non-polymer 'OXALATE ION' 'C2 O4 -2'
#
# COMPACT_ATOMS: atom_id res chain seq x y z
N ILE A 33 20.22 14.26 -0.06
CA ILE A 33 18.84 14.12 0.42
C ILE A 33 18.42 15.36 1.21
N GLN A 34 19.40 16.15 1.63
CA GLN A 34 19.17 17.38 2.38
C GLN A 34 18.42 18.46 1.58
N THR A 35 17.98 18.21 0.36
CA THR A 35 17.28 19.23 -0.42
C THR A 35 15.95 18.70 -0.91
N GLN A 36 15.01 19.63 -1.09
CA GLN A 36 13.62 19.37 -1.52
C GLN A 36 12.92 18.29 -0.70
N GLN A 37 13.28 18.18 0.59
CA GLN A 37 12.68 17.17 1.48
C GLN A 37 12.80 15.78 0.88
N LEU A 38 13.95 15.48 0.27
CA LEU A 38 14.11 14.19 -0.39
C LEU A 38 14.21 13.06 0.61
N HIS A 39 14.66 13.36 1.83
CA HIS A 39 14.60 12.37 2.90
C HIS A 39 13.14 11.99 3.17
N ALA A 40 12.26 13.01 3.26
CA ALA A 40 10.84 12.74 3.43
C ALA A 40 10.25 12.02 2.22
N ALA A 41 10.84 12.23 1.04
CA ALA A 41 10.33 11.60 -0.17
C ALA A 41 10.50 10.08 -0.16
N MET A 42 11.46 9.57 0.62
CA MET A 42 11.77 8.15 0.63
C MET A 42 11.05 7.39 1.73
N ALA A 43 10.23 8.05 2.53
CA ALA A 43 9.52 7.35 3.61
C ALA A 43 8.59 6.29 3.03
N ASP A 44 8.50 5.15 3.74
CA ASP A 44 7.59 4.09 3.31
C ASP A 44 6.15 4.36 3.70
N THR A 45 5.89 5.30 4.62
CA THR A 45 4.55 5.63 5.04
C THR A 45 4.36 7.14 5.00
N PHE A 46 3.10 7.57 4.89
CA PHE A 46 2.81 8.99 4.95
C PHE A 46 3.12 9.57 6.31
N LEU A 47 2.92 8.80 7.38
CA LEU A 47 3.28 9.26 8.71
C LEU A 47 4.78 9.55 8.80
N GLU A 48 5.61 8.61 8.35
CA GLU A 48 7.05 8.86 8.34
C GLU A 48 7.40 10.01 7.40
N HIS A 49 6.67 10.16 6.30
CA HIS A 49 6.89 11.30 5.42
C HIS A 49 6.68 12.62 6.16
N MET A 50 5.63 12.68 6.99
CA MET A 50 5.42 13.86 7.84
C MET A 50 6.58 14.02 8.82
N CYS A 51 6.98 12.93 9.47
CA CYS A 51 8.04 13.00 10.49
C CYS A 51 9.36 13.50 9.92
N ARG A 52 9.58 13.37 8.62
CA ARG A 52 10.86 13.72 8.01
C ARG A 52 10.86 15.12 7.39
N LEU A 53 9.73 15.83 7.41
CA LEU A 53 9.72 17.17 6.83
C LEU A 53 10.67 18.07 7.61
N ASP A 54 11.52 18.79 6.89
CA ASP A 54 12.70 19.45 7.47
C ASP A 54 12.69 20.91 7.05
N ILE A 55 12.54 21.81 8.03
CA ILE A 55 12.58 23.24 7.75
C ILE A 55 13.95 23.67 7.25
N ASP A 56 14.98 22.84 7.45
CA ASP A 56 16.32 23.11 6.96
C ASP A 56 16.64 22.41 5.64
N SER A 57 15.64 21.86 4.97
CA SER A 57 15.83 21.28 3.65
C SER A 57 15.35 22.27 2.60
N PRO A 58 16.24 23.00 1.92
CA PRO A 58 15.81 24.07 1.03
C PRO A 58 15.16 23.53 -0.22
N PRO A 59 14.12 24.20 -0.72
CA PRO A 59 13.47 23.76 -1.96
C PRO A 59 14.30 24.14 -3.18
N ILE A 60 13.90 23.58 -4.32
CA ILE A 60 14.50 23.94 -5.61
C ILE A 60 14.10 25.35 -6.00
N THR A 61 14.76 25.89 -7.03
CA THR A 61 14.44 27.22 -7.52
C THR A 61 13.07 27.27 -8.20
N ALA A 62 12.76 26.26 -9.01
CA ALA A 62 11.52 26.27 -9.77
C ALA A 62 10.32 26.20 -8.84
N ARG A 63 9.25 26.89 -9.22
CA ARG A 63 7.99 26.90 -8.49
C ARG A 63 6.87 26.47 -9.42
N ASN A 64 6.12 25.45 -9.00
CA ASN A 64 5.19 24.78 -9.90
C ASN A 64 3.76 25.33 -9.87
N THR A 65 3.29 25.82 -8.73
CA THR A 65 1.89 26.24 -8.63
C THR A 65 1.68 27.61 -9.29
N GLY A 66 0.73 27.68 -10.21
CA GLY A 66 0.43 28.95 -10.84
C GLY A 66 -0.17 29.94 -9.87
N ILE A 67 0.15 31.22 -10.08
CA ILE A 67 -0.33 32.28 -9.21
C ILE A 67 -1.22 33.20 -10.03
N ILE A 68 -2.47 33.33 -9.60
CA ILE A 68 -3.47 34.17 -10.25
C ILE A 68 -3.69 35.38 -9.36
N CYS A 69 -3.64 36.57 -9.94
CA CYS A 69 -3.77 37.81 -9.19
C CYS A 69 -4.91 38.63 -9.77
N THR A 70 -5.83 39.04 -8.89
CA THR A 70 -6.90 39.95 -9.28
C THR A 70 -6.32 41.36 -9.37
N ILE A 71 -6.47 42.00 -10.54
CA ILE A 71 -5.92 43.34 -10.75
C ILE A 71 -6.96 44.38 -10.37
N GLY A 72 -6.51 45.42 -9.68
CA GLY A 72 -7.38 46.49 -9.26
C GLY A 72 -6.60 47.77 -9.03
N PRO A 73 -7.21 48.72 -8.31
CA PRO A 73 -6.56 50.02 -8.07
C PRO A 73 -5.15 49.91 -7.51
N ALA A 74 -4.87 48.91 -6.67
CA ALA A 74 -3.56 48.75 -6.07
C ALA A 74 -2.53 48.17 -7.02
N SER A 75 -2.94 47.66 -8.17
CA SER A 75 -2.05 46.90 -9.04
C SER A 75 -2.24 47.23 -10.51
N ARG A 76 -3.07 48.23 -10.83
CA ARG A 76 -3.40 48.54 -12.21
C ARG A 76 -2.24 49.17 -12.96
N SER A 77 -1.35 49.88 -12.26
CA SER A 77 -0.29 50.62 -12.92
C SER A 77 0.67 49.67 -13.64
N VAL A 78 1.24 50.16 -14.75
CA VAL A 78 2.20 49.37 -15.52
C VAL A 78 3.43 49.05 -14.67
N GLU A 79 3.89 50.01 -13.88
CA GLU A 79 5.08 49.77 -13.05
C GLU A 79 4.82 48.67 -12.03
N THR A 80 3.67 48.72 -11.35
CA THR A 80 3.33 47.69 -10.38
C THR A 80 3.17 46.33 -11.05
N LEU A 81 2.47 46.28 -12.20
CA LEU A 81 2.28 45.01 -12.90
C LEU A 81 3.61 44.39 -13.30
N LYS A 82 4.60 45.20 -13.66
CA LYS A 82 5.92 44.68 -13.97
C LYS A 82 6.51 43.95 -12.77
N GLU A 83 6.45 44.57 -11.59
CA GLU A 83 6.97 43.92 -10.39
C GLU A 83 6.17 42.68 -10.02
N MET A 84 4.87 42.68 -10.28
CA MET A 84 4.07 41.50 -9.98
C MET A 84 4.44 40.33 -10.88
N ILE A 85 4.75 40.61 -12.15
CA ILE A 85 5.20 39.55 -13.04
C ILE A 85 6.53 38.98 -12.53
N LYS A 86 7.45 39.86 -12.15
CA LYS A 86 8.74 39.39 -11.64
C LYS A 86 8.58 38.63 -10.33
N SER A 87 7.57 38.99 -9.53
CA SER A 87 7.35 38.33 -8.25
C SER A 87 6.63 36.99 -8.39
N GLY A 88 6.07 36.70 -9.56
CA GLY A 88 5.52 35.38 -9.78
C GLY A 88 4.15 35.33 -10.42
N MET A 89 3.55 36.48 -10.72
CA MET A 89 2.21 36.48 -11.29
C MET A 89 2.22 35.78 -12.64
N ASN A 90 1.26 34.89 -12.82
CA ASN A 90 1.09 34.16 -14.07
C ASN A 90 -0.19 34.51 -14.81
N VAL A 91 -1.25 34.87 -14.08
CA VAL A 91 -2.55 35.16 -14.65
C VAL A 91 -3.07 36.43 -14.01
N ALA A 92 -3.58 37.34 -14.82
CA ALA A 92 -4.23 38.55 -14.35
C ALA A 92 -5.75 38.32 -14.38
N ARG A 93 -6.38 38.42 -13.22
CA ARG A 93 -7.82 38.21 -13.11
C ARG A 93 -8.55 39.54 -13.06
N LEU A 94 -9.51 39.72 -13.95
CA LEU A 94 -10.34 40.92 -14.00
C LEU A 94 -11.76 40.52 -13.60
N ASN A 95 -12.22 41.04 -12.45
CA ASN A 95 -13.54 40.73 -11.93
C ASN A 95 -14.54 41.71 -12.54
N PHE A 96 -15.42 41.20 -13.40
CA PHE A 96 -16.42 42.04 -14.06
C PHE A 96 -17.69 42.22 -13.23
N SER A 97 -17.66 41.86 -11.94
CA SER A 97 -18.74 42.27 -11.06
C SER A 97 -18.80 43.78 -10.87
N HIS A 98 -17.69 44.47 -11.11
CA HIS A 98 -17.63 45.92 -11.02
C HIS A 98 -16.80 46.45 -12.18
N GLY A 99 -16.89 47.76 -12.41
CA GLY A 99 -16.11 48.43 -13.43
C GLY A 99 -16.75 48.37 -14.79
N THR A 100 -16.48 49.41 -15.59
CA THR A 100 -16.96 49.50 -16.95
C THR A 100 -16.01 48.80 -17.92
N HIS A 101 -16.48 48.61 -19.15
CA HIS A 101 -15.62 48.07 -20.20
C HIS A 101 -14.44 48.98 -20.47
N GLU A 102 -14.64 50.30 -20.39
CA GLU A 102 -13.54 51.25 -20.56
C GLU A 102 -12.45 51.02 -19.51
N TYR A 103 -12.86 50.88 -18.25
CA TYR A 103 -11.89 50.66 -17.17
C TYR A 103 -11.10 49.36 -17.39
N HIS A 104 -11.81 48.24 -17.58
CA HIS A 104 -11.14 46.96 -17.76
C HIS A 104 -10.28 46.95 -19.03
N ALA A 105 -10.71 47.65 -20.07
CA ALA A 105 -9.88 47.74 -21.28
C ALA A 105 -8.53 48.37 -20.96
N GLU A 106 -8.53 49.44 -20.17
CA GLU A 106 -7.26 50.06 -19.79
C GLU A 106 -6.45 49.15 -18.87
N THR A 107 -7.11 48.36 -18.03
CA THR A 107 -6.39 47.41 -17.20
C THR A 107 -5.66 46.39 -18.07
N ILE A 108 -6.36 45.86 -19.07
CA ILE A 108 -5.75 44.88 -19.97
C ILE A 108 -4.59 45.51 -20.74
N LYS A 109 -4.77 46.75 -21.21
CA LYS A 109 -3.68 47.44 -21.90
C LYS A 109 -2.45 47.53 -21.01
N ASN A 110 -2.64 47.88 -19.74
CA ASN A 110 -1.50 47.99 -18.83
C ASN A 110 -0.87 46.62 -18.58
N VAL A 111 -1.69 45.57 -18.41
CA VAL A 111 -1.17 44.23 -18.22
C VAL A 111 -0.31 43.82 -19.41
N ARG A 112 -0.80 44.04 -20.62
CA ARG A 112 -0.05 43.66 -21.81
C ARG A 112 1.16 44.57 -22.03
N THR A 113 1.06 45.85 -21.67
CA THR A 113 2.22 46.73 -21.77
C THR A 113 3.33 46.27 -20.83
N ALA A 114 2.97 45.94 -19.59
CA ALA A 114 3.96 45.43 -18.64
C ALA A 114 4.50 44.07 -19.08
N THR A 115 3.61 43.19 -19.56
CA THR A 115 4.05 41.87 -19.99
C THR A 115 4.99 41.95 -21.18
N GLU A 116 4.62 42.73 -22.19
CA GLU A 116 5.39 42.82 -23.43
C GLU A 116 6.66 43.64 -23.30
N SER A 117 6.86 44.33 -22.16
CA SER A 117 8.10 45.08 -21.97
C SER A 117 9.29 44.16 -21.73
N PHE A 118 9.07 42.88 -21.46
CA PHE A 118 10.14 41.90 -21.35
C PHE A 118 10.35 41.10 -22.64
N ALA A 119 9.59 41.40 -23.70
CA ALA A 119 9.65 40.60 -24.91
C ALA A 119 10.94 40.77 -25.69
N SER A 120 11.71 41.83 -25.42
CA SER A 120 13.00 41.99 -26.07
C SER A 120 14.00 40.92 -25.68
N ASP A 121 13.73 40.17 -24.61
CA ASP A 121 14.61 39.11 -24.13
C ASP A 121 13.77 37.88 -23.88
N PRO A 122 13.72 36.94 -24.84
CA PRO A 122 12.85 35.77 -24.68
C PRO A 122 13.29 34.82 -23.58
N ILE A 123 14.51 34.98 -23.05
CA ILE A 123 14.94 34.15 -21.93
C ILE A 123 14.24 34.60 -20.64
N LEU A 124 14.00 35.91 -20.50
CA LEU A 124 13.38 36.45 -19.29
C LEU A 124 11.91 36.80 -19.49
N TYR A 125 11.39 36.66 -20.71
CA TYR A 125 9.99 36.92 -20.96
C TYR A 125 9.10 35.90 -20.25
N ARG A 126 8.01 36.38 -19.66
CA ARG A 126 7.03 35.51 -18.99
C ARG A 126 5.68 35.70 -19.64
N PRO A 127 5.11 34.69 -20.30
CA PRO A 127 3.74 34.82 -20.77
C PRO A 127 2.79 35.04 -19.58
N VAL A 128 1.89 36.00 -19.74
CA VAL A 128 0.93 36.34 -18.70
C VAL A 128 -0.47 36.25 -19.29
N ALA A 129 -1.31 35.38 -18.72
CA ALA A 129 -2.66 35.18 -19.21
C ALA A 129 -3.60 36.26 -18.67
N VAL A 130 -4.65 36.53 -19.43
CA VAL A 130 -5.70 37.47 -19.04
C VAL A 130 -6.98 36.68 -18.80
N ALA A 131 -7.58 36.85 -17.62
CA ALA A 131 -8.74 36.08 -17.22
C ALA A 131 -9.91 37.00 -16.94
N LEU A 132 -11.06 36.69 -17.54
CA LEU A 132 -12.29 37.43 -17.34
C LEU A 132 -13.17 36.67 -16.34
N ASP A 133 -13.48 37.30 -15.22
CA ASP A 133 -14.33 36.73 -14.19
C ASP A 133 -15.71 37.38 -14.29
N THR A 134 -16.71 36.60 -14.67
CA THR A 134 -18.03 37.14 -14.95
C THR A 134 -18.74 37.59 -13.67
N LYS A 135 -19.66 38.53 -13.83
CA LYS A 135 -20.56 38.88 -12.73
C LYS A 135 -21.47 37.70 -12.41
N GLY A 136 -22.07 37.11 -13.44
CA GLY A 136 -22.92 35.95 -13.28
C GLY A 136 -24.29 36.28 -12.74
N PRO A 137 -25.01 35.24 -12.33
CA PRO A 137 -26.38 35.37 -11.78
C PRO A 137 -26.40 35.88 -10.34
N GLU A 138 -26.02 37.14 -10.18
CA GLU A 138 -25.89 37.73 -8.85
C GLU A 138 -27.21 38.40 -8.45
N ILE A 139 -27.57 38.27 -7.17
CA ILE A 139 -28.73 38.93 -6.60
C ILE A 139 -28.25 40.13 -5.80
N ARG A 140 -28.72 41.33 -6.18
CA ARG A 140 -28.26 42.56 -5.56
C ARG A 140 -29.44 43.33 -4.95
N THR A 141 -29.10 44.20 -4.00
CA THR A 141 -30.08 45.01 -3.30
C THR A 141 -30.27 46.36 -3.98
N ALA A 150 -25.64 55.95 1.99
CA ALA A 150 -26.17 55.83 3.35
C ALA A 150 -26.35 54.37 3.73
N GLU A 151 -26.72 54.14 4.98
CA GLU A 151 -26.90 52.79 5.50
C GLU A 151 -28.03 52.79 6.53
N VAL A 152 -28.50 51.60 6.87
CA VAL A 152 -29.54 51.42 7.86
C VAL A 152 -29.07 50.34 8.83
N GLU A 153 -29.52 50.44 10.08
CA GLU A 153 -29.09 49.54 11.14
C GLU A 153 -30.16 48.47 11.38
N LEU A 154 -29.84 47.23 11.04
CA LEU A 154 -30.73 46.11 11.32
C LEU A 154 -30.52 45.59 12.74
N LYS A 155 -31.63 45.26 13.40
CA LYS A 155 -31.62 44.80 14.78
C LYS A 155 -32.03 43.33 14.85
N LYS A 156 -31.38 42.59 15.75
CA LYS A 156 -31.69 41.16 15.90
C LYS A 156 -33.12 40.97 16.37
N GLY A 157 -33.85 40.10 15.68
CA GLY A 157 -35.23 39.81 16.00
C GLY A 157 -36.26 40.63 15.26
N ALA A 158 -35.85 41.72 14.61
CA ALA A 158 -36.79 42.56 13.90
C ALA A 158 -37.26 41.87 12.62
N THR A 159 -38.45 42.25 12.17
CA THR A 159 -39.00 41.72 10.93
C THR A 159 -38.64 42.63 9.76
N LEU A 160 -38.33 42.01 8.62
CA LEU A 160 -38.04 42.73 7.39
C LEU A 160 -38.89 42.17 6.27
N LYS A 161 -39.47 43.07 5.47
CA LYS A 161 -40.27 42.68 4.31
C LYS A 161 -39.43 42.88 3.05
N ILE A 162 -39.22 41.80 2.30
CA ILE A 162 -38.54 41.88 1.01
C ILE A 162 -39.57 42.23 -0.06
N THR A 163 -39.24 43.22 -0.89
CA THR A 163 -40.17 43.65 -1.94
C THR A 163 -39.46 43.89 -3.27
N ASP A 180 -33.23 42.45 -6.79
CA ASP A 180 -33.55 42.50 -8.20
C ASP A 180 -33.96 41.13 -8.74
N TYR A 181 -33.95 40.13 -7.88
CA TYR A 181 -34.30 38.77 -8.28
C TYR A 181 -35.82 38.62 -8.18
N LYS A 182 -36.50 38.87 -9.30
CA LYS A 182 -37.95 38.74 -9.37
C LYS A 182 -38.28 37.30 -9.72
N ASN A 183 -38.28 36.44 -8.69
CA ASN A 183 -38.72 35.05 -8.71
C ASN A 183 -38.24 34.34 -7.45
N ILE A 184 -37.97 35.10 -6.38
CA ILE A 184 -37.37 34.53 -5.18
C ILE A 184 -38.40 33.75 -4.37
N CYS A 185 -39.64 34.25 -4.30
CA CYS A 185 -40.67 33.58 -3.51
C CYS A 185 -40.99 32.19 -4.03
N LYS A 186 -40.61 31.86 -5.26
CA LYS A 186 -40.84 30.55 -5.85
C LYS A 186 -39.69 29.58 -5.62
N VAL A 187 -38.59 30.04 -5.02
CA VAL A 187 -37.41 29.20 -4.78
C VAL A 187 -37.03 29.12 -3.32
N VAL A 188 -37.76 29.77 -2.42
CA VAL A 188 -37.53 29.66 -0.99
C VAL A 188 -38.85 29.35 -0.29
N GLU A 189 -38.80 28.49 0.71
CA GLU A 189 -39.96 28.09 1.49
C GLU A 189 -39.98 28.81 2.82
N VAL A 190 -41.10 28.63 3.55
CA VAL A 190 -41.21 29.22 4.88
C VAL A 190 -40.15 28.60 5.78
N GLY A 191 -39.23 29.42 6.26
CA GLY A 191 -38.12 28.96 7.07
C GLY A 191 -36.79 29.00 6.36
N SER A 192 -36.74 29.32 5.07
CA SER A 192 -35.49 29.43 4.35
C SER A 192 -34.69 30.62 4.87
N LYS A 193 -33.38 30.58 4.63
CA LYS A 193 -32.47 31.61 5.10
C LYS A 193 -31.97 32.45 3.93
N ILE A 194 -31.72 33.73 4.19
CA ILE A 194 -31.23 34.68 3.20
C ILE A 194 -30.08 35.46 3.82
N TYR A 195 -29.00 35.61 3.04
CA TYR A 195 -27.77 36.25 3.52
C TYR A 195 -27.48 37.47 2.67
N VAL A 196 -27.12 38.57 3.31
CA VAL A 196 -26.88 39.85 2.65
C VAL A 196 -25.48 40.35 2.97
N ASP A 197 -24.83 40.96 1.97
CA ASP A 197 -23.53 41.61 2.10
C ASP A 197 -22.47 40.64 2.65
N ASP A 198 -22.07 39.72 1.77
CA ASP A 198 -21.02 38.74 2.07
C ASP A 198 -21.34 37.97 3.36
N GLY A 199 -22.61 37.62 3.53
CA GLY A 199 -23.04 36.87 4.68
C GLY A 199 -23.10 37.63 5.97
N LEU A 200 -22.99 38.97 5.93
CA LEU A 200 -23.02 39.76 7.16
C LEU A 200 -24.38 39.64 7.84
N ILE A 201 -25.45 39.91 7.11
CA ILE A 201 -26.80 39.91 7.66
C ILE A 201 -27.49 38.60 7.25
N SER A 202 -28.25 38.03 8.19
CA SER A 202 -28.97 36.79 7.95
C SER A 202 -30.45 37.00 8.27
N LEU A 203 -31.31 36.53 7.37
CA LEU A 203 -32.74 36.70 7.50
C LEU A 203 -33.43 35.34 7.36
N GLN A 204 -34.62 35.23 7.94
CA GLN A 204 -35.37 33.98 7.88
C GLN A 204 -36.80 34.23 7.38
N LEU A 213 -42.24 38.35 1.03
CA LEU A 213 -41.66 37.57 2.11
C LEU A 213 -41.48 38.39 3.38
N VAL A 214 -41.95 37.84 4.50
CA VAL A 214 -41.78 38.45 5.81
C VAL A 214 -40.63 37.72 6.49
N THR A 215 -39.48 38.38 6.57
CA THR A 215 -38.27 37.78 7.12
C THR A 215 -38.03 38.27 8.54
N GLU A 216 -37.20 37.53 9.26
CA GLU A 216 -36.77 37.88 10.61
C GLU A 216 -35.26 37.97 10.64
N VAL A 217 -34.74 39.04 11.23
CA VAL A 217 -33.30 39.27 11.26
C VAL A 217 -32.66 38.29 12.23
N GLU A 218 -32.02 37.26 11.70
CA GLU A 218 -31.29 36.31 12.55
C GLU A 218 -29.93 36.87 12.95
N ASN A 219 -29.26 37.57 12.03
CA ASN A 219 -28.01 38.26 12.31
C ASN A 219 -28.12 39.69 11.83
N GLY A 220 -28.06 40.65 12.76
CA GLY A 220 -28.25 42.05 12.43
C GLY A 220 -26.96 42.77 12.09
N GLY A 221 -27.12 44.02 11.67
CA GLY A 221 -25.99 44.83 11.29
C GLY A 221 -26.43 46.02 10.46
N SER A 222 -25.43 46.68 9.86
CA SER A 222 -25.69 47.86 9.05
C SER A 222 -25.73 47.51 7.57
N LYS A 227 -25.91 45.69 -2.41
CA LYS A 227 -25.12 44.61 -1.82
C LYS A 227 -25.57 43.26 -2.35
N GLY A 228 -24.75 42.23 -2.15
CA GLY A 228 -25.04 40.92 -2.70
C GLY A 228 -25.91 40.09 -1.79
N VAL A 229 -26.72 39.22 -2.40
CA VAL A 229 -27.65 38.38 -1.68
C VAL A 229 -27.40 36.93 -2.03
N ASN A 230 -27.44 36.07 -1.02
CA ASN A 230 -27.25 34.63 -1.18
C ASN A 230 -28.46 33.93 -0.60
N LEU A 231 -28.95 32.92 -1.33
CA LEU A 231 -30.07 32.08 -0.88
C LEU A 231 -29.55 30.66 -0.72
N PRO A 232 -29.03 30.32 0.47
CA PRO A 232 -28.40 29.01 0.63
C PRO A 232 -29.39 27.87 0.46
N GLY A 233 -28.95 26.84 -0.27
CA GLY A 233 -29.77 25.68 -0.53
C GLY A 233 -30.83 25.90 -1.60
N ALA A 234 -31.30 27.14 -1.72
CA ALA A 234 -32.39 27.44 -2.64
C ALA A 234 -31.95 27.20 -4.08
N ALA A 235 -32.87 26.67 -4.88
CA ALA A 235 -32.60 26.39 -6.29
C ALA A 235 -32.94 27.63 -7.10
N VAL A 236 -31.94 28.50 -7.28
CA VAL A 236 -32.15 29.76 -7.98
C VAL A 236 -32.26 29.48 -9.48
N ASP A 237 -33.30 30.01 -10.12
CA ASP A 237 -33.57 29.79 -11.53
C ASP A 237 -33.12 30.95 -12.41
N LEU A 238 -32.27 31.83 -11.90
CA LEU A 238 -31.77 32.93 -12.70
C LEU A 238 -31.02 32.39 -13.91
N PRO A 239 -31.00 33.12 -15.02
CA PRO A 239 -30.33 32.59 -16.21
C PRO A 239 -28.85 32.39 -15.96
N ALA A 240 -28.29 31.40 -16.65
CA ALA A 240 -26.85 31.12 -16.55
C ALA A 240 -26.03 32.32 -16.98
N VAL A 241 -26.31 32.85 -18.16
CA VAL A 241 -25.66 34.03 -18.68
C VAL A 241 -26.65 35.18 -18.65
N SER A 242 -26.24 36.29 -18.05
CA SER A 242 -27.06 37.47 -18.03
C SER A 242 -26.77 38.30 -19.27
N GLU A 243 -27.64 39.29 -19.52
CA GLU A 243 -27.42 40.17 -20.65
C GLU A 243 -26.08 40.88 -20.55
N LYS A 244 -25.72 41.37 -19.35
CA LYS A 244 -24.39 41.96 -19.25
C LYS A 244 -23.30 40.89 -19.24
N ASP A 245 -23.58 39.67 -18.77
CA ASP A 245 -22.62 38.58 -18.93
C ASP A 245 -22.30 38.37 -20.41
N ILE A 246 -23.35 38.29 -21.25
CA ILE A 246 -23.15 38.16 -22.69
C ILE A 246 -22.32 39.33 -23.22
N GLN A 247 -22.65 40.55 -22.77
CA GLN A 247 -21.92 41.72 -23.27
C GLN A 247 -20.46 41.68 -22.79
N ASP A 248 -20.27 41.41 -21.49
CA ASP A 248 -18.91 41.26 -20.96
C ASP A 248 -18.16 40.14 -21.65
N LEU A 249 -18.82 38.99 -21.84
CA LEU A 249 -18.15 37.86 -22.50
C LEU A 249 -17.80 38.19 -23.93
N LYS A 250 -18.71 38.86 -24.65
CA LYS A 250 -18.38 39.31 -26.00
C LYS A 250 -17.22 40.30 -25.97
N PHE A 251 -17.19 41.18 -24.96
CA PHE A 251 -16.08 42.10 -24.79
C PHE A 251 -14.77 41.35 -24.57
N GLY A 252 -14.82 40.24 -23.83
CA GLY A 252 -13.62 39.45 -23.61
C GLY A 252 -13.08 38.83 -24.88
N VAL A 253 -13.98 38.36 -25.76
CA VAL A 253 -13.54 37.86 -27.05
C VAL A 253 -12.87 38.98 -27.85
N GLU A 254 -13.43 40.19 -27.77
CA GLU A 254 -12.83 41.33 -28.48
C GLU A 254 -11.45 41.65 -27.93
N GLN A 255 -11.24 41.49 -26.63
CA GLN A 255 -9.96 41.75 -26.01
C GLN A 255 -9.02 40.55 -26.06
N ASP A 256 -9.46 39.43 -26.67
CA ASP A 256 -8.60 38.26 -26.85
C ASP A 256 -8.10 37.71 -25.51
N VAL A 257 -9.03 37.57 -24.57
CA VAL A 257 -8.67 36.94 -23.29
C VAL A 257 -8.44 35.44 -23.47
N ASP A 258 -7.69 34.86 -22.54
CA ASP A 258 -7.30 33.46 -22.62
C ASP A 258 -8.25 32.52 -21.89
N MET A 259 -9.00 33.03 -20.92
CA MET A 259 -9.83 32.16 -20.11
C MET A 259 -10.94 32.98 -19.46
N VAL A 260 -12.02 32.29 -19.12
CA VAL A 260 -13.19 32.89 -18.50
C VAL A 260 -13.46 32.16 -17.20
N PHE A 261 -13.63 32.91 -16.12
CA PHE A 261 -14.05 32.38 -14.84
C PHE A 261 -15.56 32.61 -14.72
N ALA A 262 -16.34 31.56 -14.95
CA ALA A 262 -17.79 31.66 -14.99
C ALA A 262 -18.34 31.51 -13.58
N SER A 263 -18.92 32.59 -13.05
CA SER A 263 -19.39 32.59 -11.67
C SER A 263 -20.68 31.79 -11.53
N PHE A 264 -20.82 31.11 -10.38
CA PHE A 264 -22.05 30.45 -9.97
C PHE A 264 -22.55 29.44 -10.99
N ILE A 265 -21.63 28.61 -11.50
CA ILE A 265 -22.02 27.52 -12.38
C ILE A 265 -22.76 26.47 -11.55
N ARG A 266 -24.00 26.16 -11.95
CA ARG A 266 -24.84 25.24 -11.19
C ARG A 266 -25.05 23.89 -11.86
N LYS A 267 -24.84 23.80 -13.18
CA LYS A 267 -25.11 22.56 -13.91
C LYS A 267 -24.29 22.59 -15.19
N ALA A 268 -24.27 21.46 -15.88
CA ALA A 268 -23.50 21.37 -17.13
C ALA A 268 -24.10 22.26 -18.21
N SER A 269 -25.44 22.35 -18.26
CA SER A 269 -26.09 23.23 -19.23
C SER A 269 -25.61 24.67 -19.09
N ASP A 270 -25.27 25.09 -17.86
CA ASP A 270 -24.72 26.44 -17.66
C ASP A 270 -23.42 26.62 -18.43
N VAL A 271 -22.51 25.64 -18.33
CA VAL A 271 -21.23 25.73 -19.04
C VAL A 271 -21.46 25.80 -20.54
N HIS A 272 -22.41 25.02 -21.05
CA HIS A 272 -22.68 25.03 -22.48
C HIS A 272 -23.18 26.39 -22.93
N GLU A 273 -23.94 27.10 -22.09
CA GLU A 273 -24.41 28.43 -22.46
C GLU A 273 -23.26 29.41 -22.55
N VAL A 274 -22.32 29.36 -21.60
CA VAL A 274 -21.14 30.23 -21.68
C VAL A 274 -20.36 29.94 -22.96
N ARG A 275 -20.20 28.66 -23.29
CA ARG A 275 -19.47 28.31 -24.51
C ARG A 275 -20.18 28.85 -25.75
N LYS A 276 -21.52 28.83 -25.75
CA LYS A 276 -22.28 29.37 -26.86
C LYS A 276 -21.97 30.85 -27.08
N VAL A 277 -21.83 31.62 -25.99
CA VAL A 277 -21.53 33.03 -26.10
C VAL A 277 -20.16 33.24 -26.72
N LEU A 278 -19.16 32.49 -26.25
CA LEU A 278 -17.81 32.61 -26.80
C LEU A 278 -17.75 32.23 -28.28
N GLY A 279 -18.63 31.33 -28.73
CA GLY A 279 -18.73 31.03 -30.15
C GLY A 279 -17.44 30.45 -30.73
N GLU A 280 -17.35 30.54 -32.06
CA GLU A 280 -16.15 30.07 -32.76
C GLU A 280 -14.95 30.97 -32.45
N LYS A 281 -15.17 32.28 -32.34
CA LYS A 281 -14.06 33.19 -32.07
C LYS A 281 -13.40 32.89 -30.73
N GLY A 282 -14.17 32.44 -29.75
CA GLY A 282 -13.59 32.10 -28.46
C GLY A 282 -13.60 30.61 -28.17
N LYS A 283 -13.60 29.80 -29.23
CA LYS A 283 -13.66 28.35 -29.03
C LYS A 283 -12.44 27.83 -28.28
N ASN A 284 -11.31 28.53 -28.33
CA ASN A 284 -10.11 28.12 -27.63
C ASN A 284 -9.96 28.78 -26.28
N ILE A 285 -10.88 29.66 -25.92
CA ILE A 285 -10.86 30.29 -24.60
C ILE A 285 -11.27 29.24 -23.58
N LYS A 286 -10.39 28.98 -22.61
CA LYS A 286 -10.68 27.99 -21.59
C LYS A 286 -11.74 28.51 -20.64
N ILE A 287 -12.75 27.68 -20.36
CA ILE A 287 -13.83 28.05 -19.45
C ILE A 287 -13.57 27.37 -18.12
N ILE A 288 -13.39 28.18 -17.09
CA ILE A 288 -13.18 27.69 -15.73
C ILE A 288 -14.48 27.90 -14.97
N SER A 289 -15.12 26.80 -14.59
CA SER A 289 -16.38 26.90 -13.87
C SER A 289 -16.12 27.18 -12.40
N LYS A 290 -16.76 28.23 -11.88
CA LYS A 290 -16.65 28.59 -10.47
C LYS A 290 -17.76 27.88 -9.70
N ILE A 291 -17.37 26.99 -8.80
CA ILE A 291 -18.30 26.28 -7.94
C ILE A 291 -18.49 27.15 -6.70
N GLU A 292 -19.67 27.76 -6.58
CA GLU A 292 -19.92 28.74 -5.53
C GLU A 292 -21.13 28.44 -4.66
N ASN A 293 -21.85 27.34 -4.91
CA ASN A 293 -23.08 27.12 -4.16
C ASN A 293 -23.33 25.61 -4.06
N HIS A 294 -24.38 25.27 -3.31
CA HIS A 294 -24.69 23.88 -3.04
C HIS A 294 -24.96 23.09 -4.32
N GLU A 295 -25.75 23.67 -5.23
CA GLU A 295 -26.09 22.95 -6.46
C GLU A 295 -24.85 22.64 -7.28
N GLY A 296 -23.91 23.59 -7.36
CA GLY A 296 -22.68 23.35 -8.11
C GLY A 296 -21.87 22.19 -7.56
N VAL A 297 -21.80 22.08 -6.23
CA VAL A 297 -21.09 20.97 -5.60
C VAL A 297 -21.80 19.65 -5.88
N ARG A 298 -23.13 19.64 -5.71
CA ARG A 298 -23.89 18.42 -5.89
C ARG A 298 -23.86 17.93 -7.33
N ARG A 299 -23.74 18.85 -8.29
CA ARG A 299 -23.69 18.49 -9.70
C ARG A 299 -22.28 18.65 -10.28
N PHE A 300 -21.25 18.46 -9.45
CA PHE A 300 -19.89 18.76 -9.85
C PHE A 300 -19.42 17.90 -11.02
N ASP A 301 -19.72 16.61 -11.00
CA ASP A 301 -19.21 15.70 -12.03
C ASP A 301 -19.65 16.14 -13.41
N GLU A 302 -20.93 16.47 -13.58
CA GLU A 302 -21.39 16.91 -14.89
C GLU A 302 -20.81 18.27 -15.24
N ILE A 303 -20.56 19.12 -14.24
CA ILE A 303 -19.92 20.41 -14.52
C ILE A 303 -18.48 20.19 -14.96
N LEU A 304 -17.74 19.32 -14.26
CA LEU A 304 -16.33 19.13 -14.59
C LEU A 304 -16.16 18.55 -15.98
N GLU A 305 -17.02 17.61 -16.36
CA GLU A 305 -16.92 17.01 -17.68
C GLU A 305 -17.14 18.04 -18.78
N ALA A 306 -18.01 19.03 -18.54
CA ALA A 306 -18.29 20.05 -19.54
C ALA A 306 -17.28 21.18 -19.56
N SER A 307 -16.53 21.37 -18.47
CA SER A 307 -15.65 22.51 -18.30
C SER A 307 -14.22 22.15 -18.69
N ASP A 308 -13.41 23.19 -18.88
CA ASP A 308 -11.97 23.03 -19.03
C ASP A 308 -11.25 23.03 -17.70
N GLY A 309 -11.88 23.55 -16.66
CA GLY A 309 -11.28 23.60 -15.33
C GLY A 309 -12.30 24.08 -14.32
N ILE A 310 -11.85 24.16 -13.08
CA ILE A 310 -12.73 24.41 -11.94
C ILE A 310 -12.07 25.43 -11.01
N MET A 311 -12.87 26.34 -10.46
CA MET A 311 -12.41 27.24 -9.41
C MET A 311 -13.19 26.95 -8.14
N VAL A 312 -12.47 26.67 -7.05
CA VAL A 312 -13.08 26.56 -5.73
C VAL A 312 -13.26 27.98 -5.22
N ALA A 313 -14.41 28.59 -5.52
CA ALA A 313 -14.68 29.98 -5.16
C ALA A 313 -15.14 30.01 -3.71
N ARG A 314 -14.16 29.98 -2.81
CA ARG A 314 -14.45 29.76 -1.39
C ARG A 314 -15.23 30.92 -0.77
N GLY A 315 -15.07 32.14 -1.29
CA GLY A 315 -15.81 33.28 -0.82
C GLY A 315 -17.31 33.03 -0.76
N ASP A 316 -17.93 32.84 -1.93
CA ASP A 316 -19.36 32.60 -1.96
C ASP A 316 -19.72 31.23 -1.42
N LEU A 317 -18.85 30.23 -1.65
CA LEU A 317 -19.13 28.88 -1.17
C LEU A 317 -19.29 28.86 0.34
N GLY A 318 -18.47 29.64 1.06
CA GLY A 318 -18.57 29.73 2.50
C GLY A 318 -19.84 30.37 3.00
N ILE A 319 -20.58 31.06 2.13
CA ILE A 319 -21.89 31.57 2.52
C ILE A 319 -22.99 30.59 2.15
N GLU A 320 -22.89 29.97 0.97
CA GLU A 320 -23.96 29.10 0.48
C GLU A 320 -24.03 27.80 1.28
N ILE A 321 -22.89 27.26 1.68
CA ILE A 321 -22.84 26.07 2.52
C ILE A 321 -22.20 26.47 3.83
N PRO A 322 -22.41 25.68 4.89
CA PRO A 322 -21.78 25.99 6.17
C PRO A 322 -20.27 26.11 6.03
N ALA A 323 -19.71 27.14 6.67
CA ALA A 323 -18.29 27.45 6.53
C ALA A 323 -17.41 26.29 6.97
N GLU A 324 -17.85 25.51 7.95
CA GLU A 324 -17.05 24.38 8.41
C GLU A 324 -16.98 23.25 7.40
N LYS A 325 -17.76 23.30 6.32
CA LYS A 325 -17.77 22.26 5.31
C LYS A 325 -17.00 22.64 4.07
N VAL A 326 -16.53 23.88 3.97
CA VAL A 326 -15.91 24.35 2.74
C VAL A 326 -14.67 23.54 2.40
N PHE A 327 -13.88 23.19 3.41
CA PHE A 327 -12.66 22.42 3.17
C PHE A 327 -12.97 21.05 2.59
N LEU A 328 -14.14 20.47 2.92
CA LEU A 328 -14.53 19.21 2.31
C LEU A 328 -14.73 19.38 0.80
N ALA A 329 -15.45 20.43 0.42
CA ALA A 329 -15.69 20.69 -1.01
C ALA A 329 -14.38 21.02 -1.73
N GLN A 330 -13.47 21.71 -1.05
CA GLN A 330 -12.20 22.06 -1.69
C GLN A 330 -11.40 20.82 -2.03
N LYS A 331 -11.27 19.91 -1.04
CA LYS A 331 -10.49 18.71 -1.26
C LYS A 331 -11.19 17.74 -2.20
N MET A 332 -12.52 17.73 -2.19
CA MET A 332 -13.27 16.92 -3.14
C MET A 332 -13.00 17.37 -4.57
N MET A 333 -13.11 18.68 -4.82
CA MET A 333 -12.96 19.19 -6.17
C MET A 333 -11.52 19.07 -6.66
N ILE A 334 -10.55 19.32 -5.77
CA ILE A 334 -9.16 19.18 -6.17
C ILE A 334 -8.85 17.73 -6.50
N GLY A 335 -9.31 16.81 -5.66
CA GLY A 335 -9.11 15.40 -5.96
C GLY A 335 -9.73 14.98 -7.28
N ARG A 336 -10.97 15.42 -7.51
CA ARG A 336 -11.66 14.99 -8.72
C ARG A 336 -11.04 15.63 -9.96
N CYS A 337 -10.61 16.89 -9.85
CA CYS A 337 -9.89 17.50 -10.97
C CYS A 337 -8.55 16.83 -11.21
N ASN A 338 -7.80 16.55 -10.14
CA ASN A 338 -6.58 15.76 -10.26
C ASN A 338 -6.85 14.42 -10.93
N ARG A 339 -7.95 13.76 -10.56
CA ARG A 339 -8.29 12.47 -11.16
C ARG A 339 -8.63 12.61 -12.64
N ALA A 340 -9.24 13.73 -13.04
CA ALA A 340 -9.57 13.93 -14.45
C ALA A 340 -8.44 14.58 -15.23
N GLY A 341 -7.40 15.09 -14.57
CA GLY A 341 -6.38 15.83 -15.27
C GLY A 341 -6.82 17.18 -15.79
N LYS A 342 -7.74 17.85 -15.09
CA LYS A 342 -8.19 19.17 -15.47
C LYS A 342 -7.80 20.20 -14.41
N PRO A 343 -7.42 21.40 -14.82
CA PRO A 343 -6.92 22.40 -13.86
C PRO A 343 -7.94 22.74 -12.78
N VAL A 344 -7.43 22.99 -11.57
CA VAL A 344 -8.26 23.40 -10.45
C VAL A 344 -7.59 24.58 -9.74
N ILE A 345 -8.38 25.60 -9.40
CA ILE A 345 -7.90 26.81 -8.75
C ILE A 345 -8.50 26.88 -7.35
N CYS A 346 -7.66 27.08 -6.35
CA CYS A 346 -8.10 27.42 -5.00
C CYS A 346 -8.07 28.93 -4.86
N ALA A 347 -9.18 29.51 -4.40
CA ALA A 347 -9.37 30.95 -4.46
C ALA A 347 -9.89 31.49 -3.13
N THR A 348 -9.60 32.78 -2.91
CA THR A 348 -10.30 33.68 -2.00
C THR A 348 -9.82 33.60 -0.55
N GLN A 349 -9.37 34.74 -0.02
CA GLN A 349 -8.96 34.92 1.37
C GLN A 349 -7.76 34.07 1.75
N MET A 350 -6.98 33.61 0.76
CA MET A 350 -5.82 32.78 1.08
C MET A 350 -4.80 33.53 1.93
N LEU A 351 -4.61 34.82 1.65
CA LEU A 351 -3.71 35.67 2.43
C LEU A 351 -4.41 36.97 2.79
N GLU A 352 -5.65 36.84 3.26
CA GLU A 352 -6.54 38.00 3.40
C GLU A 352 -5.94 39.09 4.27
N SER A 353 -5.27 38.71 5.37
CA SER A 353 -4.72 39.71 6.27
C SER A 353 -3.65 40.56 5.61
N MET A 354 -3.03 40.06 4.53
CA MET A 354 -2.00 40.84 3.88
C MET A 354 -2.55 42.02 3.10
N ILE A 355 -3.87 42.21 3.11
CA ILE A 355 -4.44 43.44 2.58
C ILE A 355 -3.93 44.63 3.38
N LYS A 356 -3.78 44.45 4.70
CA LYS A 356 -3.32 45.52 5.59
C LYS A 356 -1.96 45.28 6.23
N LYS A 357 -1.47 44.04 6.26
CA LYS A 357 -0.23 43.74 6.94
C LYS A 357 0.79 43.19 5.95
N PRO A 358 2.08 43.46 6.16
CA PRO A 358 3.10 42.95 5.23
C PRO A 358 3.42 41.47 5.42
N ARG A 359 2.98 40.85 6.51
CA ARG A 359 3.18 39.45 6.77
C ARG A 359 1.84 38.74 6.95
N PRO A 360 1.71 37.50 6.48
CA PRO A 360 0.45 36.77 6.65
C PRO A 360 0.36 36.17 8.06
N THR A 361 -0.85 35.72 8.39
CA THR A 361 -1.08 34.96 9.62
C THR A 361 -0.65 33.50 9.43
N ARG A 362 -0.49 32.82 10.55
CA ARG A 362 -0.08 31.41 10.51
C ARG A 362 -1.13 30.56 9.81
N ALA A 363 -2.41 30.90 9.96
CA ALA A 363 -3.45 30.16 9.27
C ALA A 363 -3.38 30.37 7.76
N GLU A 364 -3.05 31.59 7.35
CA GLU A 364 -2.96 31.89 5.92
C GLU A 364 -1.78 31.18 5.28
N GLY A 365 -0.63 31.16 5.97
CA GLY A 365 0.48 30.36 5.48
C GLY A 365 0.11 28.90 5.36
N SER A 366 -0.61 28.38 6.34
CA SER A 366 -1.04 26.99 6.31
C SER A 366 -2.05 26.74 5.19
N ASP A 367 -2.93 27.71 4.94
CA ASP A 367 -3.94 27.53 3.90
C ASP A 367 -3.31 27.39 2.52
N VAL A 368 -2.35 28.27 2.21
CA VAL A 368 -1.67 28.19 0.91
C VAL A 368 -0.93 26.87 0.77
N ALA A 369 -0.15 26.51 1.80
CA ALA A 369 0.61 25.26 1.74
C ALA A 369 -0.31 24.07 1.55
N ASN A 370 -1.40 24.00 2.32
CA ASN A 370 -2.29 22.85 2.23
C ASN A 370 -3.05 22.81 0.91
N ALA A 371 -3.36 23.97 0.32
CA ALA A 371 -3.94 23.95 -1.01
C ALA A 371 -3.01 23.30 -2.02
N VAL A 372 -1.72 23.57 -1.93
CA VAL A 372 -0.74 22.94 -2.81
C VAL A 372 -0.66 21.44 -2.53
N LEU A 373 -0.60 21.06 -1.25
CA LEU A 373 -0.57 19.65 -0.90
C LEU A 373 -1.85 18.95 -1.33
N ASP A 374 -2.99 19.65 -1.30
CA ASP A 374 -4.23 19.07 -1.81
C ASP A 374 -4.08 18.69 -3.28
N GLY A 375 -3.35 19.49 -4.06
CA GLY A 375 -3.14 19.23 -5.47
C GLY A 375 -3.63 20.32 -6.42
N ALA A 376 -3.86 21.53 -5.90
CA ALA A 376 -4.36 22.63 -6.71
C ALA A 376 -3.32 23.07 -7.74
N ASP A 377 -3.77 23.27 -8.99
CA ASP A 377 -2.83 23.72 -10.03
C ASP A 377 -2.45 25.17 -9.84
N CYS A 378 -3.40 26.00 -9.37
CA CYS A 378 -3.16 27.41 -9.16
C CYS A 378 -3.71 27.85 -7.81
N ILE A 379 -3.11 28.91 -7.27
CA ILE A 379 -3.64 29.59 -6.09
C ILE A 379 -3.91 31.03 -6.50
N MET A 380 -4.90 31.65 -5.84
CA MET A 380 -5.38 32.94 -6.28
C MET A 380 -5.25 33.97 -5.18
N LEU A 381 -5.11 35.22 -5.60
CA LEU A 381 -5.15 36.38 -4.73
C LEU A 381 -6.22 37.34 -5.24
N SER A 382 -7.03 37.88 -4.33
CA SER A 382 -8.12 38.77 -4.72
C SER A 382 -7.86 40.13 -4.14
N GLY A 383 -8.49 40.50 -3.01
CA GLY A 383 -8.26 41.80 -2.41
C GLY A 383 -6.80 42.05 -2.07
N GLU A 384 -6.05 40.99 -1.82
CA GLU A 384 -4.62 41.12 -1.50
C GLU A 384 -3.85 41.83 -2.60
N THR A 385 -4.25 41.66 -3.86
CA THR A 385 -3.59 42.35 -4.96
C THR A 385 -4.45 43.41 -5.62
N ALA A 386 -5.78 43.29 -5.56
CA ALA A 386 -6.65 44.27 -6.20
C ALA A 386 -6.65 45.59 -5.44
N LYS A 387 -6.76 45.53 -4.11
CA LYS A 387 -6.94 46.75 -3.33
C LYS A 387 -6.02 46.86 -2.12
N GLY A 388 -5.31 45.82 -1.74
CA GLY A 388 -4.50 45.87 -0.54
C GLY A 388 -3.27 46.76 -0.68
N ASP A 389 -2.58 46.94 0.44
CA ASP A 389 -1.39 47.76 0.52
C ASP A 389 -0.09 47.00 0.24
N TYR A 390 -0.14 45.68 0.15
CA TYR A 390 1.07 44.87 -0.06
C TYR A 390 0.84 43.82 -1.15
N PRO A 391 0.57 44.25 -2.38
CA PRO A 391 0.33 43.26 -3.45
C PRO A 391 1.59 42.50 -3.82
N LEU A 392 2.74 43.18 -3.90
CA LEU A 392 3.98 42.48 -4.23
C LEU A 392 4.30 41.42 -3.18
N GLU A 393 4.17 41.78 -1.90
CA GLU A 393 4.47 40.83 -0.83
C GLU A 393 3.51 39.65 -0.84
N ALA A 394 2.23 39.89 -1.15
CA ALA A 394 1.28 38.79 -1.22
C ALA A 394 1.64 37.82 -2.33
N VAL A 395 2.06 38.33 -3.49
CA VAL A 395 2.49 37.45 -4.57
C VAL A 395 3.75 36.70 -4.18
N ARG A 396 4.71 37.40 -3.56
CA ARG A 396 5.96 36.76 -3.14
C ARG A 396 5.72 35.70 -2.09
N MET A 397 4.78 35.95 -1.17
CA MET A 397 4.49 34.97 -0.12
C MET A 397 3.94 33.69 -0.72
N GLN A 398 2.99 33.81 -1.64
CA GLN A 398 2.44 32.63 -2.31
C GLN A 398 3.52 31.86 -3.04
N HIS A 399 4.43 32.59 -3.70
CA HIS A 399 5.55 31.96 -4.39
C HIS A 399 6.42 31.14 -3.42
N LEU A 400 6.75 31.73 -2.26
CA LEU A 400 7.61 31.05 -1.31
C LEU A 400 6.94 29.81 -0.72
N ILE A 401 5.69 29.95 -0.27
CA ILE A 401 4.99 28.83 0.37
C ILE A 401 4.76 27.71 -0.63
N ALA A 402 4.32 28.05 -1.84
CA ALA A 402 4.05 27.02 -2.84
C ALA A 402 5.29 26.18 -3.09
N ARG A 403 6.46 26.82 -3.19
CA ARG A 403 7.69 26.08 -3.39
C ARG A 403 7.97 25.13 -2.24
N GLU A 404 7.81 25.63 -1.00
CA GLU A 404 8.02 24.77 0.17
C GLU A 404 7.03 23.62 0.17
N ALA A 405 5.77 23.88 -0.13
CA ALA A 405 4.77 22.82 -0.11
C ALA A 405 4.98 21.83 -1.24
N GLU A 406 5.45 22.30 -2.40
CA GLU A 406 5.69 21.40 -3.53
C GLU A 406 6.76 20.37 -3.20
N ALA A 407 7.80 20.78 -2.45
CA ALA A 407 8.82 19.83 -2.03
C ALA A 407 8.30 18.87 -0.97
N ALA A 408 7.26 19.26 -0.22
CA ALA A 408 6.70 18.43 0.84
C ALA A 408 5.64 17.46 0.35
N ILE A 409 5.29 17.50 -0.95
CA ILE A 409 4.37 16.53 -1.50
C ILE A 409 4.97 15.14 -1.43
N TYR A 410 4.16 14.17 -1.02
CA TYR A 410 4.56 12.76 -0.96
C TYR A 410 4.40 12.16 -2.36
N HIS A 411 5.38 12.46 -3.22
CA HIS A 411 5.31 12.05 -4.62
C HIS A 411 5.22 10.55 -4.78
N LEU A 412 5.82 9.80 -3.86
CA LEU A 412 5.79 8.34 -3.94
C LEU A 412 4.35 7.83 -4.01
N GLN A 413 3.50 8.29 -3.09
CA GLN A 413 2.11 7.85 -3.07
C GLN A 413 1.28 8.53 -4.15
N LEU A 414 1.53 9.81 -4.41
CA LEU A 414 0.74 10.54 -5.39
C LEU A 414 0.90 9.95 -6.77
N PHE A 415 2.14 9.78 -7.22
CA PHE A 415 2.39 9.19 -8.53
C PHE A 415 1.84 7.77 -8.60
N GLU A 416 1.94 7.01 -7.51
CA GLU A 416 1.41 5.66 -7.50
C GLU A 416 -0.09 5.66 -7.77
N GLU A 417 -0.84 6.51 -7.06
CA GLU A 417 -2.30 6.51 -7.18
C GLU A 417 -2.77 7.12 -8.50
N LEU A 418 -2.09 8.15 -8.99
CA LEU A 418 -2.49 8.76 -10.25
C LEU A 418 -2.42 7.75 -11.40
N ARG A 419 -1.41 6.89 -11.40
CA ARG A 419 -1.31 5.86 -12.44
C ARG A 419 -2.40 4.81 -12.30
N ARG A 420 -2.62 4.32 -11.07
CA ARG A 420 -3.61 3.27 -10.86
C ARG A 420 -5.00 3.75 -11.23
N LEU A 421 -5.30 5.03 -10.98
CA LEU A 421 -6.58 5.61 -11.35
C LEU A 421 -6.63 6.01 -12.82
N ALA A 422 -5.54 5.85 -13.56
CA ALA A 422 -5.49 6.23 -14.96
C ALA A 422 -5.86 5.07 -15.86
N ALA A 423 -6.57 5.37 -16.94
CA ALA A 423 -7.06 4.34 -17.82
C ALA A 423 -5.97 3.83 -18.75
N ILE A 424 -6.02 2.54 -19.05
CA ILE A 424 -5.13 1.94 -20.05
C ILE A 424 -5.67 2.31 -21.43
N THR A 425 -4.92 3.12 -22.17
CA THR A 425 -5.33 3.58 -23.48
C THR A 425 -4.22 3.28 -24.47
N SER A 426 -4.57 3.21 -25.74
CA SER A 426 -3.59 3.02 -26.80
C SER A 426 -3.05 4.35 -27.31
N ASP A 427 -3.23 5.42 -26.55
CA ASP A 427 -2.76 6.73 -26.96
C ASP A 427 -1.25 6.85 -26.72
N PRO A 428 -0.45 7.03 -27.77
CA PRO A 428 1.01 7.16 -27.55
C PRO A 428 1.39 8.38 -26.73
N THR A 429 0.65 9.49 -26.84
CA THR A 429 1.00 10.68 -26.09
C THR A 429 0.83 10.46 -24.59
N GLU A 430 -0.20 9.71 -24.19
CA GLU A 430 -0.40 9.42 -22.78
C GLU A 430 0.72 8.54 -22.24
N ALA A 431 1.07 7.48 -22.98
CA ALA A 431 2.16 6.60 -22.55
C ALA A 431 3.49 7.34 -22.49
N THR A 432 3.74 8.25 -23.44
CA THR A 432 4.97 9.01 -23.42
C THR A 432 5.03 9.91 -22.18
N ALA A 433 3.90 10.53 -21.83
CA ALA A 433 3.88 11.47 -20.70
C ALA A 433 4.16 10.76 -19.38
N VAL A 434 3.47 9.65 -19.12
CA VAL A 434 3.71 8.97 -17.85
C VAL A 434 5.08 8.32 -17.83
N GLY A 435 5.59 7.89 -18.99
CA GLY A 435 6.95 7.39 -19.04
C GLY A 435 7.96 8.47 -18.75
N ALA A 436 7.72 9.68 -19.25
CA ALA A 436 8.61 10.79 -18.96
C ALA A 436 8.59 11.16 -17.49
N VAL A 437 7.40 11.11 -16.86
CA VAL A 437 7.31 11.44 -15.45
C VAL A 437 8.03 10.39 -14.62
N GLU A 438 7.81 9.11 -14.93
CA GLU A 438 8.52 8.04 -14.23
C GLU A 438 10.03 8.21 -14.38
N ALA A 439 10.50 8.48 -15.60
CA ALA A 439 11.93 8.65 -15.82
C ALA A 439 12.46 9.86 -15.06
N SER A 440 11.66 10.92 -14.95
CA SER A 440 12.11 12.11 -14.23
C SER A 440 12.28 11.84 -12.74
N PHE A 441 11.47 10.94 -12.17
CA PHE A 441 11.67 10.57 -10.78
C PHE A 441 12.92 9.71 -10.62
N LYS A 442 13.18 8.84 -11.59
CA LYS A 442 14.28 7.88 -11.46
C LYS A 442 15.63 8.59 -11.42
N CYS A 443 15.81 9.64 -12.21
CA CYS A 443 17.09 10.33 -12.31
C CYS A 443 17.07 11.71 -11.66
N CYS A 444 16.02 12.03 -10.89
CA CYS A 444 15.88 13.34 -10.26
C CYS A 444 16.11 14.46 -11.27
N SER A 445 15.35 14.41 -12.36
CA SER A 445 15.58 15.28 -13.50
C SER A 445 15.44 16.75 -13.10
N GLY A 446 16.21 17.60 -13.78
CA GLY A 446 16.10 19.02 -13.55
C GLY A 446 14.89 19.66 -14.20
N ALA A 447 14.34 19.03 -15.23
CA ALA A 447 13.18 19.54 -15.94
C ALA A 447 12.70 18.47 -16.91
N ILE A 448 11.45 18.61 -17.33
CA ILE A 448 10.89 17.86 -18.46
C ILE A 448 10.58 18.90 -19.55
N ILE A 449 11.38 18.92 -20.60
CA ILE A 449 11.18 19.85 -21.69
C ILE A 449 10.19 19.25 -22.68
N VAL A 450 9.15 20.00 -23.02
CA VAL A 450 8.09 19.54 -23.90
C VAL A 450 7.93 20.56 -25.02
N LEU A 451 8.13 20.13 -26.26
CA LEU A 451 7.79 20.96 -27.42
C LEU A 451 6.32 20.72 -27.74
N THR A 452 5.53 21.79 -27.76
CA THR A 452 4.10 21.60 -27.96
C THR A 452 3.48 22.80 -28.68
N LYS A 453 2.52 22.51 -29.56
CA LYS A 453 1.81 23.55 -30.29
C LYS A 453 0.51 23.93 -29.57
N SER A 454 -0.26 22.94 -29.14
CA SER A 454 -1.52 23.19 -28.47
C SER A 454 -1.43 23.14 -26.95
N GLY A 455 -0.35 22.61 -26.39
CA GLY A 455 -0.24 22.42 -24.97
C GLY A 455 -0.61 21.02 -24.52
N ARG A 456 -1.28 20.24 -25.38
CA ARG A 456 -1.83 18.96 -24.96
C ARG A 456 -0.77 18.04 -24.37
N SER A 457 0.37 17.90 -25.06
CA SER A 457 1.43 17.05 -24.55
C SER A 457 1.92 17.53 -23.18
N ALA A 458 2.06 18.84 -22.99
CA ALA A 458 2.52 19.34 -21.71
C ALA A 458 1.45 19.13 -20.62
N HIS A 459 0.18 19.28 -20.97
CA HIS A 459 -0.89 19.03 -20.01
C HIS A 459 -0.90 17.57 -19.56
N GLN A 460 -0.63 16.65 -20.49
CA GLN A 460 -0.65 15.24 -20.13
C GLN A 460 0.47 14.90 -19.16
N VAL A 461 1.60 15.59 -19.25
CA VAL A 461 2.68 15.36 -18.29
C VAL A 461 2.32 15.92 -16.92
N ALA A 462 1.76 17.13 -16.89
CA ALA A 462 1.45 17.78 -15.61
C ALA A 462 0.44 16.98 -14.81
N ARG A 463 -0.46 16.27 -15.48
CA ARG A 463 -1.47 15.51 -14.76
C ARG A 463 -0.87 14.38 -13.93
N TYR A 464 0.34 13.93 -14.26
CA TYR A 464 1.00 12.89 -13.46
C TYR A 464 1.88 13.48 -12.38
N ARG A 465 1.91 14.81 -12.25
CA ARG A 465 2.47 15.54 -11.13
C ARG A 465 3.94 15.20 -10.87
N PRO A 466 4.84 15.46 -11.81
CA PRO A 466 6.26 15.24 -11.54
C PRO A 466 6.79 16.28 -10.57
N ARG A 467 7.90 15.93 -9.92
CA ARG A 467 8.59 16.89 -9.08
C ARG A 467 9.25 17.97 -9.91
N ALA A 468 9.88 17.58 -11.02
CA ALA A 468 10.62 18.50 -11.86
C ALA A 468 9.69 19.47 -12.59
N PRO A 469 10.16 20.68 -12.89
CA PRO A 469 9.35 21.61 -13.67
C PRO A 469 9.22 21.16 -15.11
N ILE A 470 8.08 21.52 -15.72
CA ILE A 470 7.77 21.15 -17.09
C ILE A 470 7.93 22.39 -17.96
N ILE A 471 9.01 22.44 -18.74
CA ILE A 471 9.29 23.57 -19.61
C ILE A 471 8.60 23.30 -20.95
N ALA A 472 7.43 23.91 -21.15
CA ALA A 472 6.69 23.78 -22.40
C ALA A 472 7.14 24.87 -23.37
N VAL A 473 7.69 24.45 -24.51
CA VAL A 473 8.13 25.36 -25.56
C VAL A 473 7.07 25.40 -26.63
N THR A 474 6.61 26.60 -26.97
CA THR A 474 5.59 26.77 -27.98
C THR A 474 5.87 28.05 -28.77
N ARG A 475 5.44 28.05 -30.03
CA ARG A 475 5.37 29.27 -30.81
C ARG A 475 3.98 29.89 -30.79
N ASN A 476 3.00 29.22 -30.18
CA ASN A 476 1.63 29.72 -30.11
C ASN A 476 1.47 30.57 -28.85
N PRO A 477 1.27 31.88 -28.97
CA PRO A 477 1.22 32.70 -27.75
C PRO A 477 0.06 32.35 -26.82
N GLN A 478 -1.11 32.02 -27.37
CA GLN A 478 -2.23 31.63 -26.53
C GLN A 478 -1.93 30.34 -25.77
N THR A 479 -1.31 29.36 -26.43
CA THR A 479 -0.89 28.15 -25.74
C THR A 479 0.05 28.47 -24.58
N ALA A 480 0.97 29.41 -24.78
CA ALA A 480 1.87 29.79 -23.71
C ALA A 480 1.11 30.39 -22.53
N ARG A 481 0.14 31.28 -22.81
CA ARG A 481 -0.57 31.96 -21.74
C ARG A 481 -1.49 31.00 -20.98
N GLN A 482 -2.22 30.15 -21.70
CA GLN A 482 -3.14 29.22 -21.05
C GLN A 482 -2.42 28.10 -20.31
N ALA A 483 -1.15 27.84 -20.62
CA ALA A 483 -0.43 26.76 -19.96
C ALA A 483 -0.30 26.98 -18.46
N HIS A 484 -0.41 28.24 -18.01
CA HIS A 484 -0.27 28.54 -16.59
C HIS A 484 -1.33 27.85 -15.73
N LEU A 485 -2.42 27.37 -16.35
CA LEU A 485 -3.49 26.73 -15.61
C LEU A 485 -3.08 25.39 -15.02
N TYR A 486 -1.98 24.81 -15.48
CA TYR A 486 -1.60 23.45 -15.09
C TYR A 486 -0.40 23.51 -14.17
N ARG A 487 -0.46 22.75 -13.08
CA ARG A 487 0.65 22.67 -12.14
C ARG A 487 1.94 22.26 -12.85
N GLY A 488 2.99 23.06 -12.65
CA GLY A 488 4.32 22.69 -13.08
C GLY A 488 4.73 23.12 -14.47
N ILE A 489 3.79 23.59 -15.30
CA ILE A 489 4.14 24.00 -16.67
C ILE A 489 4.73 25.40 -16.61
N PHE A 490 6.00 25.52 -16.96
CA PHE A 490 6.70 26.79 -17.12
C PHE A 490 6.77 27.12 -18.61
N PRO A 491 5.82 27.89 -19.13
CA PRO A 491 5.76 28.12 -20.57
C PRO A 491 6.76 29.16 -21.04
N VAL A 492 7.39 28.89 -22.18
CA VAL A 492 8.30 29.84 -22.83
C VAL A 492 7.88 29.97 -24.29
N LEU A 493 7.74 31.22 -24.75
CA LEU A 493 7.24 31.51 -26.08
C LEU A 493 8.43 31.65 -27.04
N CYS A 494 8.63 30.66 -27.90
CA CYS A 494 9.69 30.75 -28.89
C CYS A 494 9.21 31.61 -30.05
N LYS A 495 10.04 32.56 -30.45
CA LYS A 495 9.71 33.50 -31.52
C LYS A 495 10.66 33.42 -32.71
N ASP A 496 11.61 32.49 -32.70
CA ASP A 496 12.50 32.33 -33.83
C ASP A 496 11.73 31.79 -35.03
N PRO A 497 12.14 32.14 -36.25
CA PRO A 497 11.47 31.60 -37.43
C PRO A 497 11.69 30.11 -37.54
N VAL A 498 10.70 29.43 -38.13
CA VAL A 498 10.77 27.99 -38.33
C VAL A 498 11.90 27.65 -39.30
N GLN A 499 12.81 26.78 -38.87
CA GLN A 499 13.89 26.32 -39.74
C GLN A 499 13.39 25.28 -40.73
N GLU A 500 13.91 25.35 -41.96
CA GLU A 500 13.50 24.42 -43.00
C GLU A 500 13.88 22.98 -42.66
N ALA A 501 15.00 22.79 -41.97
CA ALA A 501 15.38 21.47 -41.50
C ALA A 501 14.62 21.18 -40.21
N TRP A 502 13.81 20.13 -40.23
CA TRP A 502 12.98 19.80 -39.07
C TRP A 502 13.79 19.63 -37.81
N ALA A 503 14.84 18.81 -37.88
CA ALA A 503 15.65 18.50 -36.70
C ALA A 503 16.26 19.74 -36.12
N GLU A 504 16.68 20.67 -36.97
CA GLU A 504 17.26 21.91 -36.46
C GLU A 504 16.20 22.79 -35.80
N ASP A 505 14.95 22.71 -36.26
CA ASP A 505 13.89 23.45 -35.58
C ASP A 505 13.61 22.87 -34.19
N VAL A 506 13.62 21.55 -34.07
CA VAL A 506 13.49 20.91 -32.76
C VAL A 506 14.65 21.32 -31.86
N ASP A 507 15.89 21.15 -32.35
CA ASP A 507 17.06 21.49 -31.57
C ASP A 507 17.05 22.96 -31.15
N LEU A 508 16.68 23.85 -32.08
CA LEU A 508 16.58 25.27 -31.74
C LEU A 508 15.62 25.49 -30.57
N ARG A 509 14.47 24.83 -30.58
CA ARG A 509 13.49 25.02 -29.51
C ARG A 509 13.90 24.33 -28.22
N VAL A 510 14.60 23.20 -28.31
CA VAL A 510 15.08 22.52 -27.11
C VAL A 510 16.18 23.36 -26.45
N ASN A 511 17.14 23.84 -27.25
CA ASN A 511 18.20 24.68 -26.70
C ASN A 511 17.66 25.97 -26.11
N PHE A 512 16.54 26.47 -26.65
CA PHE A 512 15.88 27.61 -26.02
C PHE A 512 15.44 27.26 -24.60
N ALA A 513 14.81 26.09 -24.43
CA ALA A 513 14.45 25.62 -23.10
C ALA A 513 15.69 25.41 -22.24
N MET A 514 16.76 24.88 -22.85
CA MET A 514 18.03 24.74 -22.15
C MET A 514 18.49 26.07 -21.56
N ASN A 515 18.53 27.11 -22.40
CA ASN A 515 19.03 28.41 -21.96
C ASN A 515 18.09 29.04 -20.93
N VAL A 516 16.78 28.89 -21.10
CA VAL A 516 15.84 29.43 -20.12
C VAL A 516 16.05 28.74 -18.77
N GLY A 517 16.15 27.41 -18.77
CA GLY A 517 16.36 26.69 -17.52
C GLY A 517 17.66 27.06 -16.83
N LYS A 518 18.74 27.19 -17.60
CA LYS A 518 20.03 27.59 -17.01
C LYS A 518 19.95 28.98 -16.41
N ALA A 519 19.35 29.93 -17.13
CA ALA A 519 19.29 31.30 -16.64
C ALA A 519 18.44 31.41 -15.38
N ARG A 520 17.33 30.66 -15.32
CA ARG A 520 16.48 30.68 -14.14
C ARG A 520 17.03 29.85 -12.98
N GLY A 521 18.12 29.12 -13.20
CA GLY A 521 18.65 28.27 -12.15
C GLY A 521 17.86 27.00 -11.89
N PHE A 522 17.10 26.51 -12.88
CA PHE A 522 16.42 25.24 -12.70
C PHE A 522 17.40 24.08 -12.77
N PHE A 523 18.45 24.23 -13.58
CA PHE A 523 19.47 23.20 -13.74
C PHE A 523 20.72 23.89 -14.26
N LYS A 524 21.80 23.13 -14.34
CA LYS A 524 23.07 23.64 -14.84
C LYS A 524 23.64 22.64 -15.84
N LYS A 525 24.71 23.05 -16.53
CA LYS A 525 25.39 22.17 -17.45
C LYS A 525 25.81 20.88 -16.76
N GLY A 526 25.53 19.76 -17.40
CA GLY A 526 25.84 18.46 -16.86
C GLY A 526 24.70 17.80 -16.11
N ASP A 527 23.69 18.56 -15.72
CA ASP A 527 22.50 17.96 -15.14
C ASP A 527 21.76 17.18 -16.22
N VAL A 528 20.70 16.48 -15.80
CA VAL A 528 19.95 15.60 -16.69
C VAL A 528 18.52 16.09 -16.77
N VAL A 529 18.00 16.20 -17.99
CA VAL A 529 16.64 16.64 -18.24
C VAL A 529 15.98 15.69 -19.23
N ILE A 530 14.65 15.68 -19.20
CA ILE A 530 13.83 14.89 -20.11
C ILE A 530 13.29 15.81 -21.21
N VAL A 531 13.37 15.37 -22.46
CA VAL A 531 12.93 16.16 -23.61
C VAL A 531 11.87 15.37 -24.37
N LEU A 532 10.71 15.97 -24.58
CA LEU A 532 9.59 15.35 -25.29
C LEU A 532 9.36 16.08 -26.60
N THR A 533 9.44 15.32 -27.70
CA THR A 533 9.28 15.85 -29.06
C THR A 533 8.53 14.81 -29.89
N GLY A 534 8.41 15.07 -31.20
CA GLY A 534 7.88 14.11 -32.14
C GLY A 534 9.04 13.45 -32.90
N TRP A 535 8.70 12.42 -33.69
CA TRP A 535 9.72 11.66 -34.41
C TRP A 535 9.77 11.86 -35.92
N ARG A 536 8.72 12.37 -36.54
CA ARG A 536 8.76 12.56 -37.99
C ARG A 536 8.30 13.97 -38.33
N PRO A 537 8.77 14.55 -39.45
CA PRO A 537 8.33 15.92 -39.75
C PRO A 537 6.84 16.05 -40.01
N GLY A 540 3.18 14.19 -36.10
CA GLY A 540 2.27 15.22 -35.63
C GLY A 540 1.79 15.01 -34.21
N PHE A 541 2.41 14.07 -33.50
CA PHE A 541 2.06 13.78 -32.11
C PHE A 541 3.34 13.56 -31.32
N THR A 542 3.35 14.01 -30.06
CA THR A 542 4.53 13.93 -29.21
C THR A 542 4.68 12.50 -28.69
N ASN A 543 5.72 11.80 -29.15
CA ASN A 543 5.87 10.38 -28.82
C ASN A 543 7.32 9.98 -28.57
N THR A 544 8.24 10.93 -28.42
CA THR A 544 9.66 10.65 -28.32
C THR A 544 10.19 11.27 -27.05
N MET A 545 10.80 10.46 -26.19
CA MET A 545 11.39 10.91 -24.94
C MET A 545 12.90 10.67 -24.96
N ARG A 546 13.66 11.73 -24.71
CA ARG A 546 15.12 11.66 -24.69
C ARG A 546 15.63 12.11 -23.33
N VAL A 547 16.54 11.33 -22.75
CA VAL A 547 17.19 11.67 -21.49
C VAL A 547 18.58 12.19 -21.85
N VAL A 548 18.74 13.51 -21.81
CA VAL A 548 19.95 14.16 -22.30
C VAL A 548 20.63 14.99 -21.22
N PRO A 549 21.96 15.11 -21.25
CA PRO A 549 22.62 16.05 -20.34
C PRO A 549 22.50 17.47 -20.87
N VAL A 550 22.36 18.41 -19.95
CA VAL A 550 22.22 19.83 -20.33
C VAL A 550 23.54 20.33 -20.91
N PRO A 551 23.54 20.92 -22.11
CA PRO A 551 24.76 21.43 -22.74
C PRO A 551 25.26 22.71 -22.08
N ILE B 33 -22.85 4.84 4.66
CA ILE B 33 -22.20 5.42 3.49
C ILE B 33 -22.53 6.90 3.34
N GLN B 34 -23.71 7.29 3.82
CA GLN B 34 -24.17 8.67 3.75
C GLN B 34 -23.87 9.46 5.01
N THR B 35 -23.19 8.86 5.98
CA THR B 35 -22.87 9.55 7.23
C THR B 35 -21.40 9.35 7.57
N GLN B 36 -20.85 10.31 8.32
CA GLN B 36 -19.46 10.28 8.80
C GLN B 36 -18.44 10.11 7.69
N GLN B 37 -18.77 10.58 6.48
CA GLN B 37 -17.91 10.43 5.31
C GLN B 37 -17.49 8.97 5.11
N LEU B 38 -18.44 8.06 5.33
CA LEU B 38 -18.10 6.64 5.32
C LEU B 38 -17.79 6.14 3.91
N HIS B 39 -18.38 6.75 2.88
CA HIS B 39 -18.00 6.41 1.52
C HIS B 39 -16.54 6.73 1.28
N ALA B 40 -16.09 7.92 1.70
CA ALA B 40 -14.68 8.27 1.59
C ALA B 40 -13.80 7.36 2.43
N ALA B 41 -14.34 6.81 3.52
CA ALA B 41 -13.56 5.97 4.42
C ALA B 41 -13.19 4.64 3.77
N MET B 42 -13.94 4.20 2.76
CA MET B 42 -13.73 2.90 2.13
C MET B 42 -12.91 2.99 0.85
N ALA B 43 -12.44 4.17 0.47
CA ALA B 43 -11.66 4.31 -0.76
C ALA B 43 -10.36 3.53 -0.68
N ASP B 44 -9.96 2.94 -1.81
CA ASP B 44 -8.71 2.20 -1.88
C ASP B 44 -7.49 3.11 -1.98
N THR B 45 -7.68 4.39 -2.33
CA THR B 45 -6.58 5.34 -2.44
C THR B 45 -6.95 6.61 -1.68
N PHE B 46 -5.92 7.35 -1.25
CA PHE B 46 -6.17 8.66 -0.64
C PHE B 46 -6.74 9.65 -1.66
N LEU B 47 -6.34 9.53 -2.92
CA LEU B 47 -6.92 10.38 -3.95
C LEU B 47 -8.42 10.15 -4.07
N GLU B 48 -8.83 8.88 -4.17
CA GLU B 48 -10.26 8.59 -4.20
C GLU B 48 -10.94 9.00 -2.90
N HIS B 49 -10.23 8.90 -1.77
CA HIS B 49 -10.79 9.37 -0.51
C HIS B 49 -11.12 10.84 -0.57
N MET B 50 -10.24 11.65 -1.15
CA MET B 50 -10.54 13.06 -1.36
C MET B 50 -11.76 13.23 -2.27
N CYS B 51 -11.79 12.50 -3.38
CA CYS B 51 -12.88 12.65 -4.34
C CYS B 51 -14.24 12.33 -3.75
N ARG B 52 -14.29 11.53 -2.68
CA ARG B 52 -15.54 11.06 -2.11
C ARG B 52 -16.04 11.90 -0.92
N LEU B 53 -15.29 12.91 -0.51
CA LEU B 53 -15.72 13.77 0.58
C LEU B 53 -16.99 14.52 0.19
N ASP B 54 -17.98 14.52 1.08
CA ASP B 54 -19.34 14.94 0.77
C ASP B 54 -19.81 15.95 1.80
N ILE B 55 -20.07 17.17 1.35
CA ILE B 55 -20.58 18.21 2.25
C ILE B 55 -21.96 17.87 2.77
N ASP B 56 -22.66 16.94 2.13
CA ASP B 56 -23.96 16.48 2.58
C ASP B 56 -23.89 15.22 3.42
N SER B 57 -22.68 14.83 3.85
CA SER B 57 -22.49 13.71 4.75
C SER B 57 -22.32 14.26 6.15
N PRO B 58 -23.34 14.20 7.01
CA PRO B 58 -23.24 14.84 8.33
C PRO B 58 -22.30 14.06 9.23
N PRO B 59 -21.51 14.73 10.06
CA PRO B 59 -20.63 14.03 10.98
C PRO B 59 -21.42 13.45 12.16
N ILE B 60 -20.74 12.61 12.95
CA ILE B 60 -21.34 12.10 14.18
C ILE B 60 -21.45 13.27 15.15
N THR B 61 -22.20 13.05 16.23
CA THR B 61 -22.35 14.09 17.24
C THR B 61 -21.04 14.31 17.98
N ALA B 62 -20.32 13.24 18.31
CA ALA B 62 -19.13 13.35 19.12
C ALA B 62 -18.05 14.15 18.40
N ARG B 63 -17.30 14.92 19.17
CA ARG B 63 -16.20 15.73 18.66
C ARG B 63 -14.95 15.35 19.43
N ASN B 64 -13.92 14.91 18.71
CA ASN B 64 -12.78 14.25 19.33
C ASN B 64 -11.63 15.21 19.67
N THR B 65 -11.44 16.28 18.90
CA THR B 65 -10.31 17.18 19.10
C THR B 65 -10.57 18.11 20.29
N GLY B 66 -9.63 18.11 21.24
CA GLY B 66 -9.75 19.00 22.39
C GLY B 66 -9.60 20.46 22.00
N ILE B 67 -10.30 21.32 22.73
CA ILE B 67 -10.30 22.75 22.48
C ILE B 67 -9.73 23.46 23.70
N ILE B 68 -8.65 24.21 23.50
CA ILE B 68 -7.97 24.97 24.55
C ILE B 68 -8.22 26.44 24.29
N CYS B 69 -8.63 27.17 25.34
CA CYS B 69 -8.96 28.58 25.22
C CYS B 69 -8.14 29.38 26.20
N THR B 70 -7.45 30.40 25.70
CA THR B 70 -6.73 31.34 26.53
C THR B 70 -7.72 32.27 27.21
N ILE B 71 -7.65 32.38 28.52
CA ILE B 71 -8.58 33.21 29.29
C ILE B 71 -7.99 34.60 29.45
N GLY B 72 -8.85 35.60 29.31
CA GLY B 72 -8.44 36.98 29.45
C GLY B 72 -9.61 37.89 29.76
N PRO B 73 -9.43 39.20 29.57
CA PRO B 73 -10.52 40.16 29.86
C PRO B 73 -11.83 39.81 29.19
N ALA B 74 -11.78 39.24 27.99
CA ALA B 74 -13.00 38.90 27.25
C ALA B 74 -13.69 37.64 27.76
N SER B 75 -13.04 36.88 28.64
CA SER B 75 -13.57 35.56 29.01
C SER B 75 -13.41 35.23 30.49
N ARG B 76 -12.95 36.17 31.33
CA ARG B 76 -12.71 35.87 32.74
C ARG B 76 -13.99 35.69 33.53
N SER B 77 -15.08 36.33 33.11
CA SER B 77 -16.31 36.30 33.90
C SER B 77 -16.85 34.87 34.02
N VAL B 78 -17.51 34.61 35.15
CA VAL B 78 -18.09 33.29 35.38
C VAL B 78 -19.19 33.02 34.36
N GLU B 79 -20.02 34.02 34.06
CA GLU B 79 -21.09 33.84 33.09
C GLU B 79 -20.54 33.50 31.71
N THR B 80 -19.51 34.22 31.27
CA THR B 80 -18.89 33.91 29.98
C THR B 80 -18.25 32.53 30.01
N LEU B 81 -17.48 32.24 31.07
CA LEU B 81 -16.84 30.94 31.18
C LEU B 81 -17.85 29.81 31.16
N LYS B 82 -19.03 30.03 31.75
CA LYS B 82 -20.10 29.04 31.68
C LYS B 82 -20.48 28.75 30.23
N GLU B 83 -20.68 29.80 29.45
CA GLU B 83 -21.01 29.63 28.03
C GLU B 83 -19.84 29.05 27.25
N MET B 84 -18.60 29.34 27.66
CA MET B 84 -17.46 28.76 26.96
C MET B 84 -17.42 27.25 27.15
N ILE B 85 -17.77 26.76 28.33
CA ILE B 85 -17.82 25.33 28.57
C ILE B 85 -18.89 24.68 27.70
N LYS B 86 -20.08 25.28 27.67
CA LYS B 86 -21.16 24.73 26.84
C LYS B 86 -20.82 24.79 25.35
N SER B 87 -20.04 25.79 24.95
CA SER B 87 -19.67 25.90 23.55
C SER B 87 -18.55 24.94 23.15
N GLY B 88 -17.86 24.34 24.11
CA GLY B 88 -16.90 23.31 23.78
C GLY B 88 -15.54 23.38 24.45
N MET B 89 -15.31 24.39 25.28
CA MET B 89 -14.00 24.53 25.92
C MET B 89 -13.72 23.35 26.83
N ASN B 90 -12.52 22.78 26.70
CA ASN B 90 -12.05 21.71 27.57
C ASN B 90 -10.90 22.12 28.47
N VAL B 91 -10.08 23.07 28.04
CA VAL B 91 -8.88 23.49 28.77
C VAL B 91 -8.87 25.01 28.85
N ALA B 92 -8.63 25.55 30.03
CA ALA B 92 -8.44 26.97 30.23
C ALA B 92 -6.95 27.25 30.34
N ARG B 93 -6.42 28.04 29.40
CA ARG B 93 -5.00 28.36 29.36
C ARG B 93 -4.78 29.74 29.97
N LEU B 94 -3.90 29.80 30.96
CA LEU B 94 -3.57 31.03 31.65
C LEU B 94 -2.14 31.41 31.29
N ASN B 95 -1.97 32.54 30.61
CA ASN B 95 -0.66 33.00 30.17
C ASN B 95 -0.03 33.81 31.29
N PHE B 96 1.03 33.28 31.88
CA PHE B 96 1.74 33.97 32.96
C PHE B 96 2.82 34.92 32.44
N SER B 97 2.81 35.20 31.13
CA SER B 97 3.61 36.31 30.63
C SER B 97 3.11 37.64 31.13
N HIS B 98 1.85 37.70 31.59
CA HIS B 98 1.27 38.90 32.18
C HIS B 98 0.45 38.50 33.40
N GLY B 99 0.09 39.49 34.20
CA GLY B 99 -0.79 39.29 35.32
C GLY B 99 -0.09 38.84 36.59
N THR B 100 -0.66 39.21 37.74
CA THR B 100 -0.13 38.82 39.03
C THR B 100 -0.69 37.46 39.46
N HIS B 101 -0.07 36.89 40.49
CA HIS B 101 -0.59 35.66 41.08
C HIS B 101 -1.99 35.89 41.62
N GLU B 102 -2.24 37.08 42.18
CA GLU B 102 -3.58 37.42 42.63
C GLU B 102 -4.57 37.38 41.46
N TYR B 103 -4.19 37.98 40.34
CA TYR B 103 -5.06 38.03 39.16
C TYR B 103 -5.42 36.63 38.67
N HIS B 104 -4.40 35.80 38.43
CA HIS B 104 -4.65 34.45 37.92
C HIS B 104 -5.41 33.58 38.91
N ALA B 105 -5.20 33.79 40.22
CA ALA B 105 -5.96 33.03 41.20
C ALA B 105 -7.46 33.28 41.06
N GLU B 106 -7.85 34.54 40.84
CA GLU B 106 -9.26 34.86 40.64
C GLU B 106 -9.79 34.26 39.34
N THR B 107 -8.95 34.17 38.31
CA THR B 107 -9.36 33.51 37.07
C THR B 107 -9.65 32.04 37.33
N ILE B 108 -8.76 31.37 38.07
CA ILE B 108 -8.95 29.96 38.38
C ILE B 108 -10.22 29.75 39.20
N LYS B 109 -10.46 30.64 40.18
CA LYS B 109 -11.69 30.56 40.96
C LYS B 109 -12.92 30.63 40.06
N ASN B 110 -12.91 31.55 39.09
CA ASN B 110 -14.06 31.67 38.19
C ASN B 110 -14.18 30.45 37.29
N VAL B 111 -13.06 29.92 36.80
CA VAL B 111 -13.10 28.72 35.96
C VAL B 111 -13.74 27.56 36.73
N ARG B 112 -13.31 27.36 37.97
CA ARG B 112 -13.88 26.28 38.76
C ARG B 112 -15.31 26.58 39.19
N THR B 113 -15.63 27.86 39.43
CA THR B 113 -17.01 28.21 39.71
C THR B 113 -17.90 27.92 38.52
N ALA B 114 -17.47 28.29 37.31
CA ALA B 114 -18.23 28.00 36.11
C ALA B 114 -18.31 26.50 35.85
N THR B 115 -17.19 25.79 36.01
CA THR B 115 -17.18 24.35 35.76
C THR B 115 -18.10 23.61 36.73
N GLU B 116 -18.00 23.92 38.02
CA GLU B 116 -18.77 23.18 39.01
C GLU B 116 -20.24 23.55 39.01
N SER B 117 -20.65 24.60 38.30
CA SER B 117 -22.07 24.92 38.26
C SER B 117 -22.86 23.92 37.43
N PHE B 118 -22.19 23.06 36.66
CA PHE B 118 -22.84 21.98 35.93
C PHE B 118 -22.76 20.64 36.66
N ALA B 119 -22.14 20.60 37.83
CA ALA B 119 -21.98 19.35 38.56
C ALA B 119 -23.29 18.82 39.12
N SER B 120 -24.32 19.66 39.17
CA SER B 120 -25.65 19.22 39.62
C SER B 120 -26.25 18.15 38.71
N ASP B 121 -25.67 17.94 37.52
CA ASP B 121 -26.12 16.91 36.59
C ASP B 121 -24.89 16.17 36.10
N PRO B 122 -24.52 15.06 36.76
CA PRO B 122 -23.27 14.37 36.41
C PRO B 122 -23.29 13.72 35.05
N ILE B 123 -24.46 13.58 34.42
CA ILE B 123 -24.51 13.02 33.08
C ILE B 123 -23.95 14.00 32.05
N LEU B 124 -24.20 15.29 32.25
CA LEU B 124 -23.77 16.32 31.31
C LEU B 124 -22.58 17.12 31.81
N TYR B 125 -22.10 16.87 33.02
CA TYR B 125 -20.96 17.62 33.54
C TYR B 125 -19.72 17.39 32.68
N ARG B 126 -18.98 18.46 32.43
CA ARG B 126 -17.78 18.43 31.60
C ARG B 126 -16.57 18.83 32.43
N PRO B 127 -15.62 17.93 32.68
CA PRO B 127 -14.39 18.35 33.35
C PRO B 127 -13.65 19.39 32.51
N VAL B 128 -13.17 20.44 33.17
CA VAL B 128 -12.44 21.51 32.50
C VAL B 128 -11.07 21.61 33.14
N ALA B 129 -10.04 21.43 32.31
CA ALA B 129 -8.66 21.46 32.80
C ALA B 129 -8.16 22.90 32.91
N VAL B 130 -7.22 23.11 33.83
CA VAL B 130 -6.55 24.38 34.02
C VAL B 130 -5.09 24.20 33.63
N ALA B 131 -4.61 25.05 32.72
CA ALA B 131 -3.26 24.95 32.18
C ALA B 131 -2.49 26.23 32.47
N LEU B 132 -1.28 26.08 32.99
CA LEU B 132 -0.41 27.20 33.29
C LEU B 132 0.60 27.37 32.15
N ASP B 133 0.58 28.54 31.52
CA ASP B 133 1.49 28.86 30.43
C ASP B 133 2.56 29.79 30.99
N THR B 134 3.80 29.31 31.01
CA THR B 134 4.90 30.04 31.63
C THR B 134 5.28 31.26 30.80
N LYS B 135 5.90 32.22 31.49
CA LYS B 135 6.54 33.34 30.80
C LYS B 135 7.74 32.85 30.01
N GLY B 136 8.62 32.08 30.65
CA GLY B 136 9.77 31.51 29.98
C GLY B 136 10.86 32.53 29.74
N PRO B 137 11.82 32.17 28.89
CA PRO B 137 12.94 33.09 28.57
C PRO B 137 12.50 34.20 27.63
N GLU B 138 11.62 35.06 28.12
CA GLU B 138 11.01 36.10 27.28
C GLU B 138 11.80 37.39 27.40
N ILE B 139 11.98 38.07 26.26
CA ILE B 139 12.56 39.40 26.21
C ILE B 139 11.45 40.40 25.92
N ARG B 140 11.27 41.35 26.83
CA ARG B 140 10.21 42.35 26.70
C ARG B 140 10.80 43.75 26.75
N THR B 141 10.03 44.71 26.25
CA THR B 141 10.48 46.09 26.20
C THR B 141 10.11 46.83 27.49
N GLY B 142 10.41 48.12 27.52
CA GLY B 142 10.10 48.96 28.66
C GLY B 142 8.74 49.63 28.54
N LEU B 143 8.55 50.68 29.33
CA LEU B 143 7.31 51.43 29.37
C LEU B 143 7.46 52.73 28.60
N ILE B 144 6.37 53.16 27.94
CA ILE B 144 6.41 54.35 27.10
C ILE B 144 6.28 55.59 27.98
N LYS B 145 5.12 55.75 28.63
CA LYS B 145 4.87 56.90 29.49
C LYS B 145 3.52 56.77 30.21
N THR B 149 -1.96 52.83 28.66
CA THR B 149 -2.28 52.65 27.25
C THR B 149 -1.44 53.55 26.35
N ALA B 150 -0.44 54.21 26.92
CA ALA B 150 0.48 55.05 26.14
C ALA B 150 1.19 54.22 25.08
N GLU B 151 1.28 54.76 23.86
CA GLU B 151 2.09 54.02 22.93
C GLU B 151 2.79 55.07 22.06
N VAL B 152 3.72 54.60 21.22
CA VAL B 152 4.35 55.51 20.26
C VAL B 152 4.25 54.88 18.88
N GLU B 153 4.29 55.73 17.86
CA GLU B 153 4.17 55.30 16.47
C GLU B 153 5.57 55.20 15.87
N LEU B 154 6.01 53.96 15.62
CA LEU B 154 7.27 53.76 14.93
C LEU B 154 7.04 53.88 13.43
N LYS B 155 7.93 54.59 12.75
CA LYS B 155 7.77 54.89 11.33
C LYS B 155 8.84 54.18 10.49
N LYS B 156 8.41 53.60 9.38
CA LYS B 156 9.33 52.89 8.50
C LYS B 156 10.42 53.83 8.01
N GLY B 157 11.64 53.31 7.91
CA GLY B 157 12.79 54.11 7.55
C GLY B 157 13.40 54.91 8.69
N ALA B 158 12.64 55.20 9.74
CA ALA B 158 13.17 55.95 10.87
C ALA B 158 14.14 55.09 11.68
N THR B 159 14.75 55.71 12.67
CA THR B 159 15.77 55.07 13.50
C THR B 159 15.28 54.95 14.93
N LEU B 160 15.58 53.81 15.56
CA LEU B 160 15.29 53.56 16.96
C LEU B 160 16.56 53.06 17.64
N LYS B 161 16.86 53.60 18.82
CA LYS B 161 18.04 53.21 19.58
C LYS B 161 17.63 52.26 20.71
N ILE B 162 18.20 51.07 20.72
CA ILE B 162 17.99 50.13 21.82
C ILE B 162 18.96 50.49 22.94
N THR B 163 18.44 50.61 24.16
CA THR B 163 19.26 50.94 25.32
C THR B 163 19.04 49.88 26.40
N LEU B 164 20.12 49.64 27.16
CA LEU B 164 20.05 48.80 28.34
C LEU B 164 20.06 49.59 29.64
N ASP B 165 20.21 50.90 29.56
CA ASP B 165 20.24 51.74 30.75
C ASP B 165 18.86 51.76 31.42
N ASN B 166 18.81 51.35 32.68
CA ASN B 166 17.56 51.28 33.43
C ASN B 166 16.91 52.64 33.63
N ALA B 167 17.61 53.73 33.32
CA ALA B 167 17.01 55.06 33.45
C ALA B 167 15.89 55.27 32.44
N TYR B 168 15.95 54.57 31.30
CA TYR B 168 14.92 54.66 30.28
C TYR B 168 13.95 53.49 30.33
N MET B 169 14.03 52.69 31.39
CA MET B 169 13.14 51.53 31.53
C MET B 169 11.68 51.93 31.54
N GLU B 170 11.37 53.12 32.07
CA GLU B 170 10.03 53.68 32.04
C GLU B 170 9.98 54.98 31.26
N LYS B 171 10.85 55.13 30.25
CA LYS B 171 10.88 56.32 29.42
C LYS B 171 11.07 55.96 27.94
N CYS B 172 10.49 54.85 27.50
CA CYS B 172 10.58 54.45 26.10
C CYS B 172 9.81 55.45 25.23
N ASP B 173 10.44 55.90 24.14
CA ASP B 173 9.84 56.88 23.26
C ASP B 173 10.05 56.44 21.82
N GLU B 174 9.81 57.35 20.88
CA GLU B 174 9.94 57.04 19.46
C GLU B 174 11.39 56.79 19.06
N ASN B 175 12.36 57.25 19.85
CA ASN B 175 13.77 57.16 19.50
C ASN B 175 14.54 56.16 20.35
N ILE B 176 14.24 56.03 21.63
CA ILE B 176 14.96 55.14 22.54
C ILE B 176 14.00 54.08 23.05
N LEU B 177 14.51 52.86 23.24
CA LEU B 177 13.70 51.74 23.68
C LEU B 177 14.54 50.84 24.57
N TRP B 178 14.03 50.57 25.77
CA TRP B 178 14.71 49.72 26.74
C TRP B 178 14.14 48.31 26.73
N LEU B 179 14.98 47.34 27.06
CA LEU B 179 14.59 45.93 27.14
C LEU B 179 15.24 45.30 28.36
N ASP B 180 14.90 44.03 28.62
CA ASP B 180 15.28 43.36 29.86
C ASP B 180 16.35 42.28 29.68
N TYR B 181 16.99 42.21 28.51
CA TYR B 181 17.97 41.16 28.21
C TYR B 181 19.38 41.70 28.44
N LYS B 182 20.15 40.99 29.27
CA LYS B 182 21.44 41.51 29.71
C LYS B 182 22.49 41.41 28.61
N ASN B 183 22.61 40.25 27.97
CA ASN B 183 23.63 40.02 26.94
C ASN B 183 23.02 40.11 25.54
N ILE B 184 22.51 41.29 25.21
CA ILE B 184 21.77 41.52 23.98
C ILE B 184 22.71 41.85 22.83
N CYS B 185 23.42 42.98 22.95
CA CYS B 185 24.29 43.45 21.88
C CYS B 185 25.39 42.45 21.51
N LYS B 186 25.61 41.42 22.33
CA LYS B 186 26.64 40.43 22.05
C LYS B 186 26.15 39.37 21.05
N VAL B 187 24.91 38.90 21.20
CA VAL B 187 24.43 37.78 20.41
C VAL B 187 23.77 38.28 19.13
N VAL B 188 23.88 39.57 18.86
CA VAL B 188 23.34 40.17 17.65
C VAL B 188 24.48 40.78 16.85
N GLU B 189 24.44 40.60 15.53
CA GLU B 189 25.47 41.12 14.64
C GLU B 189 24.94 42.32 13.85
N ILE B 194 15.44 42.23 14.37
CA ILE B 194 14.78 42.37 15.66
C ILE B 194 13.28 42.57 15.46
N TYR B 195 12.47 41.85 16.24
CA TYR B 195 11.02 41.82 16.03
C TYR B 195 10.32 42.16 17.34
N VAL B 196 9.41 43.13 17.29
CA VAL B 196 8.74 43.64 18.49
C VAL B 196 7.23 43.45 18.35
N ASP B 197 6.60 43.10 19.47
CA ASP B 197 5.14 42.94 19.61
C ASP B 197 4.60 41.87 18.65
N ASP B 198 4.93 40.62 18.99
CA ASP B 198 4.50 39.46 18.21
C ASP B 198 4.90 39.60 16.74
N GLY B 199 6.08 40.16 16.51
CA GLY B 199 6.60 40.30 15.17
C GLY B 199 5.91 41.35 14.33
N LEU B 200 4.97 42.11 14.89
CA LEU B 200 4.32 43.17 14.13
C LEU B 200 5.33 44.24 13.71
N ILE B 201 6.26 44.57 14.60
CA ILE B 201 7.28 45.57 14.34
C ILE B 201 8.60 44.84 14.15
N SER B 202 9.27 45.11 13.01
CA SER B 202 10.54 44.50 12.70
C SER B 202 11.60 45.59 12.52
N LEU B 203 12.79 45.36 13.06
CA LEU B 203 13.88 46.31 13.03
C LEU B 203 15.12 45.69 12.40
N GLN B 204 15.97 46.53 11.82
CA GLN B 204 17.25 46.11 11.26
C GLN B 204 18.37 46.91 11.91
N VAL B 205 19.26 46.21 12.62
CA VAL B 205 20.29 46.85 13.43
C VAL B 205 21.34 47.47 12.52
N LYS B 206 21.87 48.62 12.93
CA LYS B 206 23.01 49.24 12.26
C LYS B 206 24.24 49.35 13.16
N GLN B 207 24.14 48.94 14.43
CA GLN B 207 25.29 48.96 15.34
C GLN B 207 25.05 48.02 16.52
N ASP B 211 26.45 48.18 24.74
CA ASP B 211 25.58 48.82 25.74
C ASP B 211 24.40 49.52 25.09
N PHE B 212 24.35 49.45 23.76
CA PHE B 212 23.31 50.13 22.99
C PHE B 212 23.21 49.47 21.62
N LEU B 213 22.34 50.01 20.78
CA LEU B 213 22.14 49.51 19.42
C LEU B 213 21.31 50.51 18.64
N VAL B 214 21.67 50.70 17.37
CA VAL B 214 20.95 51.59 16.47
C VAL B 214 20.33 50.75 15.35
N THR B 215 19.03 50.90 15.15
CA THR B 215 18.28 50.12 14.16
C THR B 215 17.52 51.06 13.23
N GLU B 216 16.95 50.46 12.19
CA GLU B 216 16.06 51.16 11.27
C GLU B 216 14.75 50.40 11.18
N VAL B 217 13.63 51.11 11.29
CA VAL B 217 12.32 50.48 11.34
C VAL B 217 12.01 49.88 9.98
N GLU B 218 11.95 48.55 9.91
CA GLU B 218 11.59 47.88 8.67
C GLU B 218 10.08 47.88 8.44
N ASN B 219 9.30 47.86 9.52
CA ASN B 219 7.84 47.90 9.43
C ASN B 219 7.31 48.75 10.58
N GLY B 220 6.36 49.63 10.25
CA GLY B 220 5.85 50.56 11.22
C GLY B 220 4.63 50.07 11.94
N GLY B 221 4.34 50.72 13.05
CA GLY B 221 3.20 50.34 13.86
C GLY B 221 3.32 50.97 15.24
N SER B 222 2.40 50.56 16.08
CA SER B 222 2.26 51.12 17.41
C SER B 222 3.07 50.33 18.43
N LEU B 223 3.83 51.03 19.26
CA LEU B 223 4.73 50.42 20.24
C LEU B 223 4.22 50.73 21.64
N GLY B 224 3.63 49.73 22.30
CA GLY B 224 3.18 49.86 23.66
C GLY B 224 4.25 49.42 24.65
N SER B 225 3.81 49.21 25.89
CA SER B 225 4.71 48.91 26.98
C SER B 225 4.87 47.39 27.16
N LYS B 226 6.08 47.00 27.57
CA LYS B 226 6.43 45.59 27.79
C LYS B 226 6.00 44.72 26.61
N LYS B 227 6.44 45.11 25.42
CA LYS B 227 6.19 44.32 24.23
C LYS B 227 7.26 43.26 24.08
N GLY B 228 6.96 42.23 23.29
CA GLY B 228 7.86 41.10 23.16
C GLY B 228 8.88 41.33 22.06
N VAL B 229 10.07 40.77 22.27
CA VAL B 229 11.19 40.93 21.34
C VAL B 229 11.72 39.56 20.96
N ASN B 230 12.02 39.40 19.67
CA ASN B 230 12.53 38.15 19.12
C ASN B 230 13.88 38.40 18.47
N LEU B 231 14.84 37.52 18.74
CA LEU B 231 16.15 37.54 18.11
C LEU B 231 16.25 36.22 17.34
N PRO B 232 15.77 36.19 16.10
CA PRO B 232 15.71 34.92 15.37
C PRO B 232 17.09 34.35 15.09
N GLY B 233 17.25 33.06 15.40
CA GLY B 233 18.49 32.35 15.11
C GLY B 233 19.55 32.53 16.17
N ALA B 234 19.67 33.74 16.69
CA ALA B 234 20.71 34.06 17.67
C ALA B 234 20.60 33.16 18.89
N ALA B 235 21.75 32.73 19.41
CA ALA B 235 21.81 31.77 20.51
C ALA B 235 21.60 32.51 21.82
N VAL B 236 20.35 32.53 22.27
CA VAL B 236 19.99 33.22 23.52
C VAL B 236 20.38 32.34 24.70
N ASP B 237 21.06 32.94 25.67
CA ASP B 237 21.55 32.23 26.85
C ASP B 237 20.66 32.42 28.08
N LEU B 238 19.44 32.91 27.89
CA LEU B 238 18.52 33.09 29.01
C LEU B 238 18.23 31.73 29.65
N PRO B 239 17.98 31.70 30.96
CA PRO B 239 17.72 30.42 31.62
C PRO B 239 16.42 29.81 31.15
N ALA B 240 16.38 28.46 31.18
CA ALA B 240 15.14 27.76 30.86
C ALA B 240 14.04 28.15 31.82
N VAL B 241 14.31 28.03 33.13
CA VAL B 241 13.39 28.47 34.17
C VAL B 241 14.03 29.68 34.86
N SER B 242 13.28 30.78 34.89
CA SER B 242 13.70 31.97 35.60
C SER B 242 13.17 31.94 37.05
N GLU B 243 13.64 32.90 37.85
CA GLU B 243 13.12 33.03 39.20
C GLU B 243 11.62 33.27 39.19
N LYS B 244 11.14 34.11 38.26
CA LYS B 244 9.71 34.28 38.09
C LYS B 244 9.03 32.98 37.68
N ASP B 245 9.67 32.21 36.80
CA ASP B 245 9.12 30.91 36.39
C ASP B 245 8.98 29.97 37.57
N ILE B 246 10.03 29.88 38.39
CA ILE B 246 9.95 29.05 39.61
C ILE B 246 8.78 29.51 40.47
N GLN B 247 8.58 30.82 40.57
CA GLN B 247 7.52 31.36 41.41
C GLN B 247 6.14 30.98 40.85
N ASP B 248 5.94 31.17 39.55
CA ASP B 248 4.69 30.79 38.91
C ASP B 248 4.45 29.28 39.00
N LEU B 249 5.48 28.47 38.74
CA LEU B 249 5.31 27.02 38.77
C LEU B 249 4.94 26.54 40.16
N LYS B 250 5.60 27.05 41.20
CA LYS B 250 5.21 26.69 42.57
C LYS B 250 3.78 27.15 42.86
N PHE B 251 3.40 28.32 42.36
CA PHE B 251 2.03 28.79 42.49
C PHE B 251 1.05 27.84 41.82
N GLY B 252 1.42 27.30 40.66
CA GLY B 252 0.55 26.36 39.98
C GLY B 252 0.34 25.07 40.76
N VAL B 253 1.39 24.58 41.42
CA VAL B 253 1.24 23.41 42.28
C VAL B 253 0.30 23.72 43.44
N GLU B 254 0.42 24.92 44.01
CA GLU B 254 -0.47 25.30 45.10
C GLU B 254 -1.91 25.40 44.63
N GLN B 255 -2.13 25.86 43.41
CA GLN B 255 -3.46 25.99 42.85
C GLN B 255 -3.93 24.71 42.16
N ASP B 256 -3.11 23.65 42.14
CA ASP B 256 -3.50 22.35 41.63
C ASP B 256 -3.88 22.41 40.15
N VAL B 257 -3.04 23.05 39.34
CA VAL B 257 -3.26 23.01 37.89
C VAL B 257 -2.91 21.62 37.35
N ASP B 258 -3.48 21.31 36.18
CA ASP B 258 -3.34 19.99 35.61
C ASP B 258 -2.15 19.85 34.67
N MET B 259 -1.67 20.95 34.10
CA MET B 259 -0.63 20.86 33.09
C MET B 259 0.07 22.21 32.99
N VAL B 260 1.30 22.16 32.48
CA VAL B 260 2.14 23.34 32.32
C VAL B 260 2.53 23.44 30.86
N PHE B 261 2.30 24.61 30.27
CA PHE B 261 2.76 24.92 28.91
C PHE B 261 4.06 25.70 29.06
N ALA B 262 5.18 25.01 28.85
CA ALA B 262 6.50 25.59 29.07
C ALA B 262 6.95 26.30 27.81
N SER B 263 7.08 27.63 27.89
CA SER B 263 7.42 28.43 26.73
C SER B 263 8.90 28.33 26.39
N PHE B 264 9.20 28.35 25.08
CA PHE B 264 10.56 28.42 24.56
C PHE B 264 11.43 27.28 25.05
N ILE B 265 10.89 26.06 25.02
CA ILE B 265 11.72 24.89 25.33
C ILE B 265 12.71 24.68 24.18
N ARG B 266 14.00 24.70 24.49
CA ARG B 266 15.03 24.56 23.48
C ARG B 266 15.78 23.23 23.54
N LYS B 267 15.69 22.51 24.65
CA LYS B 267 16.42 21.27 24.83
C LYS B 267 15.72 20.44 25.89
N ALA B 268 16.16 19.19 26.03
CA ALA B 268 15.56 18.31 27.03
C ALA B 268 15.89 18.78 28.44
N SER B 269 17.10 19.33 28.63
CA SER B 269 17.47 19.88 29.93
C SER B 269 16.48 20.93 30.40
N ASP B 270 15.92 21.71 29.47
CA ASP B 270 14.91 22.68 29.84
C ASP B 270 13.68 21.99 30.43
N VAL B 271 13.22 20.93 29.77
CA VAL B 271 12.07 20.19 30.29
C VAL B 271 12.38 19.63 31.66
N HIS B 272 13.59 19.11 31.84
CA HIS B 272 13.97 18.53 33.12
C HIS B 272 14.01 19.57 34.23
N GLU B 273 14.38 20.82 33.90
CA GLU B 273 14.37 21.86 34.92
C GLU B 273 12.93 22.17 35.35
N VAL B 274 12.00 22.19 34.40
CA VAL B 274 10.59 22.40 34.74
C VAL B 274 10.10 21.32 35.68
N ARG B 275 10.43 20.06 35.40
CA ARG B 275 9.97 18.97 36.25
C ARG B 275 10.58 19.06 37.65
N LYS B 276 11.86 19.46 37.74
CA LYS B 276 12.49 19.61 39.04
C LYS B 276 11.75 20.63 39.91
N VAL B 277 11.34 21.75 39.31
CA VAL B 277 10.61 22.77 40.06
C VAL B 277 9.26 22.23 40.52
N LEU B 278 8.55 21.52 39.64
CA LEU B 278 7.28 20.93 40.03
C LEU B 278 7.45 19.90 41.14
N GLY B 279 8.62 19.26 41.21
CA GLY B 279 9.00 18.37 42.28
C GLY B 279 8.07 17.17 42.41
N GLU B 280 8.16 16.51 43.57
CA GLU B 280 7.29 15.37 43.85
C GLU B 280 5.85 15.80 44.01
N LYS B 281 5.61 16.98 44.60
CA LYS B 281 4.25 17.46 44.80
C LYS B 281 3.53 17.64 43.48
N GLY B 282 4.24 18.05 42.43
CA GLY B 282 3.61 18.24 41.14
C GLY B 282 4.05 17.20 40.12
N LYS B 283 4.45 16.02 40.60
CA LYS B 283 4.94 14.98 39.72
C LYS B 283 3.88 14.50 38.73
N ASN B 284 2.60 14.70 39.03
CA ASN B 284 1.52 14.29 38.12
C ASN B 284 1.07 15.40 37.20
N ILE B 285 1.63 16.60 37.34
CA ILE B 285 1.30 17.69 36.43
C ILE B 285 1.95 17.41 35.09
N LYS B 286 1.13 17.37 34.04
CA LYS B 286 1.65 17.11 32.70
C LYS B 286 2.45 18.31 32.21
N ILE B 287 3.63 18.04 31.66
CA ILE B 287 4.50 19.08 31.12
C ILE B 287 4.39 19.08 29.61
N ILE B 288 3.89 20.20 29.06
CA ILE B 288 3.76 20.38 27.61
C ILE B 288 4.85 21.34 27.16
N SER B 289 5.77 20.85 26.34
CA SER B 289 6.84 21.69 25.81
C SER B 289 6.35 22.49 24.61
N LYS B 290 6.53 23.81 24.66
CA LYS B 290 6.16 24.68 23.55
C LYS B 290 7.38 24.85 22.64
N ILE B 291 7.26 24.38 21.40
CA ILE B 291 8.33 24.54 20.43
C ILE B 291 8.10 25.86 19.70
N GLU B 292 8.96 26.84 19.97
CA GLU B 292 8.77 28.20 19.47
C GLU B 292 9.98 28.74 18.72
N ASN B 293 11.05 27.98 18.55
CA ASN B 293 12.27 28.52 17.99
C ASN B 293 13.03 27.44 17.23
N HIS B 294 14.11 27.88 16.58
CA HIS B 294 14.89 27.00 15.71
C HIS B 294 15.49 25.83 16.50
N GLU B 295 16.07 26.14 17.66
CA GLU B 295 16.73 25.09 18.44
C GLU B 295 15.74 24.01 18.86
N GLY B 296 14.53 24.42 19.26
CA GLY B 296 13.53 23.45 19.67
C GLY B 296 13.18 22.46 18.58
N VAL B 297 13.08 22.94 17.33
CA VAL B 297 12.79 22.05 16.21
C VAL B 297 13.95 21.09 15.97
N ARG B 298 15.17 21.62 15.95
CA ARG B 298 16.33 20.77 15.66
C ARG B 298 16.57 19.75 16.76
N ARG B 299 16.17 20.06 18.00
CA ARG B 299 16.32 19.15 19.13
C ARG B 299 14.98 18.55 19.54
N PHE B 300 14.05 18.42 18.59
CA PHE B 300 12.68 18.03 18.94
C PHE B 300 12.63 16.65 19.56
N ASP B 301 13.38 15.69 19.02
CA ASP B 301 13.28 14.31 19.48
C ASP B 301 13.62 14.19 20.96
N GLU B 302 14.70 14.85 21.39
CA GLU B 302 15.06 14.78 22.80
C GLU B 302 14.06 15.53 23.68
N ILE B 303 13.49 16.62 23.17
CA ILE B 303 12.46 17.34 23.92
C ILE B 303 11.22 16.47 24.07
N LEU B 304 10.81 15.81 22.98
CA LEU B 304 9.61 14.97 23.02
C LEU B 304 9.79 13.81 23.98
N GLU B 305 10.99 13.22 24.02
CA GLU B 305 11.22 12.10 24.92
C GLU B 305 11.07 12.53 26.39
N ALA B 306 11.48 13.75 26.71
CA ALA B 306 11.42 14.23 28.08
C ALA B 306 10.06 14.80 28.46
N SER B 307 9.23 15.16 27.49
CA SER B 307 7.99 15.86 27.76
C SER B 307 6.80 14.90 27.81
N ASP B 308 5.70 15.40 28.38
CA ASP B 308 4.44 14.69 28.34
C ASP B 308 3.66 14.99 27.07
N GLY B 309 3.98 16.10 26.41
CA GLY B 309 3.32 16.49 25.18
C GLY B 309 4.06 17.68 24.58
N ILE B 310 3.54 18.15 23.45
CA ILE B 310 4.21 19.17 22.66
C ILE B 310 3.19 20.19 22.19
N MET B 311 3.58 21.46 22.17
CA MET B 311 2.76 22.52 21.58
C MET B 311 3.50 23.14 20.39
N VAL B 312 2.84 23.15 19.24
CA VAL B 312 3.34 23.88 18.08
C VAL B 312 2.94 25.35 18.24
N ALA B 313 3.81 26.13 18.88
CA ALA B 313 3.56 27.54 19.19
C ALA B 313 3.91 28.36 17.95
N ARG B 314 2.93 28.45 17.04
CA ARG B 314 3.20 28.98 15.72
C ARG B 314 3.52 30.47 15.75
N GLY B 315 2.99 31.21 16.72
CA GLY B 315 3.28 32.62 16.88
C GLY B 315 4.76 32.95 16.89
N ASP B 316 5.46 32.49 17.92
CA ASP B 316 6.89 32.76 18.02
C ASP B 316 7.67 31.99 16.97
N LEU B 317 7.24 30.77 16.64
CA LEU B 317 7.93 30.00 15.60
C LEU B 317 7.90 30.72 14.27
N GLY B 318 6.77 31.34 13.93
CA GLY B 318 6.64 32.07 12.67
C GLY B 318 7.50 33.32 12.59
N ILE B 319 8.03 33.79 13.71
CA ILE B 319 9.00 34.88 13.71
C ILE B 319 10.42 34.33 13.72
N GLU B 320 10.65 33.23 14.45
CA GLU B 320 12.00 32.70 14.58
C GLU B 320 12.47 32.04 13.29
N ILE B 321 11.58 31.37 12.57
CA ILE B 321 11.90 30.73 11.30
C ILE B 321 11.07 31.42 10.23
N PRO B 322 11.44 31.29 8.95
CA PRO B 322 10.64 31.89 7.88
C PRO B 322 9.20 31.38 7.94
N ALA B 323 8.26 32.32 7.79
CA ALA B 323 6.85 31.99 7.92
C ALA B 323 6.43 30.90 6.94
N GLU B 324 7.02 30.87 5.75
CA GLU B 324 6.66 29.87 4.75
C GLU B 324 7.09 28.46 5.12
N LYS B 325 7.88 28.31 6.19
CA LYS B 325 8.33 26.99 6.63
C LYS B 325 7.58 26.48 7.85
N VAL B 326 6.70 27.29 8.44
CA VAL B 326 6.06 26.92 9.70
C VAL B 326 5.20 25.67 9.51
N PHE B 327 4.52 25.56 8.36
CA PHE B 327 3.69 24.39 8.08
C PHE B 327 4.53 23.11 8.03
N LEU B 328 5.79 23.21 7.60
CA LEU B 328 6.65 22.04 7.65
C LEU B 328 6.90 21.60 9.08
N ALA B 329 7.25 22.55 9.95
CA ALA B 329 7.49 22.22 11.35
C ALA B 329 6.22 21.74 12.05
N GLN B 330 5.06 22.26 11.66
CA GLN B 330 3.81 21.78 12.26
C GLN B 330 3.58 20.32 11.93
N LYS B 331 3.69 19.96 10.65
CA LYS B 331 3.40 18.60 10.23
C LYS B 331 4.45 17.62 10.72
N MET B 332 5.71 18.05 10.82
CA MET B 332 6.74 17.19 11.40
C MET B 332 6.41 16.85 12.84
N MET B 333 6.10 17.86 13.65
CA MET B 333 5.92 17.66 15.08
C MET B 333 4.66 16.87 15.37
N ILE B 334 3.58 17.13 14.62
CA ILE B 334 2.36 16.36 14.82
C ILE B 334 2.58 14.91 14.43
N GLY B 335 3.28 14.67 13.31
CA GLY B 335 3.56 13.30 12.90
C GLY B 335 4.37 12.56 13.95
N ARG B 336 5.40 13.20 14.49
CA ARG B 336 6.26 12.53 15.46
C ARG B 336 5.52 12.31 16.79
N CYS B 337 4.68 13.26 17.19
CA CYS B 337 3.86 13.07 18.39
C CYS B 337 2.85 11.94 18.18
N ASN B 338 2.21 11.90 17.02
CA ASN B 338 1.38 10.75 16.65
C ASN B 338 2.20 9.46 16.69
N ARG B 339 3.41 9.49 16.14
CA ARG B 339 4.25 8.31 16.13
C ARG B 339 4.68 7.90 17.53
N ALA B 340 4.89 8.88 18.42
CA ALA B 340 5.28 8.59 19.79
C ALA B 340 4.10 8.34 20.72
N GLY B 341 2.88 8.59 20.26
CA GLY B 341 1.72 8.46 21.13
C GLY B 341 1.66 9.50 22.24
N LYS B 342 2.16 10.71 22.00
CA LYS B 342 2.10 11.78 22.98
C LYS B 342 1.29 12.96 22.45
N PRO B 343 0.54 13.65 23.30
CA PRO B 343 -0.36 14.72 22.83
C PRO B 343 0.39 15.85 22.15
N VAL B 344 -0.24 16.42 21.13
CA VAL B 344 0.30 17.57 20.41
C VAL B 344 -0.80 18.60 20.23
N ILE B 345 -0.47 19.85 20.47
CA ILE B 345 -1.40 20.98 20.37
C ILE B 345 -0.95 21.85 19.21
N CYS B 346 -1.88 22.17 18.31
CA CYS B 346 -1.66 23.20 17.30
C CYS B 346 -2.24 24.52 17.83
N ALA B 347 -1.43 25.57 17.81
CA ALA B 347 -1.78 26.81 18.49
C ALA B 347 -1.50 28.02 17.61
N THR B 348 -2.25 29.09 17.90
CA THR B 348 -1.95 30.48 17.55
C THR B 348 -2.46 30.88 16.16
N GLN B 349 -3.29 31.92 16.11
CA GLN B 349 -3.80 32.53 14.88
C GLN B 349 -4.64 31.57 14.05
N MET B 350 -5.18 30.52 14.69
CA MET B 350 -6.01 29.57 13.96
C MET B 350 -7.28 30.23 13.43
N LEU B 351 -7.86 31.16 14.19
CA LEU B 351 -9.03 31.92 13.79
C LEU B 351 -8.84 33.40 14.10
N GLU B 352 -7.67 33.93 13.71
CA GLU B 352 -7.24 35.26 14.16
C GLU B 352 -8.27 36.35 13.84
N SER B 353 -8.87 36.30 12.66
CA SER B 353 -9.81 37.34 12.28
C SER B 353 -11.04 37.39 13.18
N MET B 354 -11.36 36.31 13.89
CA MET B 354 -12.53 36.31 14.75
C MET B 354 -12.34 37.13 16.01
N ILE B 355 -11.17 37.74 16.21
CA ILE B 355 -11.00 38.71 17.29
C ILE B 355 -11.92 39.90 17.08
N LYS B 356 -12.13 40.30 15.82
CA LYS B 356 -13.00 41.42 15.50
C LYS B 356 -14.24 41.05 14.71
N LYS B 357 -14.29 39.87 14.10
CA LYS B 357 -15.39 39.48 13.24
C LYS B 357 -16.11 38.26 13.78
N PRO B 358 -17.43 38.16 13.58
CA PRO B 358 -18.16 36.99 14.09
C PRO B 358 -17.99 35.73 13.27
N ARG B 359 -17.45 35.83 12.04
CA ARG B 359 -17.19 34.71 11.16
C ARG B 359 -15.71 34.65 10.80
N PRO B 360 -15.14 33.45 10.69
CA PRO B 360 -13.73 33.32 10.30
C PRO B 360 -13.54 33.47 8.80
N THR B 361 -12.28 33.65 8.40
CA THR B 361 -11.94 33.64 6.98
C THR B 361 -11.89 32.21 6.47
N ARG B 362 -11.91 32.08 5.14
CA ARG B 362 -11.83 30.75 4.52
C ARG B 362 -10.49 30.10 4.82
N ALA B 363 -9.42 30.89 4.93
CA ALA B 363 -8.12 30.33 5.26
C ALA B 363 -8.09 29.81 6.69
N GLU B 364 -8.76 30.51 7.61
CA GLU B 364 -8.75 30.08 8.99
C GLU B 364 -9.53 28.79 9.18
N GLY B 365 -10.70 28.68 8.53
CA GLY B 365 -11.42 27.42 8.57
C GLY B 365 -10.59 26.27 8.03
N SER B 366 -9.84 26.52 6.95
CA SER B 366 -8.99 25.47 6.41
C SER B 366 -7.86 25.12 7.37
N ASP B 367 -7.32 26.13 8.06
CA ASP B 367 -6.21 25.88 8.98
C ASP B 367 -6.64 24.95 10.12
N VAL B 368 -7.82 25.21 10.69
CA VAL B 368 -8.32 24.35 11.76
C VAL B 368 -8.53 22.94 11.25
N ALA B 369 -9.21 22.80 10.11
CA ALA B 369 -9.47 21.48 9.54
C ALA B 369 -8.18 20.72 9.27
N ASN B 370 -7.21 21.39 8.65
CA ASN B 370 -5.97 20.72 8.28
C ASN B 370 -5.12 20.34 9.48
N ALA B 371 -5.18 21.13 10.56
CA ALA B 371 -4.50 20.73 11.79
C ALA B 371 -5.09 19.43 12.33
N VAL B 372 -6.41 19.31 12.28
CA VAL B 372 -7.05 18.06 12.72
C VAL B 372 -6.66 16.92 11.79
N LEU B 373 -6.68 17.17 10.47
CA LEU B 373 -6.26 16.16 9.51
C LEU B 373 -4.79 15.78 9.68
N ASP B 374 -3.94 16.73 10.07
CA ASP B 374 -2.54 16.42 10.37
C ASP B 374 -2.43 15.42 11.51
N GLY B 375 -3.33 15.51 12.49
CA GLY B 375 -3.32 14.62 13.63
C GLY B 375 -3.19 15.31 14.98
N ALA B 376 -3.50 16.61 15.05
CA ALA B 376 -3.35 17.33 16.31
C ALA B 376 -4.37 16.84 17.33
N ASP B 377 -3.92 16.63 18.56
CA ASP B 377 -4.81 16.18 19.61
C ASP B 377 -5.71 17.32 20.08
N CYS B 378 -5.17 18.53 20.16
CA CYS B 378 -5.93 19.70 20.58
C CYS B 378 -5.64 20.87 19.63
N ILE B 379 -6.61 21.78 19.55
CA ILE B 379 -6.46 23.04 18.84
C ILE B 379 -6.69 24.16 19.84
N MET B 380 -6.05 25.30 19.61
CA MET B 380 -6.04 26.36 20.60
C MET B 380 -6.57 27.67 20.03
N LEU B 381 -7.11 28.48 20.93
CA LEU B 381 -7.49 29.86 20.68
C LEU B 381 -6.76 30.75 21.67
N SER B 382 -6.21 31.87 21.18
CA SER B 382 -5.43 32.77 22.02
C SER B 382 -6.17 34.07 22.09
N GLY B 383 -5.89 35.06 21.24
CA GLY B 383 -6.61 36.32 21.29
C GLY B 383 -8.08 36.18 20.97
N GLU B 384 -8.45 35.14 20.20
CA GLU B 384 -9.84 34.92 19.87
C GLU B 384 -10.72 34.78 21.11
N THR B 385 -10.18 34.22 22.19
CA THR B 385 -10.94 34.11 23.43
C THR B 385 -10.43 34.98 24.56
N ALA B 386 -9.14 35.35 24.55
CA ALA B 386 -8.61 36.15 25.65
C ALA B 386 -9.07 37.61 25.56
N LYS B 387 -9.03 38.20 24.36
CA LYS B 387 -9.34 39.62 24.22
C LYS B 387 -10.30 39.95 23.08
N GLY B 388 -10.65 39.00 22.23
CA GLY B 388 -11.48 39.30 21.08
C GLY B 388 -12.92 39.63 21.45
N ASP B 389 -13.66 40.07 20.43
CA ASP B 389 -15.06 40.46 20.59
C ASP B 389 -16.03 39.30 20.41
N TYR B 390 -15.56 38.14 19.93
CA TYR B 390 -16.44 37.00 19.67
C TYR B 390 -15.80 35.72 20.21
N PRO B 391 -15.58 35.64 21.52
CA PRO B 391 -14.96 34.41 22.05
C PRO B 391 -15.86 33.20 21.93
N LEU B 392 -17.15 33.34 22.20
CA LEU B 392 -18.06 32.21 22.09
C LEU B 392 -18.08 31.65 20.68
N GLU B 393 -18.20 32.52 19.68
CA GLU B 393 -18.26 32.08 18.29
C GLU B 393 -16.98 31.37 17.87
N ALA B 394 -15.82 31.84 18.36
CA ALA B 394 -14.57 31.20 18.01
C ALA B 394 -14.53 29.76 18.52
N VAL B 395 -14.99 29.54 19.75
CA VAL B 395 -15.03 28.18 20.28
C VAL B 395 -16.03 27.33 19.51
N ARG B 396 -17.19 27.90 19.17
CA ARG B 396 -18.19 27.14 18.43
C ARG B 396 -17.68 26.76 17.04
N MET B 397 -16.96 27.67 16.39
CA MET B 397 -16.43 27.38 15.06
C MET B 397 -15.40 26.26 15.10
N GLN B 398 -14.47 26.31 16.07
CA GLN B 398 -13.49 25.23 16.20
C GLN B 398 -14.17 23.90 16.46
N HIS B 399 -15.20 23.89 17.32
CA HIS B 399 -15.96 22.67 17.55
C HIS B 399 -16.58 22.16 16.25
N LEU B 400 -17.20 23.06 15.49
CA LEU B 400 -17.86 22.65 14.25
C LEU B 400 -16.85 22.12 13.24
N ILE B 401 -15.75 22.84 13.04
CA ILE B 401 -14.76 22.44 12.03
C ILE B 401 -14.11 21.12 12.43
N ALA B 402 -13.71 21.00 13.69
CA ALA B 402 -13.05 19.78 14.15
C ALA B 402 -13.91 18.55 13.90
N ARG B 403 -15.21 18.66 14.21
CA ARG B 403 -16.11 17.55 13.98
C ARG B 403 -16.14 17.17 12.50
N GLU B 404 -16.24 18.16 11.62
CA GLU B 404 -16.24 17.88 10.19
C GLU B 404 -14.91 17.25 9.75
N ALA B 405 -13.79 17.76 10.26
CA ALA B 405 -12.50 17.24 9.83
C ALA B 405 -12.24 15.84 10.36
N GLU B 406 -12.75 15.52 11.55
CA GLU B 406 -12.54 14.18 12.11
C GLU B 406 -13.15 13.10 11.23
N ALA B 407 -14.30 13.39 10.63
CA ALA B 407 -14.90 12.43 9.71
C ALA B 407 -14.11 12.31 8.41
N ALA B 408 -13.32 13.32 8.05
CA ALA B 408 -12.60 13.30 6.78
C ALA B 408 -11.23 12.64 6.87
N ILE B 409 -10.81 12.24 8.08
CA ILE B 409 -9.54 11.52 8.21
C ILE B 409 -9.62 10.20 7.46
N TYR B 410 -8.55 9.87 6.73
CA TYR B 410 -8.45 8.60 6.01
C TYR B 410 -8.00 7.53 7.02
N HIS B 411 -8.94 7.06 7.83
CA HIS B 411 -8.61 6.14 8.91
C HIS B 411 -7.99 4.84 8.39
N LEU B 412 -8.36 4.42 7.19
CA LEU B 412 -7.80 3.19 6.63
C LEU B 412 -6.29 3.25 6.60
N GLN B 413 -5.72 4.35 6.07
CA GLN B 413 -4.27 4.49 6.01
C GLN B 413 -3.66 4.86 7.35
N LEU B 414 -4.34 5.70 8.13
CA LEU B 414 -3.78 6.17 9.40
C LEU B 414 -3.59 5.03 10.39
N PHE B 415 -4.67 4.30 10.68
CA PHE B 415 -4.58 3.17 11.60
C PHE B 415 -3.59 2.14 11.09
N GLU B 416 -3.54 1.94 9.78
CA GLU B 416 -2.63 0.96 9.20
C GLU B 416 -1.18 1.33 9.51
N GLU B 417 -0.81 2.59 9.28
CA GLU B 417 0.57 3.01 9.49
C GLU B 417 0.91 3.07 10.97
N LEU B 418 -0.05 3.47 11.80
CA LEU B 418 0.18 3.52 13.24
C LEU B 418 0.53 2.13 13.78
N ARG B 419 -0.10 1.10 13.24
CA ARG B 419 0.22 -0.27 13.63
C ARG B 419 1.61 -0.66 13.15
N ARG B 420 1.90 -0.42 11.86
CA ARG B 420 3.19 -0.84 11.30
C ARG B 420 4.35 -0.14 11.99
N LEU B 421 4.18 1.13 12.37
CA LEU B 421 5.23 1.83 13.09
C LEU B 421 5.22 1.51 14.58
N ALA B 422 4.28 0.70 15.06
CA ALA B 422 4.19 0.38 16.47
C ALA B 422 4.97 -0.89 16.78
N ALA B 423 5.60 -0.92 17.94
CA ALA B 423 6.46 -2.03 18.31
C ALA B 423 5.65 -3.20 18.83
N ILE B 424 6.13 -4.40 18.56
CA ILE B 424 5.55 -5.62 19.11
C ILE B 424 5.98 -5.73 20.57
N THR B 425 5.01 -5.65 21.48
CA THR B 425 5.29 -5.67 22.91
C THR B 425 4.47 -6.78 23.57
N SER B 426 4.95 -7.22 24.74
CA SER B 426 4.24 -8.20 25.55
C SER B 426 3.32 -7.56 26.57
N ASP B 427 3.03 -6.27 26.43
CA ASP B 427 2.15 -5.57 27.36
C ASP B 427 0.69 -5.85 27.01
N PRO B 428 -0.07 -6.51 27.87
CA PRO B 428 -1.48 -6.83 27.54
C PRO B 428 -2.34 -5.59 27.30
N THR B 429 -2.08 -4.49 28.00
CA THR B 429 -2.88 -3.29 27.81
C THR B 429 -2.71 -2.75 26.39
N GLU B 430 -1.49 -2.86 25.84
CA GLU B 430 -1.25 -2.39 24.48
C GLU B 430 -1.98 -3.27 23.46
N ALA B 431 -1.90 -4.59 23.63
CA ALA B 431 -2.63 -5.48 22.72
C ALA B 431 -4.14 -5.28 22.84
N THR B 432 -4.62 -5.07 24.07
CA THR B 432 -6.06 -4.85 24.27
C THR B 432 -6.50 -3.56 23.57
N ALA B 433 -5.69 -2.51 23.65
CA ALA B 433 -6.07 -1.23 23.07
C ALA B 433 -6.19 -1.33 21.55
N VAL B 434 -5.19 -1.90 20.89
CA VAL B 434 -5.25 -1.97 19.44
C VAL B 434 -6.32 -2.95 18.98
N GLY B 435 -6.59 -3.99 19.77
CA GLY B 435 -7.68 -4.90 19.44
C GLY B 435 -9.03 -4.23 19.54
N ALA B 436 -9.22 -3.38 20.55
CA ALA B 436 -10.48 -2.66 20.70
C ALA B 436 -10.70 -1.68 19.54
N VAL B 437 -9.64 -0.99 19.12
CA VAL B 437 -9.78 -0.03 18.03
C VAL B 437 -10.10 -0.74 16.73
N GLU B 438 -9.41 -1.85 16.46
CA GLU B 438 -9.74 -2.65 15.28
C GLU B 438 -11.20 -3.09 15.32
N ALA B 439 -11.67 -3.55 16.48
CA ALA B 439 -13.07 -3.95 16.62
C ALA B 439 -14.00 -2.75 16.41
N SER B 440 -13.58 -1.57 16.86
CA SER B 440 -14.41 -0.38 16.71
C SER B 440 -14.60 0.01 15.26
N PHE B 441 -13.58 -0.23 14.41
CA PHE B 441 -13.74 0.03 12.98
C PHE B 441 -14.64 -1.01 12.33
N LYS B 442 -14.54 -2.27 12.78
CA LYS B 442 -15.27 -3.36 12.13
C LYS B 442 -16.78 -3.15 12.26
N CYS B 443 -17.24 -2.65 13.41
CA CYS B 443 -18.65 -2.47 13.65
C CYS B 443 -19.06 -1.00 13.67
N CYS B 444 -18.17 -0.09 13.28
CA CYS B 444 -18.44 1.35 13.31
C CYS B 444 -19.03 1.74 14.66
N SER B 445 -18.30 1.39 15.72
CA SER B 445 -18.81 1.49 17.07
C SER B 445 -19.25 2.90 17.42
N GLY B 446 -20.27 3.00 18.27
CA GLY B 446 -20.71 4.29 18.74
C GLY B 446 -19.80 4.91 19.77
N ALA B 447 -18.98 4.10 20.43
CA ALA B 447 -18.03 4.58 21.43
C ALA B 447 -17.11 3.44 21.82
N ILE B 448 -15.97 3.80 22.38
CA ILE B 448 -15.10 2.87 23.09
C ILE B 448 -15.08 3.32 24.54
N ILE B 449 -15.76 2.58 25.40
CA ILE B 449 -15.82 2.90 26.83
C ILE B 449 -14.63 2.26 27.51
N VAL B 450 -13.85 3.07 28.24
CA VAL B 450 -12.63 2.62 28.89
C VAL B 450 -12.70 2.99 30.37
N LEU B 451 -12.57 1.99 31.23
CA LEU B 451 -12.43 2.23 32.67
C LEU B 451 -10.95 2.48 32.96
N THR B 452 -10.65 3.64 33.56
CA THR B 452 -9.26 3.96 33.86
C THR B 452 -9.19 4.86 35.08
N LYS B 453 -8.19 4.63 35.92
CA LYS B 453 -7.92 5.44 37.09
C LYS B 453 -6.89 6.52 36.84
N SER B 454 -5.79 6.17 36.16
CA SER B 454 -4.72 7.11 35.83
C SER B 454 -4.86 7.71 34.44
N GLY B 455 -5.71 7.15 33.59
CA GLY B 455 -5.83 7.58 32.23
C GLY B 455 -5.05 6.76 31.23
N ARG B 456 -4.09 5.96 31.68
CA ARG B 456 -3.18 5.28 30.76
C ARG B 456 -3.94 4.42 29.76
N SER B 457 -4.90 3.61 30.26
CA SER B 457 -5.65 2.73 29.36
C SER B 457 -6.32 3.54 28.26
N ALA B 458 -6.90 4.69 28.60
CA ALA B 458 -7.55 5.52 27.59
C ALA B 458 -6.53 6.14 26.65
N HIS B 459 -5.36 6.52 27.15
CA HIS B 459 -4.32 7.09 26.29
C HIS B 459 -3.87 6.08 25.25
N GLN B 460 -3.72 4.81 25.64
CA GLN B 460 -3.24 3.80 24.70
C GLN B 460 -4.25 3.55 23.58
N VAL B 461 -5.54 3.74 23.85
CA VAL B 461 -6.53 3.61 22.80
C VAL B 461 -6.46 4.78 21.83
N ALA B 462 -6.33 6.00 22.36
CA ALA B 462 -6.33 7.19 21.52
C ALA B 462 -5.16 7.21 20.54
N ARG B 463 -4.03 6.62 20.92
CA ARG B 463 -2.85 6.67 20.06
C ARG B 463 -3.07 5.93 18.74
N TYR B 464 -4.03 5.01 18.69
CA TYR B 464 -4.35 4.32 17.44
C TYR B 464 -5.46 5.02 16.66
N ARG B 465 -5.95 6.16 17.16
CA ARG B 465 -6.82 7.09 16.45
C ARG B 465 -8.08 6.44 15.91
N PRO B 466 -8.94 5.90 16.78
CA PRO B 466 -10.21 5.36 16.29
C PRO B 466 -11.15 6.49 15.85
N ARG B 467 -12.09 6.13 14.99
CA ARG B 467 -13.12 7.08 14.61
C ARG B 467 -14.06 7.34 15.78
N ALA B 468 -14.44 6.29 16.49
CA ALA B 468 -15.40 6.41 17.57
C ALA B 468 -14.81 7.19 18.75
N PRO B 469 -15.64 7.90 19.51
CA PRO B 469 -15.16 8.58 20.71
C PRO B 469 -14.80 7.60 21.80
N ILE B 470 -13.85 7.99 22.63
CA ILE B 470 -13.38 7.18 23.75
C ILE B 470 -13.95 7.77 25.03
N ILE B 471 -14.96 7.11 25.60
CA ILE B 471 -15.60 7.58 26.83
C ILE B 471 -14.79 7.00 27.98
N ALA B 472 -13.92 7.81 28.56
CA ALA B 472 -13.09 7.40 29.68
C ALA B 472 -13.83 7.68 30.97
N VAL B 473 -14.13 6.62 31.73
CA VAL B 473 -14.81 6.72 33.01
C VAL B 473 -13.76 6.67 34.10
N THR B 474 -13.75 7.66 34.98
CA THR B 474 -12.78 7.70 36.05
C THR B 474 -13.42 8.32 37.29
N ARG B 475 -12.91 7.91 38.45
CA ARG B 475 -13.20 8.60 39.71
C ARG B 475 -12.13 9.62 40.07
N ASN B 476 -11.04 9.69 39.30
CA ASN B 476 -9.96 10.62 39.56
C ASN B 476 -10.24 11.92 38.81
N PRO B 477 -10.52 13.03 39.49
CA PRO B 477 -10.83 14.27 38.76
C PRO B 477 -9.66 14.79 37.95
N GLN B 478 -8.43 14.63 38.45
CA GLN B 478 -7.25 15.05 37.70
C GLN B 478 -7.12 14.24 36.42
N THR B 479 -7.34 12.92 36.52
CA THR B 479 -7.35 12.09 35.32
C THR B 479 -8.42 12.58 34.33
N ALA B 480 -9.59 12.93 34.84
CA ALA B 480 -10.66 13.43 33.97
C ALA B 480 -10.23 14.72 33.27
N ARG B 481 -9.60 15.63 34.00
CA ARG B 481 -9.21 16.90 33.39
C ARG B 481 -8.03 16.73 32.44
N GLN B 482 -7.03 15.94 32.84
CA GLN B 482 -5.85 15.76 32.00
C GLN B 482 -6.13 14.96 30.74
N ALA B 483 -7.21 14.19 30.72
CA ALA B 483 -7.54 13.39 29.53
C ALA B 483 -7.84 14.26 28.32
N HIS B 484 -8.22 15.52 28.53
CA HIS B 484 -8.55 16.39 27.41
C HIS B 484 -7.39 16.57 26.46
N LEU B 485 -6.17 16.24 26.91
CA LEU B 485 -4.98 16.38 26.07
C LEU B 485 -4.95 15.39 24.91
N TYR B 486 -5.77 14.34 24.95
CA TYR B 486 -5.69 13.27 23.97
C TYR B 486 -6.89 13.28 23.04
N ARG B 487 -6.62 13.17 21.73
CA ARG B 487 -7.67 13.12 20.74
C ARG B 487 -8.63 11.98 21.03
N GLY B 488 -9.93 12.31 21.09
CA GLY B 488 -10.98 11.33 21.16
C GLY B 488 -11.41 10.93 22.55
N ILE B 489 -10.63 11.25 23.58
CA ILE B 489 -10.99 10.88 24.94
C ILE B 489 -12.01 11.88 25.44
N PHE B 490 -13.23 11.41 25.67
CA PHE B 490 -14.31 12.17 26.29
C PHE B 490 -14.39 11.75 27.75
N PRO B 491 -13.74 12.46 28.66
CA PRO B 491 -13.71 12.02 30.05
C PRO B 491 -15.01 12.33 30.77
N VAL B 492 -15.46 11.39 31.58
CA VAL B 492 -16.62 11.56 32.43
C VAL B 492 -16.22 11.22 33.85
N LEU B 493 -16.54 12.12 34.77
CA LEU B 493 -16.13 11.99 36.17
C LEU B 493 -17.25 11.30 36.95
N CYS B 494 -17.01 10.04 37.32
CA CYS B 494 -17.99 9.30 38.10
C CYS B 494 -17.88 9.68 39.57
N LYS B 495 -19.03 9.95 40.18
CA LYS B 495 -19.09 10.37 41.58
C LYS B 495 -19.86 9.38 42.45
N ASP B 496 -20.32 8.26 41.88
CA ASP B 496 -21.05 7.29 42.67
C ASP B 496 -20.12 6.62 43.69
N PRO B 497 -20.65 6.22 44.83
CA PRO B 497 -19.82 5.52 45.81
C PRO B 497 -19.36 4.18 45.25
N VAL B 498 -18.20 3.73 45.72
CA VAL B 498 -17.69 2.44 45.31
C VAL B 498 -18.64 1.34 45.76
N GLN B 499 -19.06 0.51 44.82
CA GLN B 499 -19.95 -0.60 45.14
C GLN B 499 -19.18 -1.69 45.88
N GLU B 500 -19.87 -2.36 46.80
CA GLU B 500 -19.19 -3.36 47.62
C GLU B 500 -18.69 -4.52 46.77
N ALA B 501 -19.44 -4.93 45.76
CA ALA B 501 -19.01 -5.94 44.82
C ALA B 501 -18.24 -5.27 43.69
N TRP B 502 -16.96 -5.60 43.54
CA TRP B 502 -16.15 -4.94 42.52
C TRP B 502 -16.76 -5.09 41.14
N ALA B 503 -17.22 -6.30 40.80
CA ALA B 503 -17.81 -6.52 39.48
C ALA B 503 -19.00 -5.59 39.27
N GLU B 504 -19.81 -5.40 40.31
CA GLU B 504 -20.95 -4.49 40.21
C GLU B 504 -20.49 -3.04 40.14
N ASP B 505 -19.35 -2.71 40.75
CA ASP B 505 -18.81 -1.37 40.61
C ASP B 505 -18.34 -1.11 39.18
N VAL B 506 -17.79 -2.13 38.53
CA VAL B 506 -17.43 -2.02 37.11
C VAL B 506 -18.69 -1.76 36.28
N ASP B 507 -19.71 -2.61 36.45
CA ASP B 507 -20.95 -2.44 35.69
C ASP B 507 -21.55 -1.06 35.93
N LEU B 508 -21.54 -0.59 37.17
CA LEU B 508 -22.04 0.74 37.48
C LEU B 508 -21.35 1.80 36.64
N ARG B 509 -20.02 1.70 36.51
CA ARG B 509 -19.27 2.70 35.75
C ARG B 509 -19.48 2.53 34.24
N VAL B 510 -19.69 1.30 33.77
CA VAL B 510 -19.99 1.08 32.37
C VAL B 510 -21.36 1.64 32.02
N ASN B 511 -22.35 1.37 32.87
CA ASN B 511 -23.69 1.92 32.64
C ASN B 511 -23.69 3.44 32.73
N PHE B 512 -22.82 4.01 33.56
CA PHE B 512 -22.68 5.47 33.60
C PHE B 512 -22.25 5.98 32.23
N ALA B 513 -21.25 5.35 31.63
CA ALA B 513 -20.81 5.73 30.29
C ALA B 513 -21.93 5.53 29.28
N MET B 514 -22.68 4.43 29.41
CA MET B 514 -23.83 4.22 28.54
C MET B 514 -24.80 5.40 28.62
N ASN B 515 -25.14 5.81 29.85
CA ASN B 515 -26.09 6.89 30.02
C ASN B 515 -25.55 8.20 29.46
N VAL B 516 -24.26 8.47 29.64
CA VAL B 516 -23.67 9.68 29.08
C VAL B 516 -23.75 9.65 27.56
N GLY B 517 -23.39 8.52 26.95
CA GLY B 517 -23.47 8.41 25.51
C GLY B 517 -24.89 8.59 24.98
N LYS B 518 -25.87 8.02 25.69
CA LYS B 518 -27.27 8.17 25.29
C LYS B 518 -27.68 9.63 25.32
N ALA B 519 -27.37 10.34 26.42
CA ALA B 519 -27.80 11.71 26.58
C ALA B 519 -27.10 12.65 25.60
N ARG B 520 -25.81 12.46 25.35
CA ARG B 520 -25.08 13.32 24.43
C ARG B 520 -25.39 13.01 22.97
N GLY B 521 -26.16 11.96 22.71
CA GLY B 521 -26.46 11.59 21.34
C GLY B 521 -25.32 10.91 20.63
N PHE B 522 -24.40 10.29 21.37
CA PHE B 522 -23.32 9.55 20.71
C PHE B 522 -23.84 8.25 20.14
N PHE B 523 -24.78 7.62 20.82
CA PHE B 523 -25.36 6.36 20.38
C PHE B 523 -26.72 6.21 21.07
N LYS B 524 -27.44 5.17 20.67
CA LYS B 524 -28.75 4.90 21.22
C LYS B 524 -28.87 3.42 21.55
N LYS B 525 -29.96 3.06 22.23
CA LYS B 525 -30.24 1.66 22.51
C LYS B 525 -30.24 0.85 21.23
N GLY B 526 -29.55 -0.29 21.25
CA GLY B 526 -29.43 -1.15 20.10
C GLY B 526 -28.17 -0.94 19.29
N ASP B 527 -27.49 0.19 19.47
CA ASP B 527 -26.18 0.37 18.86
C ASP B 527 -25.16 -0.54 19.54
N VAL B 528 -23.94 -0.54 19.03
CA VAL B 528 -22.88 -1.41 19.52
C VAL B 528 -21.73 -0.54 20.00
N VAL B 529 -21.21 -0.87 21.19
CA VAL B 529 -20.08 -0.15 21.76
C VAL B 529 -19.03 -1.16 22.21
N ILE B 530 -17.80 -0.67 22.32
CA ILE B 530 -16.68 -1.45 22.83
C ILE B 530 -16.44 -1.02 24.27
N VAL B 531 -16.30 -1.98 25.17
CA VAL B 531 -16.11 -1.72 26.59
C VAL B 531 -14.79 -2.32 27.02
N LEU B 532 -13.92 -1.49 27.59
CA LEU B 532 -12.59 -1.91 28.03
C LEU B 532 -12.55 -1.84 29.55
N THR B 533 -12.26 -2.98 30.18
CA THR B 533 -12.15 -3.06 31.63
C THR B 533 -10.96 -3.94 31.98
N GLY B 534 -10.71 -4.07 33.28
CA GLY B 534 -9.70 -4.98 33.78
C GLY B 534 -10.30 -6.22 34.42
N TRP B 535 -9.40 -7.12 34.80
CA TRP B 535 -9.78 -8.37 35.45
C TRP B 535 -9.55 -8.32 36.95
N ARG B 536 -8.73 -7.37 37.41
CA ARG B 536 -8.38 -7.12 38.80
C ARG B 536 -8.48 -5.63 39.08
N PRO B 537 -8.78 -5.24 40.32
CA PRO B 537 -8.80 -3.82 40.67
C PRO B 537 -7.41 -3.21 40.56
N GLY B 538 -7.37 -1.89 40.43
CA GLY B 538 -6.12 -1.16 40.36
C GLY B 538 -5.62 -0.97 38.94
N SER B 539 -4.61 -0.11 38.81
CA SER B 539 -4.09 0.27 37.50
C SER B 539 -3.27 -0.85 36.88
N GLY B 540 -3.22 -0.86 35.56
CA GLY B 540 -2.36 -1.76 34.81
C GLY B 540 -2.92 -3.13 34.53
N PHE B 541 -4.21 -3.37 34.80
CA PHE B 541 -4.81 -4.67 34.56
C PHE B 541 -5.86 -4.63 33.45
N THR B 542 -5.84 -3.60 32.60
CA THR B 542 -6.86 -3.47 31.56
C THR B 542 -6.54 -4.46 30.45
N ASN B 543 -7.32 -5.52 30.36
CA ASN B 543 -7.04 -6.60 29.42
C ASN B 543 -8.30 -7.22 28.86
N THR B 544 -9.46 -6.60 29.05
CA THR B 544 -10.74 -7.22 28.71
C THR B 544 -11.49 -6.30 27.77
N MET B 545 -11.86 -6.82 26.60
CA MET B 545 -12.61 -6.09 25.60
C MET B 545 -13.95 -6.79 25.39
N ARG B 546 -15.03 -6.04 25.50
CA ARG B 546 -16.37 -6.56 25.31
C ARG B 546 -17.08 -5.75 24.21
N VAL B 547 -17.69 -6.45 23.27
CA VAL B 547 -18.50 -5.83 22.22
C VAL B 547 -19.95 -6.06 22.63
N VAL B 548 -20.59 -5.03 23.16
CA VAL B 548 -21.92 -5.16 23.77
C VAL B 548 -22.94 -4.24 23.13
N PRO B 549 -24.22 -4.63 23.08
CA PRO B 549 -25.27 -3.70 22.64
C PRO B 549 -25.63 -2.74 23.76
N VAL B 550 -25.94 -1.51 23.37
CA VAL B 550 -26.31 -0.50 24.38
C VAL B 550 -27.63 -0.89 25.03
N PRO B 551 -27.70 -0.94 26.37
CA PRO B 551 -28.92 -1.35 27.08
C PRO B 551 -30.01 -0.28 27.05
N ILE C 33 12.64 -12.26 15.72
CA ILE C 33 13.71 -12.39 14.74
C ILE C 33 14.34 -13.77 14.92
N GLN C 34 14.79 -14.35 13.80
CA GLN C 34 15.45 -15.65 13.70
C GLN C 34 14.51 -16.81 13.97
N THR C 35 13.24 -16.55 14.28
CA THR C 35 12.23 -17.58 14.49
C THR C 35 10.98 -17.16 13.75
N GLN C 36 10.17 -18.14 13.36
CA GLN C 36 8.89 -17.91 12.71
C GLN C 36 9.01 -17.02 11.48
N GLN C 37 10.19 -16.95 10.86
CA GLN C 37 10.42 -16.05 9.74
C GLN C 37 9.98 -14.63 10.09
N LEU C 38 10.25 -14.21 11.33
CA LEU C 38 9.72 -12.92 11.78
C LEU C 38 10.45 -11.74 11.15
N HIS C 39 11.71 -11.90 10.74
CA HIS C 39 12.38 -10.85 9.99
C HIS C 39 11.66 -10.61 8.66
N ALA C 40 11.34 -11.70 7.95
CA ALA C 40 10.56 -11.57 6.72
C ALA C 40 9.17 -11.02 7.00
N ALA C 41 8.66 -11.23 8.21
CA ALA C 41 7.31 -10.76 8.54
C ALA C 41 7.22 -9.25 8.61
N MET C 42 8.33 -8.54 8.85
CA MET C 42 8.30 -7.09 9.04
C MET C 42 8.67 -6.30 7.78
N ALA C 43 8.93 -6.96 6.66
CA ALA C 43 9.31 -6.26 5.44
C ALA C 43 8.20 -5.33 4.96
N ASP C 44 8.60 -4.18 4.41
CA ASP C 44 7.62 -3.22 3.89
C ASP C 44 7.05 -3.64 2.55
N THR C 45 7.69 -4.57 1.85
CA THR C 45 7.23 -5.04 0.55
C THR C 45 7.21 -6.56 0.56
N PHE C 46 6.40 -7.14 -0.34
CA PHE C 46 6.42 -8.59 -0.48
C PHE C 46 7.74 -9.07 -1.09
N LEU C 47 8.33 -8.28 -1.98
CA LEU C 47 9.63 -8.67 -2.54
C LEU C 47 10.68 -8.80 -1.46
N GLU C 48 10.81 -7.78 -0.61
CA GLU C 48 11.75 -7.89 0.51
C GLU C 48 11.34 -9.02 1.47
N HIS C 49 10.04 -9.26 1.63
CA HIS C 49 9.59 -10.37 2.47
C HIS C 49 10.15 -11.70 1.96
N MET C 50 10.12 -11.90 0.64
CA MET C 50 10.74 -13.08 0.05
C MET C 50 12.24 -13.10 0.33
N CYS C 51 12.91 -11.95 0.12
CA CYS C 51 14.36 -11.87 0.28
C CYS C 51 14.83 -12.23 1.68
N ARG C 52 13.97 -12.08 2.68
CA ARG C 52 14.34 -12.31 4.07
C ARG C 52 14.00 -13.70 4.56
N LEU C 53 13.40 -14.55 3.72
CA LEU C 53 13.09 -15.90 4.13
C LEU C 53 14.37 -16.67 4.41
N ASP C 54 14.42 -17.33 5.56
CA ASP C 54 15.65 -17.86 6.13
C ASP C 54 15.43 -19.31 6.50
N ILE C 55 16.16 -20.22 5.84
CA ILE C 55 16.04 -21.64 6.16
C ILE C 55 16.52 -21.91 7.57
N ASP C 56 17.28 -20.99 8.17
CA ASP C 56 17.77 -21.14 9.53
C ASP C 56 16.88 -20.43 10.55
N SER C 57 15.68 -20.01 10.15
CA SER C 57 14.69 -19.46 11.07
C SER C 57 13.67 -20.54 11.39
N PRO C 58 13.75 -21.21 12.54
CA PRO C 58 12.89 -22.36 12.81
C PRO C 58 11.45 -21.95 13.05
N PRO C 59 10.49 -22.73 12.57
CA PRO C 59 9.08 -22.43 12.81
C PRO C 59 8.68 -22.80 14.23
N ILE C 60 7.48 -22.34 14.61
CA ILE C 60 6.91 -22.70 15.90
C ILE C 60 6.56 -24.18 15.89
N THR C 61 6.24 -24.73 17.06
CA THR C 61 5.83 -26.12 17.13
C THR C 61 4.47 -26.32 16.46
N ALA C 62 3.54 -25.40 16.67
CA ALA C 62 2.18 -25.56 16.18
C ALA C 62 2.13 -25.60 14.65
N ARG C 63 1.21 -26.39 14.12
CA ARG C 63 0.99 -26.52 12.68
C ARG C 63 -0.48 -26.22 12.39
N ASN C 64 -0.73 -25.26 11.49
CA ASN C 64 -2.06 -24.71 11.29
C ASN C 64 -2.87 -25.44 10.22
N THR C 65 -2.22 -25.96 9.17
CA THR C 65 -2.95 -26.57 8.06
C THR C 65 -3.39 -27.98 8.41
N GLY C 66 -4.69 -28.25 8.25
CA GLY C 66 -5.20 -29.58 8.49
C GLY C 66 -4.75 -30.56 7.43
N ILE C 67 -4.56 -31.82 7.85
CA ILE C 67 -4.07 -32.87 6.98
C ILE C 67 -5.15 -33.94 6.84
N ILE C 68 -5.58 -34.18 5.61
CA ILE C 68 -6.59 -35.18 5.29
C ILE C 68 -5.90 -36.34 4.59
N CYS C 69 -6.20 -37.56 5.04
CA CYS C 69 -5.57 -38.77 4.53
C CYS C 69 -6.62 -39.74 4.02
N THR C 70 -6.47 -40.18 2.77
CA THR C 70 -7.32 -41.22 2.22
C THR C 70 -6.88 -42.57 2.78
N ILE C 71 -7.82 -43.30 3.38
CA ILE C 71 -7.50 -44.57 4.01
C ILE C 71 -7.71 -45.70 3.01
N GLY C 72 -6.79 -46.67 3.02
CA GLY C 72 -6.85 -47.81 2.16
C GLY C 72 -6.06 -48.98 2.73
N PRO C 73 -5.76 -49.97 1.88
CA PRO C 73 -5.05 -51.17 2.39
C PRO C 73 -3.75 -50.86 3.11
N ALA C 74 -3.03 -49.82 2.69
CA ALA C 74 -1.76 -49.49 3.32
C ALA C 74 -1.95 -48.80 4.66
N SER C 75 -3.16 -48.37 4.99
CA SER C 75 -3.38 -47.60 6.20
C SER C 75 -4.65 -47.97 6.95
N ARG C 76 -5.41 -48.97 6.51
CA ARG C 76 -6.64 -49.33 7.19
C ARG C 76 -6.35 -49.93 8.57
N SER C 77 -5.16 -50.46 8.75
CA SER C 77 -4.79 -51.13 9.99
C SER C 77 -4.88 -50.19 11.18
N VAL C 78 -5.29 -50.74 12.33
CA VAL C 78 -5.39 -49.95 13.55
C VAL C 78 -4.02 -49.47 14.00
N GLU C 79 -3.00 -50.35 13.90
CA GLU C 79 -1.66 -49.96 14.32
C GLU C 79 -1.14 -48.81 13.45
N THR C 80 -1.35 -48.90 12.14
CA THR C 80 -0.94 -47.82 11.24
C THR C 80 -1.73 -46.54 11.53
N LEU C 81 -3.05 -46.67 11.70
CA LEU C 81 -3.88 -45.49 11.96
C LEU C 81 -3.44 -44.76 13.22
N LYS C 82 -3.03 -45.50 14.26
CA LYS C 82 -2.53 -44.85 15.47
C LYS C 82 -1.29 -44.02 15.17
N GLU C 83 -0.33 -44.60 14.44
CA GLU C 83 0.87 -43.86 14.09
C GLU C 83 0.55 -42.71 13.13
N MET C 84 -0.45 -42.89 12.27
CA MET C 84 -0.83 -41.83 11.36
C MET C 84 -1.42 -40.64 12.12
N ILE C 85 -2.17 -40.91 13.20
CA ILE C 85 -2.67 -39.82 14.04
C ILE C 85 -1.51 -39.08 14.67
N LYS C 86 -0.54 -39.81 15.22
CA LYS C 86 0.63 -39.18 15.84
C LYS C 86 1.46 -38.44 14.80
N SER C 87 1.44 -38.89 13.55
CA SER C 87 2.20 -38.22 12.50
C SER C 87 1.54 -36.95 11.99
N GLY C 88 0.26 -36.74 12.29
CA GLY C 88 -0.37 -35.48 11.93
C GLY C 88 -1.74 -35.57 11.28
N MET C 89 -2.26 -36.78 11.10
CA MET C 89 -3.56 -36.93 10.45
C MET C 89 -4.65 -36.26 11.29
N ASN C 90 -5.49 -35.47 10.62
CA ASN C 90 -6.63 -34.84 11.26
C ASN C 90 -7.97 -35.34 10.74
N VAL C 91 -8.04 -35.75 9.48
CA VAL C 91 -9.29 -36.18 8.86
C VAL C 91 -9.00 -37.48 8.12
N ALA C 92 -9.86 -38.48 8.31
CA ALA C 92 -9.78 -39.73 7.57
C ALA C 92 -10.80 -39.67 6.45
N ARG C 93 -10.31 -39.72 5.21
CA ARG C 93 -11.17 -39.64 4.04
C ARG C 93 -11.37 -41.04 3.46
N LEU C 94 -12.63 -41.42 3.30
CA LEU C 94 -13.00 -42.71 2.76
C LEU C 94 -13.59 -42.51 1.37
N ASN C 95 -12.93 -43.05 0.36
CA ASN C 95 -13.39 -42.93 -1.01
C ASN C 95 -14.38 -44.05 -1.28
N PHE C 96 -15.65 -43.70 -1.43
CA PHE C 96 -16.70 -44.67 -1.68
C PHE C 96 -16.84 -45.01 -3.16
N SER C 97 -15.87 -44.60 -3.98
CA SER C 97 -15.80 -45.10 -5.36
C SER C 97 -15.49 -46.59 -5.40
N HIS C 98 -14.93 -47.14 -4.32
CA HIS C 98 -14.67 -48.56 -4.21
C HIS C 98 -15.06 -49.03 -2.81
N GLY C 99 -15.17 -50.35 -2.66
CA GLY C 99 -15.43 -50.95 -1.38
C GLY C 99 -16.90 -50.98 -1.03
N THR C 100 -17.30 -51.98 -0.27
CA THR C 100 -18.68 -52.10 0.18
C THR C 100 -18.89 -51.28 1.44
N HIS C 101 -20.16 -51.10 1.80
CA HIS C 101 -20.48 -50.43 3.06
C HIS C 101 -19.89 -51.19 4.24
N GLU C 102 -19.87 -52.53 4.15
CA GLU C 102 -19.23 -53.34 5.19
C GLU C 102 -17.75 -53.01 5.32
N TYR C 103 -17.04 -52.91 4.20
CA TYR C 103 -15.61 -52.60 4.24
C TYR C 103 -15.38 -51.26 4.94
N HIS C 104 -16.08 -50.22 4.50
CA HIS C 104 -15.89 -48.91 5.11
C HIS C 104 -16.27 -48.91 6.58
N ALA C 105 -17.29 -49.68 6.95
CA ALA C 105 -17.69 -49.77 8.36
C ALA C 105 -16.55 -50.27 9.23
N GLU C 106 -15.83 -51.29 8.77
CA GLU C 106 -14.68 -51.76 9.54
C GLU C 106 -13.56 -50.73 9.54
N THR C 107 -13.40 -49.98 8.44
CA THR C 107 -12.41 -48.93 8.41
C THR C 107 -12.73 -47.84 9.42
N ILE C 108 -14.00 -47.42 9.49
CA ILE C 108 -14.39 -46.40 10.46
C ILE C 108 -14.17 -46.91 11.88
N LYS C 109 -14.54 -48.18 12.13
CA LYS C 109 -14.29 -48.79 13.43
C LYS C 109 -12.81 -48.74 13.79
N ASN C 110 -11.94 -49.06 12.83
CA ASN C 110 -10.51 -49.03 13.08
C ASN C 110 -10.04 -47.60 13.32
N VAL C 111 -10.54 -46.66 12.54
CA VAL C 111 -10.20 -45.25 12.74
C VAL C 111 -10.59 -44.81 14.14
N ARG C 112 -11.83 -45.14 14.55
CA ARG C 112 -12.29 -44.72 15.86
C ARG C 112 -11.57 -45.47 16.97
N THR C 113 -11.21 -46.75 16.75
CA THR C 113 -10.42 -47.48 17.72
C THR C 113 -9.05 -46.83 17.92
N ALA C 114 -8.39 -46.46 16.81
CA ALA C 114 -7.10 -45.78 16.92
C ALA C 114 -7.23 -44.42 17.57
N THR C 115 -8.29 -43.67 17.22
CA THR C 115 -8.50 -42.35 17.80
C THR C 115 -8.73 -42.42 19.30
N GLU C 116 -9.62 -43.31 19.73
CA GLU C 116 -10.00 -43.38 21.14
C GLU C 116 -8.94 -44.01 22.03
N SER C 117 -7.88 -44.58 21.47
CA SER C 117 -6.80 -45.13 22.29
C SER C 117 -5.97 -44.05 22.96
N PHE C 118 -6.11 -42.79 22.53
CA PHE C 118 -5.44 -41.67 23.16
C PHE C 118 -6.34 -40.91 24.12
N ALA C 119 -7.58 -41.36 24.31
CA ALA C 119 -8.53 -40.66 25.17
C ALA C 119 -8.18 -40.76 26.65
N SER C 120 -7.28 -41.67 27.04
CA SER C 120 -6.86 -41.77 28.43
C SER C 120 -6.13 -40.53 28.92
N ASP C 121 -5.70 -39.65 28.01
CA ASP C 121 -5.04 -38.40 28.35
C ASP C 121 -5.71 -37.32 27.51
N PRO C 122 -6.71 -36.63 28.06
CA PRO C 122 -7.45 -35.65 27.25
C PRO C 122 -6.62 -34.44 26.87
N ILE C 123 -5.46 -34.25 27.48
CA ILE C 123 -4.57 -33.18 27.07
C ILE C 123 -3.93 -33.52 25.71
N LEU C 124 -3.66 -34.80 25.47
CA LEU C 124 -3.02 -35.24 24.24
C LEU C 124 -3.98 -35.89 23.25
N TYR C 125 -5.26 -36.04 23.61
CA TYR C 125 -6.21 -36.65 22.69
C TYR C 125 -6.39 -35.78 21.46
N ARG C 126 -6.44 -36.42 20.30
CA ARG C 126 -6.58 -35.70 19.03
C ARG C 126 -7.88 -36.09 18.35
N PRO C 127 -8.84 -35.17 18.23
CA PRO C 127 -10.06 -35.48 17.47
C PRO C 127 -9.71 -35.75 16.02
N VAL C 128 -10.30 -36.82 15.48
CA VAL C 128 -10.06 -37.22 14.09
C VAL C 128 -11.42 -37.27 13.40
N ALA C 129 -11.58 -36.46 12.36
CA ALA C 129 -12.82 -36.43 11.62
C ALA C 129 -12.88 -37.57 10.62
N VAL C 130 -14.10 -37.98 10.28
CA VAL C 130 -14.34 -38.98 9.25
C VAL C 130 -15.06 -38.29 8.10
N ALA C 131 -14.53 -38.44 6.89
CA ALA C 131 -15.03 -37.75 5.72
C ALA C 131 -15.49 -38.77 4.69
N LEU C 132 -16.68 -38.55 4.14
CA LEU C 132 -17.28 -39.39 3.13
C LEU C 132 -17.03 -38.78 1.75
N ASP C 133 -16.33 -39.49 0.88
CA ASP C 133 -16.08 -39.05 -0.48
C ASP C 133 -16.97 -39.85 -1.43
N THR C 134 -17.91 -39.17 -2.08
CA THR C 134 -18.86 -39.87 -2.92
C THR C 134 -18.21 -40.40 -4.20
N LYS C 135 -18.82 -41.44 -4.77
CA LYS C 135 -18.41 -41.89 -6.09
C LYS C 135 -18.74 -40.87 -7.16
N GLY C 136 -19.98 -40.39 -7.17
CA GLY C 136 -20.38 -39.36 -8.11
C GLY C 136 -20.57 -39.89 -9.51
N PRO C 137 -20.69 -38.99 -10.48
CA PRO C 137 -20.85 -39.40 -11.88
C PRO C 137 -19.54 -39.81 -12.54
N GLU C 138 -18.91 -40.84 -11.98
CA GLU C 138 -17.61 -41.31 -12.42
C GLU C 138 -17.76 -42.50 -13.34
N ILE C 139 -16.91 -42.58 -14.36
CA ILE C 139 -16.81 -43.75 -15.22
C ILE C 139 -15.58 -44.53 -14.79
N ARG C 140 -15.79 -45.77 -14.35
CA ARG C 140 -14.73 -46.57 -13.77
C ARG C 140 -14.55 -47.89 -14.53
N THR C 141 -13.38 -48.48 -14.34
CA THR C 141 -13.04 -49.76 -14.94
C THR C 141 -13.40 -50.89 -13.97
N GLY C 142 -12.94 -52.11 -14.26
CA GLY C 142 -13.25 -53.26 -13.46
C GLY C 142 -12.05 -53.77 -12.67
N LEU C 143 -12.16 -55.02 -12.22
CA LEU C 143 -11.14 -55.67 -11.40
C LEU C 143 -10.17 -56.46 -12.29
N ILE C 144 -8.92 -56.54 -11.83
CA ILE C 144 -7.91 -57.24 -12.61
C ILE C 144 -8.00 -58.76 -12.43
N LYS C 145 -8.51 -59.21 -11.29
CA LYS C 145 -8.56 -60.63 -10.94
C LYS C 145 -9.73 -60.88 -10.00
N GLU C 151 -2.71 -55.54 -10.45
CA GLU C 151 -2.73 -54.75 -11.68
C GLU C 151 -1.77 -55.32 -12.72
N VAL C 152 -1.88 -54.83 -13.95
CA VAL C 152 -1.10 -55.32 -15.08
C VAL C 152 -0.41 -54.15 -15.77
N GLU C 153 0.71 -54.45 -16.43
CA GLU C 153 1.54 -53.45 -17.09
C GLU C 153 1.21 -53.44 -18.58
N LEU C 154 0.60 -52.36 -19.03
CA LEU C 154 0.35 -52.16 -20.46
C LEU C 154 1.58 -51.56 -21.12
N LYS C 155 1.89 -52.01 -22.33
CA LYS C 155 3.06 -51.54 -23.05
C LYS C 155 2.65 -50.71 -24.27
N LEU C 160 -6.03 -53.61 -26.48
CA LEU C 160 -6.97 -53.56 -25.37
C LEU C 160 -8.41 -53.39 -25.86
N LYS C 161 -9.22 -54.42 -25.68
CA LYS C 161 -10.65 -54.36 -26.02
C LYS C 161 -11.42 -53.87 -24.81
N ILE C 162 -12.07 -52.71 -24.95
CA ILE C 162 -12.87 -52.13 -23.88
C ILE C 162 -14.27 -52.73 -23.99
N THR C 163 -14.50 -53.78 -23.21
CA THR C 163 -15.76 -54.50 -23.20
C THR C 163 -16.82 -53.79 -22.35
N LEU C 164 -18.08 -53.99 -22.72
CA LEU C 164 -19.21 -53.50 -21.95
C LEU C 164 -20.11 -54.65 -21.51
N ASP C 165 -19.67 -55.87 -21.76
CA ASP C 165 -20.33 -57.07 -21.26
C ASP C 165 -19.92 -57.31 -19.81
N ASN C 166 -20.92 -57.47 -18.93
CA ASN C 166 -20.69 -57.55 -17.50
C ASN C 166 -20.06 -58.86 -17.05
N ALA C 167 -19.79 -59.80 -17.96
CA ALA C 167 -19.03 -60.99 -17.58
C ALA C 167 -17.57 -60.68 -17.33
N TYR C 168 -17.08 -59.54 -17.83
CA TYR C 168 -15.74 -59.07 -17.57
C TYR C 168 -15.71 -57.92 -16.58
N MET C 169 -16.81 -57.70 -15.87
CA MET C 169 -16.88 -56.64 -14.84
C MET C 169 -15.95 -56.96 -13.68
N GLU C 170 -15.30 -58.12 -13.72
CA GLU C 170 -14.26 -58.47 -12.76
C GLU C 170 -13.13 -59.29 -13.40
N LYS C 171 -13.11 -59.39 -14.73
CA LYS C 171 -12.10 -60.18 -15.44
C LYS C 171 -11.18 -59.32 -16.30
N CYS C 172 -11.06 -58.03 -15.99
CA CYS C 172 -10.20 -57.14 -16.76
C CYS C 172 -8.74 -57.48 -16.55
N ASP C 173 -7.91 -57.10 -17.54
CA ASP C 173 -6.47 -57.24 -17.43
C ASP C 173 -5.77 -56.60 -18.63
N GLU C 174 -4.61 -57.15 -19.00
CA GLU C 174 -3.81 -56.55 -20.07
C GLU C 174 -4.58 -56.43 -21.38
N ASN C 175 -5.53 -57.34 -21.63
CA ASN C 175 -6.30 -57.33 -22.87
C ASN C 175 -7.78 -56.99 -22.69
N ILE C 176 -8.38 -57.34 -21.56
CA ILE C 176 -9.80 -57.10 -21.32
C ILE C 176 -9.95 -55.95 -20.34
N LEU C 177 -11.02 -55.16 -20.51
CA LEU C 177 -11.28 -54.02 -19.64
C LEU C 177 -12.75 -53.64 -19.76
N TRP C 178 -13.42 -53.51 -18.62
CA TRP C 178 -14.84 -53.20 -18.57
C TRP C 178 -15.07 -51.74 -18.19
N LEU C 179 -16.23 -51.21 -18.61
CA LEU C 179 -16.61 -49.82 -18.41
C LEU C 179 -18.07 -49.78 -17.99
N ASP C 180 -18.44 -48.74 -17.22
CA ASP C 180 -19.76 -48.70 -16.58
C ASP C 180 -20.69 -47.63 -17.14
N TYR C 181 -20.28 -46.86 -18.15
CA TYR C 181 -21.12 -45.77 -18.64
C TYR C 181 -22.11 -46.31 -19.65
N LYS C 182 -23.40 -46.25 -19.32
CA LYS C 182 -24.43 -46.84 -20.18
C LYS C 182 -24.70 -45.95 -21.39
N ASN C 183 -24.95 -44.66 -21.16
CA ASN C 183 -25.29 -43.72 -22.23
C ASN C 183 -24.02 -43.23 -22.94
N ILE C 184 -23.23 -44.19 -23.42
CA ILE C 184 -21.88 -43.88 -23.90
C ILE C 184 -21.91 -43.44 -25.36
N CYS C 185 -22.35 -44.31 -26.26
CA CYS C 185 -22.30 -44.04 -27.69
C CYS C 185 -23.46 -43.14 -28.12
N GLU C 189 -16.88 -38.11 -34.02
CA GLU C 189 -15.54 -38.68 -34.14
C GLU C 189 -15.56 -40.19 -33.90
N VAL C 190 -14.54 -40.87 -34.40
CA VAL C 190 -14.38 -42.31 -34.16
C VAL C 190 -13.98 -42.61 -32.73
N GLY C 191 -13.72 -41.59 -31.93
CA GLY C 191 -13.18 -41.79 -30.60
C GLY C 191 -11.69 -42.01 -30.66
N SER C 192 -10.92 -40.91 -30.59
CA SER C 192 -9.46 -41.01 -30.70
C SER C 192 -8.84 -41.44 -29.37
N LYS C 193 -8.92 -40.58 -28.37
CA LYS C 193 -8.22 -40.78 -27.11
C LYS C 193 -9.20 -40.96 -25.96
N ILE C 194 -8.90 -41.93 -25.10
CA ILE C 194 -9.68 -42.19 -23.88
C ILE C 194 -8.71 -42.19 -22.71
N TYR C 195 -8.99 -41.37 -21.71
CA TYR C 195 -8.09 -41.19 -20.58
C TYR C 195 -8.50 -42.12 -19.45
N VAL C 196 -7.58 -42.98 -19.02
CA VAL C 196 -7.83 -43.97 -17.97
C VAL C 196 -6.86 -43.73 -16.83
N ASP C 197 -7.36 -43.84 -15.60
CA ASP C 197 -6.59 -43.68 -14.37
C ASP C 197 -5.96 -42.28 -14.30
N ASP C 198 -6.83 -41.29 -14.15
CA ASP C 198 -6.43 -39.88 -14.04
C ASP C 198 -5.57 -39.46 -15.22
N GLY C 199 -5.90 -39.98 -16.40
CA GLY C 199 -5.19 -39.65 -17.61
C GLY C 199 -3.82 -40.28 -17.77
N LEU C 200 -3.47 -41.24 -16.91
CA LEU C 200 -2.18 -41.92 -17.04
C LEU C 200 -2.04 -42.57 -18.40
N ILE C 201 -3.07 -43.27 -18.84
CA ILE C 201 -3.05 -43.98 -20.13
C ILE C 201 -3.92 -43.24 -21.14
N ASN C 219 0.35 -44.60 -24.46
CA ASN C 219 1.45 -44.74 -23.51
C ASN C 219 1.17 -45.87 -22.52
N GLY C 220 2.21 -46.62 -22.17
CA GLY C 220 2.05 -47.76 -21.32
C GLY C 220 2.30 -47.48 -19.85
N GLY C 221 1.73 -48.33 -19.00
CA GLY C 221 1.89 -48.19 -17.57
C GLY C 221 1.14 -49.28 -16.84
N SER C 222 1.02 -49.09 -15.52
CA SER C 222 0.30 -50.04 -14.67
C SER C 222 -1.18 -49.66 -14.64
N LEU C 223 -2.04 -50.61 -15.00
CA LEU C 223 -3.48 -50.42 -15.03
C LEU C 223 -4.10 -51.18 -13.86
N GLY C 224 -4.58 -50.44 -12.86
CA GLY C 224 -5.17 -51.03 -11.68
C GLY C 224 -6.65 -51.31 -11.84
N SER C 225 -7.27 -51.65 -10.72
CA SER C 225 -8.69 -52.01 -10.71
C SER C 225 -9.53 -50.80 -10.34
N LYS C 226 -10.69 -50.69 -10.99
CA LYS C 226 -11.63 -49.59 -10.77
C LYS C 226 -10.92 -48.24 -10.92
N LYS C 227 -10.24 -48.06 -12.04
CA LYS C 227 -9.60 -46.79 -12.34
C LYS C 227 -10.58 -45.88 -13.05
N GLY C 228 -10.25 -44.60 -13.08
CA GLY C 228 -11.15 -43.60 -13.61
C GLY C 228 -10.99 -43.36 -15.09
N VAL C 229 -12.11 -43.02 -15.73
CA VAL C 229 -12.16 -42.71 -17.16
C VAL C 229 -12.81 -41.35 -17.28
N ASN C 230 -12.23 -40.49 -18.11
CA ASN C 230 -12.73 -39.13 -18.25
C ASN C 230 -13.02 -38.81 -19.71
N LEU C 231 -14.18 -38.16 -19.92
CA LEU C 231 -14.59 -37.66 -21.23
C LEU C 231 -14.76 -36.15 -21.11
N PRO C 232 -13.69 -35.37 -21.32
CA PRO C 232 -13.73 -33.91 -21.16
C PRO C 232 -14.63 -33.22 -22.17
N ASP C 237 -24.17 -36.98 -18.66
CA ASP C 237 -25.51 -36.63 -18.20
C ASP C 237 -25.88 -37.40 -16.95
N LEU C 238 -24.89 -38.02 -16.30
CA LEU C 238 -25.14 -38.77 -15.08
C LEU C 238 -25.66 -37.84 -13.99
N PRO C 239 -26.50 -38.36 -13.08
CA PRO C 239 -27.02 -37.50 -12.01
C PRO C 239 -25.90 -37.05 -11.07
N ALA C 240 -26.10 -35.88 -10.47
CA ALA C 240 -25.14 -35.39 -9.49
C ALA C 240 -25.02 -36.37 -8.34
N VAL C 241 -26.15 -36.74 -7.74
CA VAL C 241 -26.21 -37.78 -6.73
C VAL C 241 -26.94 -38.96 -7.32
N SER C 242 -26.29 -40.12 -7.32
CA SER C 242 -26.95 -41.34 -7.75
C SER C 242 -27.59 -42.01 -6.55
N GLU C 243 -28.41 -43.03 -6.83
CA GLU C 243 -28.96 -43.83 -5.75
C GLU C 243 -27.85 -44.47 -4.94
N LYS C 244 -26.79 -44.94 -5.60
CA LYS C 244 -25.60 -45.41 -4.87
C LYS C 244 -25.04 -44.30 -4.00
N ASP C 245 -25.02 -43.07 -4.52
CA ASP C 245 -24.62 -41.94 -3.70
C ASP C 245 -25.60 -41.72 -2.53
N ILE C 246 -26.90 -41.88 -2.78
CA ILE C 246 -27.96 -41.65 -1.79
C ILE C 246 -27.72 -42.47 -0.52
N GLN C 247 -27.36 -43.74 -0.75
CA GLN C 247 -27.04 -44.84 0.14
C GLN C 247 -25.82 -44.53 0.97
N ASP C 248 -24.73 -44.17 0.28
CA ASP C 248 -23.48 -43.84 0.94
C ASP C 248 -23.65 -42.68 1.92
N LEU C 249 -24.35 -41.61 1.53
CA LEU C 249 -24.57 -40.57 2.53
C LEU C 249 -25.51 -41.04 3.62
N LYS C 250 -26.56 -41.77 3.26
CA LYS C 250 -27.44 -42.30 4.28
C LYS C 250 -26.65 -43.18 5.22
N PHE C 251 -25.76 -44.01 4.66
CA PHE C 251 -24.84 -44.78 5.48
C PHE C 251 -23.93 -43.85 6.30
N GLY C 252 -23.47 -42.76 5.68
CA GLY C 252 -22.62 -41.82 6.39
C GLY C 252 -23.33 -41.15 7.55
N VAL C 253 -24.62 -40.83 7.36
CA VAL C 253 -25.42 -40.31 8.46
C VAL C 253 -25.53 -41.35 9.56
N GLU C 254 -25.69 -42.62 9.18
CA GLU C 254 -25.79 -43.69 10.18
C GLU C 254 -24.50 -43.85 10.95
N GLN C 255 -23.34 -43.68 10.29
CA GLN C 255 -22.05 -43.82 10.96
C GLN C 255 -21.56 -42.53 11.59
N ASP C 256 -22.34 -41.45 11.50
CA ASP C 256 -21.98 -40.19 12.14
C ASP C 256 -20.65 -39.66 11.62
N VAL C 257 -20.50 -39.66 10.29
CA VAL C 257 -19.34 -39.02 9.70
C VAL C 257 -19.48 -37.52 9.88
N ASP C 258 -18.35 -36.81 9.80
CA ASP C 258 -18.36 -35.39 10.09
C ASP C 258 -18.57 -34.52 8.86
N MET C 259 -18.27 -35.03 7.67
CA MET C 259 -18.31 -34.20 6.48
C MET C 259 -18.43 -35.10 5.26
N VAL C 260 -18.89 -34.50 4.17
CA VAL C 260 -19.09 -35.20 2.91
C VAL C 260 -18.33 -34.50 1.81
N PHE C 261 -17.52 -35.26 1.07
CA PHE C 261 -16.83 -34.76 -0.12
C PHE C 261 -17.63 -35.18 -1.34
N ALA C 262 -18.38 -34.23 -1.90
CA ALA C 262 -19.29 -34.51 -3.01
C ALA C 262 -18.53 -34.38 -4.33
N SER C 263 -18.36 -35.49 -5.03
CA SER C 263 -17.57 -35.51 -6.26
C SER C 263 -18.34 -34.89 -7.42
N PHE C 264 -17.60 -34.17 -8.28
CA PHE C 264 -18.11 -33.64 -9.54
C PHE C 264 -19.35 -32.77 -9.34
N ILE C 265 -19.29 -31.88 -8.36
CA ILE C 265 -20.37 -30.90 -8.20
C ILE C 265 -20.31 -29.93 -9.37
N ARG C 266 -21.42 -29.84 -10.12
CA ARG C 266 -21.46 -29.03 -11.33
C ARG C 266 -22.29 -27.75 -11.19
N LYS C 267 -23.18 -27.67 -10.20
CA LYS C 267 -24.06 -26.52 -10.07
C LYS C 267 -24.53 -26.44 -8.62
N ALA C 268 -25.19 -25.33 -8.30
CA ALA C 268 -25.70 -25.15 -6.94
C ALA C 268 -26.81 -26.14 -6.63
N SER C 269 -27.66 -26.46 -7.62
CA SER C 269 -28.70 -27.46 -7.44
C SER C 269 -28.12 -28.79 -6.98
N ASP C 270 -26.90 -29.13 -7.43
CA ASP C 270 -26.25 -30.36 -6.98
C ASP C 270 -26.03 -30.33 -5.47
N VAL C 271 -25.51 -29.21 -4.95
CA VAL C 271 -25.27 -29.09 -3.51
C VAL C 271 -26.58 -29.22 -2.73
N HIS C 272 -27.65 -28.62 -3.24
CA HIS C 272 -28.93 -28.70 -2.54
C HIS C 272 -29.45 -30.13 -2.49
N GLU C 273 -29.17 -30.93 -3.53
CA GLU C 273 -29.60 -32.33 -3.52
C GLU C 273 -28.86 -33.11 -2.45
N VAL C 274 -27.55 -32.86 -2.28
CA VAL C 274 -26.81 -33.53 -1.22
C VAL C 274 -27.39 -33.17 0.15
N ARG C 275 -27.71 -31.88 0.36
CA ARG C 275 -28.24 -31.46 1.64
C ARG C 275 -29.59 -32.11 1.95
N LYS C 276 -30.46 -32.20 0.94
CA LYS C 276 -31.74 -32.85 1.13
C LYS C 276 -31.58 -34.31 1.55
N VAL C 277 -30.60 -35.00 0.95
CA VAL C 277 -30.37 -36.40 1.28
C VAL C 277 -29.90 -36.55 2.72
N LEU C 278 -28.95 -35.71 3.13
CA LEU C 278 -28.52 -35.74 4.53
C LEU C 278 -29.65 -35.33 5.46
N GLY C 279 -30.55 -34.47 4.99
CA GLY C 279 -31.78 -34.14 5.68
C GLY C 279 -31.57 -33.57 7.08
N GLU C 280 -32.64 -33.64 7.87
CA GLU C 280 -32.55 -33.20 9.26
C GLU C 280 -31.61 -34.09 10.06
N LYS C 281 -31.57 -35.39 9.73
CA LYS C 281 -30.70 -36.31 10.45
C LYS C 281 -29.24 -35.90 10.28
N GLY C 282 -28.88 -35.39 9.11
CA GLY C 282 -27.52 -34.95 8.84
C GLY C 282 -27.36 -33.46 8.63
N LYS C 283 -28.25 -32.66 9.25
CA LYS C 283 -28.24 -31.22 9.04
C LYS C 283 -26.91 -30.57 9.44
N ASN C 284 -26.16 -31.22 10.32
CA ASN C 284 -24.87 -30.69 10.76
C ASN C 284 -23.71 -31.24 9.97
N ILE C 285 -23.96 -32.12 9.01
CA ILE C 285 -22.89 -32.65 8.16
C ILE C 285 -22.44 -31.56 7.20
N LYS C 286 -21.15 -31.21 7.26
CA LYS C 286 -20.60 -30.20 6.36
C LYS C 286 -20.47 -30.76 4.96
N ILE C 287 -20.95 -30.02 3.97
CA ILE C 287 -20.87 -30.43 2.57
C ILE C 287 -19.75 -29.65 1.90
N ILE C 288 -18.72 -30.36 1.46
CA ILE C 288 -17.60 -29.78 0.74
C ILE C 288 -17.74 -30.18 -0.73
N SER C 289 -17.94 -29.20 -1.60
CA SER C 289 -18.10 -29.47 -3.01
C SER C 289 -16.75 -29.64 -3.69
N LYS C 290 -16.59 -30.74 -4.42
CA LYS C 290 -15.36 -31.01 -5.16
C LYS C 290 -15.50 -30.46 -6.58
N ILE C 291 -14.66 -29.49 -6.91
CA ILE C 291 -14.64 -28.93 -8.25
C ILE C 291 -13.63 -29.73 -9.06
N GLU C 292 -14.13 -30.49 -10.04
CA GLU C 292 -13.30 -31.42 -10.80
C GLU C 292 -13.38 -31.21 -12.31
N ASN C 293 -14.13 -30.22 -12.78
CA ASN C 293 -14.34 -30.08 -14.21
C ASN C 293 -14.58 -28.61 -14.55
N HIS C 294 -14.71 -28.35 -15.86
CA HIS C 294 -14.86 -26.99 -16.36
C HIS C 294 -16.11 -26.32 -15.81
N GLU C 295 -17.24 -27.03 -15.82
CA GLU C 295 -18.49 -26.44 -15.37
C GLU C 295 -18.43 -26.04 -13.91
N GLY C 296 -17.79 -26.86 -13.08
CA GLY C 296 -17.66 -26.51 -11.68
C GLY C 296 -16.91 -25.21 -11.47
N VAL C 297 -15.85 -24.99 -12.24
CA VAL C 297 -15.08 -23.76 -12.13
C VAL C 297 -15.92 -22.57 -12.59
N ARG C 298 -16.59 -22.69 -13.74
CA ARG C 298 -17.33 -21.56 -14.29
C ARG C 298 -18.49 -21.14 -13.39
N ARG C 299 -19.08 -22.09 -12.65
CA ARG C 299 -20.18 -21.81 -11.74
C ARG C 299 -19.72 -21.84 -10.29
N PHE C 300 -18.47 -21.49 -10.04
CA PHE C 300 -17.89 -21.65 -8.71
C PHE C 300 -18.62 -20.82 -7.66
N ASP C 301 -18.95 -19.57 -7.99
CA ASP C 301 -19.55 -18.68 -7.01
C ASP C 301 -20.87 -19.23 -6.48
N GLU C 302 -21.72 -19.75 -7.36
CA GLU C 302 -22.99 -20.31 -6.91
C GLU C 302 -22.79 -21.61 -6.14
N ILE C 303 -21.76 -22.39 -6.49
CA ILE C 303 -21.47 -23.61 -5.73
C ILE C 303 -20.98 -23.26 -4.33
N LEU C 304 -20.12 -22.25 -4.22
CA LEU C 304 -19.55 -21.89 -2.93
C LEU C 304 -20.63 -21.37 -1.97
N GLU C 305 -21.59 -20.60 -2.48
CA GLU C 305 -22.65 -20.06 -1.62
C GLU C 305 -23.48 -21.17 -1.00
N ALA C 306 -23.71 -22.25 -1.75
CA ALA C 306 -24.54 -23.35 -1.25
C ALA C 306 -23.77 -24.33 -0.39
N SER C 307 -22.45 -24.37 -0.50
CA SER C 307 -21.64 -25.38 0.15
C SER C 307 -21.08 -24.87 1.48
N ASP C 308 -20.60 -25.80 2.30
CA ASP C 308 -19.85 -25.45 3.50
C ASP C 308 -18.37 -25.31 3.23
N GLY C 309 -17.88 -25.87 2.13
CA GLY C 309 -16.47 -25.79 1.78
C GLY C 309 -16.25 -26.31 0.37
N ILE C 310 -14.99 -26.29 -0.04
CA ILE C 310 -14.61 -26.60 -1.41
C ILE C 310 -13.34 -27.45 -1.41
N MET C 311 -13.27 -28.44 -2.30
CA MET C 311 -12.06 -29.19 -2.54
C MET C 311 -11.62 -28.97 -3.99
N VAL C 312 -10.39 -28.52 -4.17
CA VAL C 312 -9.78 -28.42 -5.49
C VAL C 312 -9.30 -29.81 -5.87
N ALA C 313 -10.16 -30.58 -6.53
CA ALA C 313 -9.87 -31.97 -6.89
C ALA C 313 -9.02 -31.98 -8.16
N ARG C 314 -7.71 -31.82 -7.96
CA ARG C 314 -6.81 -31.55 -9.08
C ARG C 314 -6.67 -32.73 -10.02
N GLY C 315 -6.79 -33.96 -9.51
CA GLY C 315 -6.71 -35.14 -10.34
C GLY C 315 -7.62 -35.08 -11.56
N ASP C 316 -8.94 -35.04 -11.32
CA ASP C 316 -9.89 -34.94 -12.42
C ASP C 316 -9.85 -33.57 -13.08
N LEU C 317 -9.65 -32.52 -12.28
CA LEU C 317 -9.60 -31.18 -12.85
C LEU C 317 -8.48 -31.05 -13.88
N GLY C 318 -7.32 -31.62 -13.57
CA GLY C 318 -6.21 -31.61 -14.50
C GLY C 318 -6.44 -32.41 -15.76
N ILE C 319 -7.46 -33.27 -15.75
CA ILE C 319 -7.86 -33.99 -16.95
C ILE C 319 -8.96 -33.26 -17.71
N GLU C 320 -9.92 -32.68 -16.98
CA GLU C 320 -11.05 -32.03 -17.63
C GLU C 320 -10.64 -30.72 -18.28
N ILE C 321 -9.73 -29.98 -17.64
CA ILE C 321 -9.24 -28.72 -18.20
C ILE C 321 -7.75 -28.88 -18.51
N PRO C 322 -7.18 -28.04 -19.38
CA PRO C 322 -5.74 -28.16 -19.67
C PRO C 322 -4.88 -28.09 -18.43
N ALA C 323 -3.88 -28.98 -18.38
CA ALA C 323 -3.02 -29.09 -17.20
C ALA C 323 -2.31 -27.77 -16.89
N GLU C 324 -1.98 -26.99 -17.91
CA GLU C 324 -1.29 -25.72 -17.69
C GLU C 324 -2.18 -24.66 -17.05
N LYS C 325 -3.48 -24.90 -16.93
CA LYS C 325 -4.38 -23.93 -16.32
C LYS C 325 -4.81 -24.30 -14.91
N VAL C 326 -4.42 -25.47 -14.41
CA VAL C 326 -4.94 -25.94 -13.11
C VAL C 326 -4.54 -24.98 -12.00
N PHE C 327 -3.32 -24.46 -12.04
CA PHE C 327 -2.90 -23.54 -10.99
C PHE C 327 -3.75 -22.28 -10.97
N LEU C 328 -4.26 -21.86 -12.13
CA LEU C 328 -5.17 -20.73 -12.17
C LEU C 328 -6.45 -21.04 -11.40
N ALA C 329 -7.05 -22.20 -11.68
CA ALA C 329 -8.27 -22.61 -10.98
C ALA C 329 -8.02 -22.82 -9.49
N GLN C 330 -6.86 -23.33 -9.13
CA GLN C 330 -6.55 -23.54 -7.72
C GLN C 330 -6.48 -22.22 -6.97
N LYS C 331 -5.71 -21.25 -7.51
CA LYS C 331 -5.56 -19.97 -6.82
C LYS C 331 -6.84 -19.17 -6.83
N MET C 332 -7.65 -19.32 -7.89
CA MET C 332 -8.96 -18.66 -7.90
C MET C 332 -9.83 -19.18 -6.76
N MET C 333 -9.96 -20.50 -6.65
CA MET C 333 -10.88 -21.07 -5.66
C MET C 333 -10.38 -20.84 -4.25
N ILE C 334 -9.06 -20.93 -4.03
CA ILE C 334 -8.52 -20.67 -2.70
C ILE C 334 -8.74 -19.21 -2.32
N GLY C 335 -8.49 -18.30 -3.25
CA GLY C 335 -8.73 -16.89 -2.97
C GLY C 335 -10.17 -16.61 -2.63
N ARG C 336 -11.10 -17.15 -3.43
CA ARG C 336 -12.51 -16.86 -3.21
C ARG C 336 -13.02 -17.52 -1.92
N CYS C 337 -12.52 -18.71 -1.60
CA CYS C 337 -12.89 -19.35 -0.34
C CYS C 337 -12.37 -18.54 0.84
N ASN C 338 -11.12 -18.10 0.78
CA ASN C 338 -10.59 -17.18 1.79
C ASN C 338 -11.43 -15.92 1.87
N ARG C 339 -11.82 -15.38 0.71
CA ARG C 339 -12.62 -14.16 0.68
C ARG C 339 -13.99 -14.40 1.29
N ALA C 340 -14.54 -15.60 1.13
CA ALA C 340 -15.83 -15.94 1.72
C ALA C 340 -15.71 -16.49 3.14
N GLY C 341 -14.51 -16.79 3.60
CA GLY C 341 -14.35 -17.41 4.89
C GLY C 341 -14.90 -18.82 4.97
N LYS C 342 -14.83 -19.57 3.87
CA LYS C 342 -15.25 -20.96 3.85
C LYS C 342 -14.05 -21.86 3.56
N PRO C 343 -13.98 -23.04 4.18
CA PRO C 343 -12.80 -23.90 4.03
C PRO C 343 -12.56 -24.30 2.59
N VAL C 344 -11.28 -24.42 2.23
CA VAL C 344 -10.87 -24.89 0.92
C VAL C 344 -9.78 -25.94 1.10
N ILE C 345 -9.89 -27.03 0.36
CA ILE C 345 -8.96 -28.15 0.42
C ILE C 345 -8.21 -28.24 -0.90
N CYS C 346 -6.88 -28.28 -0.83
CA CYS C 346 -6.06 -28.62 -1.98
C CYS C 346 -5.73 -30.10 -1.95
N ALA C 347 -6.01 -30.80 -3.04
CA ALA C 347 -5.96 -32.26 -3.03
C ALA C 347 -5.24 -32.79 -4.26
N THR C 348 -4.70 -34.01 -4.11
CA THR C 348 -4.33 -34.95 -5.18
C THR C 348 -2.94 -34.69 -5.77
N GLN C 349 -2.09 -35.71 -5.69
CA GLN C 349 -0.75 -35.73 -6.28
C GLN C 349 0.18 -34.69 -5.67
N MET C 350 -0.11 -34.23 -4.46
CA MET C 350 0.77 -33.27 -3.79
C MET C 350 2.13 -33.90 -3.53
N LEU C 351 2.15 -35.19 -3.18
CA LEU C 351 3.37 -35.97 -2.96
C LEU C 351 3.29 -37.30 -3.70
N GLU C 352 2.91 -37.25 -4.98
CA GLU C 352 2.56 -38.46 -5.72
C GLU C 352 3.69 -39.48 -5.73
N SER C 353 4.93 -39.03 -5.89
CA SER C 353 6.06 -39.95 -5.98
C SER C 353 6.28 -40.73 -4.69
N MET C 354 5.77 -40.26 -3.56
CA MET C 354 5.96 -40.96 -2.29
C MET C 354 5.14 -42.23 -2.17
N ILE C 355 4.35 -42.58 -3.18
CA ILE C 355 3.72 -43.90 -3.19
C ILE C 355 4.79 -44.99 -3.21
N LYS C 356 5.89 -44.73 -3.93
CA LYS C 356 6.99 -45.68 -4.03
C LYS C 356 8.29 -45.19 -3.41
N LYS C 357 8.43 -43.90 -3.15
CA LYS C 357 9.70 -43.42 -2.63
C LYS C 357 9.52 -42.78 -1.26
N PRO C 358 10.50 -42.91 -0.37
CA PRO C 358 10.36 -42.32 0.98
C PRO C 358 10.57 -40.81 1.00
N ARG C 359 11.10 -40.21 -0.07
CA ARG C 359 11.29 -38.77 -0.13
C ARG C 359 10.53 -38.20 -1.31
N PRO C 360 9.93 -37.02 -1.16
CA PRO C 360 9.21 -36.42 -2.29
C PRO C 360 10.16 -35.74 -3.25
N THR C 361 9.64 -35.43 -4.44
CA THR C 361 10.39 -34.66 -5.39
C THR C 361 10.36 -33.17 -5.00
N ARG C 362 11.28 -32.41 -5.59
CA ARG C 362 11.32 -30.98 -5.29
C ARG C 362 10.06 -30.27 -5.75
N ALA C 363 9.47 -30.73 -6.85
CA ALA C 363 8.20 -30.15 -7.30
C ALA C 363 7.09 -30.46 -6.31
N GLU C 364 7.13 -31.66 -5.71
CA GLU C 364 6.11 -32.04 -4.75
C GLU C 364 6.24 -31.23 -3.46
N GLY C 365 7.48 -31.05 -2.97
CA GLY C 365 7.68 -30.19 -1.81
C GLY C 365 7.22 -28.76 -2.06
N SER C 366 7.50 -28.24 -3.25
CA SER C 366 7.07 -26.90 -3.60
C SER C 366 5.55 -26.79 -3.69
N ASP C 367 4.89 -27.83 -4.19
CA ASP C 367 3.43 -27.79 -4.34
C ASP C 367 2.74 -27.66 -3.00
N VAL C 368 3.17 -28.44 -2.01
CA VAL C 368 2.57 -28.37 -0.68
C VAL C 368 2.76 -26.99 -0.07
N ALA C 369 4.01 -26.49 -0.09
CA ALA C 369 4.29 -25.17 0.47
C ALA C 369 3.46 -24.10 -0.21
N ASN C 370 3.40 -24.13 -1.54
CA ASN C 370 2.67 -23.09 -2.26
C ASN C 370 1.17 -23.20 -2.04
N ALA C 371 0.65 -24.41 -1.81
CA ALA C 371 -0.76 -24.55 -1.46
C ALA C 371 -1.07 -23.84 -0.16
N VAL C 372 -0.19 -23.99 0.84
CA VAL C 372 -0.37 -23.29 2.11
C VAL C 372 -0.26 -21.78 1.90
N LEU C 373 0.75 -21.35 1.13
CA LEU C 373 0.91 -19.93 0.83
C LEU C 373 -0.28 -19.38 0.03
N ASP C 374 -0.88 -20.19 -0.84
CA ASP C 374 -2.08 -19.75 -1.54
C ASP C 374 -3.20 -19.41 -0.57
N GLY C 375 -3.29 -20.14 0.54
CA GLY C 375 -4.31 -19.90 1.54
C GLY C 375 -5.18 -21.12 1.80
N ALA C 376 -4.70 -22.30 1.42
CA ALA C 376 -5.49 -23.52 1.59
C ALA C 376 -5.63 -23.88 3.06
N ASP C 377 -6.86 -24.23 3.45
CA ASP C 377 -7.14 -24.62 4.82
C ASP C 377 -6.63 -26.02 5.13
N CYS C 378 -6.76 -26.93 4.16
CA CYS C 378 -6.32 -28.30 4.32
C CYS C 378 -5.58 -28.72 3.06
N ILE C 379 -4.67 -29.67 3.24
CA ILE C 379 -4.01 -30.35 2.14
C ILE C 379 -4.29 -31.84 2.29
N MET C 380 -4.32 -32.54 1.17
CA MET C 380 -4.77 -33.93 1.16
C MET C 380 -3.72 -34.87 0.59
N LEU C 381 -3.80 -36.13 1.01
CA LEU C 381 -3.04 -37.21 0.41
C LEU C 381 -4.05 -38.26 -0.07
N SER C 382 -4.03 -38.57 -1.36
CA SER C 382 -4.99 -39.49 -1.98
C SER C 382 -4.21 -40.60 -2.69
N GLY C 383 -3.83 -41.63 -1.93
CA GLY C 383 -3.08 -42.75 -2.42
C GLY C 383 -1.69 -42.84 -1.83
N GLU C 384 -1.09 -41.69 -1.51
CA GLU C 384 0.17 -41.69 -0.77
C GLU C 384 -0.01 -42.37 0.57
N THR C 385 -1.23 -42.30 1.12
CA THR C 385 -1.61 -42.95 2.36
C THR C 385 -2.56 -44.10 2.16
N ALA C 386 -3.33 -44.12 1.07
CA ALA C 386 -4.30 -45.19 0.85
C ALA C 386 -3.62 -46.49 0.41
N LYS C 387 -2.67 -46.41 -0.53
CA LYS C 387 -2.08 -47.61 -1.10
C LYS C 387 -0.56 -47.59 -1.20
N GLY C 388 0.09 -46.45 -0.94
CA GLY C 388 1.53 -46.37 -1.12
C GLY C 388 2.32 -47.15 -0.09
N ASP C 389 3.63 -47.20 -0.32
CA ASP C 389 4.56 -47.93 0.54
C ASP C 389 5.12 -47.09 1.69
N TYR C 390 4.87 -45.78 1.70
CA TYR C 390 5.40 -44.88 2.73
C TYR C 390 4.32 -43.94 3.24
N PRO C 391 3.26 -44.47 3.86
CA PRO C 391 2.19 -43.58 4.32
C PRO C 391 2.59 -42.67 5.48
N LEU C 392 3.29 -43.21 6.49
CA LEU C 392 3.69 -42.38 7.63
C LEU C 392 4.60 -41.24 7.19
N GLU C 393 5.58 -41.54 6.33
CA GLU C 393 6.50 -40.51 5.87
C GLU C 393 5.76 -39.43 5.08
N ALA C 394 4.74 -39.83 4.30
CA ALA C 394 3.98 -38.86 3.52
C ALA C 394 3.24 -37.88 4.43
N VAL C 395 2.64 -38.38 5.52
CA VAL C 395 1.95 -37.48 6.45
C VAL C 395 2.95 -36.57 7.14
N ARG C 396 4.08 -37.12 7.57
CA ARG C 396 5.07 -36.31 8.28
C ARG C 396 5.62 -35.22 7.37
N MET C 397 5.81 -35.52 6.09
CA MET C 397 6.31 -34.52 5.16
C MET C 397 5.33 -33.37 5.03
N GLN C 398 4.04 -33.66 4.88
CA GLN C 398 3.06 -32.58 4.80
C GLN C 398 3.07 -31.74 6.07
N HIS C 399 3.19 -32.39 7.23
CA HIS C 399 3.30 -31.66 8.49
C HIS C 399 4.50 -30.72 8.48
N LEU C 400 5.65 -31.23 8.06
CA LEU C 400 6.87 -30.42 8.06
C LEU C 400 6.77 -29.27 7.07
N ILE C 401 6.34 -29.54 5.84
CA ILE C 401 6.27 -28.50 4.83
C ILE C 401 5.25 -27.43 5.21
N ALA C 402 4.06 -27.87 5.65
CA ALA C 402 3.02 -26.92 6.00
C ALA C 402 3.48 -25.96 7.09
N ARG C 403 4.14 -26.49 8.12
CA ARG C 403 4.60 -25.63 9.21
C ARG C 403 5.58 -24.58 8.71
N GLU C 404 6.54 -24.99 7.87
CA GLU C 404 7.48 -24.03 7.30
C GLU C 404 6.76 -22.98 6.47
N ALA C 405 5.78 -23.40 5.66
CA ALA C 405 5.09 -22.46 4.79
C ALA C 405 4.22 -21.50 5.58
N GLU C 406 3.62 -21.95 6.68
CA GLU C 406 2.80 -21.06 7.48
C GLU C 406 3.62 -19.90 8.04
N ALA C 407 4.88 -20.17 8.41
CA ALA C 407 5.75 -19.10 8.86
C ALA C 407 6.16 -18.16 7.74
N ALA C 408 6.13 -18.63 6.49
CA ALA C 408 6.56 -17.82 5.36
C ALA C 408 5.44 -16.95 4.79
N ILE C 409 4.22 -17.10 5.30
CA ILE C 409 3.12 -16.25 4.87
C ILE C 409 3.43 -14.80 5.21
N TYR C 410 3.12 -13.91 4.27
CA TYR C 410 3.28 -12.47 4.46
C TYR C 410 2.03 -11.95 5.17
N HIS C 411 2.00 -12.18 6.49
CA HIS C 411 0.79 -11.87 7.26
C HIS C 411 0.43 -10.39 7.19
N LEU C 412 1.42 -9.51 7.07
CA LEU C 412 1.16 -8.07 7.01
C LEU C 412 0.18 -7.75 5.90
N GLN C 413 0.42 -8.26 4.68
CA GLN C 413 -0.48 -7.98 3.57
C GLN C 413 -1.75 -8.80 3.67
N LEU C 414 -1.65 -10.05 4.12
CA LEU C 414 -2.82 -10.92 4.19
C LEU C 414 -3.88 -10.34 5.13
N PHE C 415 -3.48 -9.99 6.36
CA PHE C 415 -4.44 -9.44 7.30
C PHE C 415 -5.06 -8.15 6.78
N GLU C 416 -4.25 -7.30 6.15
CA GLU C 416 -4.75 -6.03 5.63
C GLU C 416 -5.84 -6.25 4.58
N GLU C 417 -5.58 -7.12 3.62
CA GLU C 417 -6.53 -7.32 2.53
C GLU C 417 -7.78 -8.04 3.00
N LEU C 418 -7.63 -9.01 3.91
CA LEU C 418 -8.80 -9.69 4.47
C LEU C 418 -9.70 -8.69 5.19
N ARG C 419 -9.10 -7.74 5.90
CA ARG C 419 -9.88 -6.70 6.57
C ARG C 419 -10.52 -5.74 5.58
N ARG C 420 -9.73 -5.25 4.61
CA ARG C 420 -10.27 -4.30 3.65
C ARG C 420 -11.39 -4.94 2.83
N LEU C 421 -11.27 -6.23 2.52
CA LEU C 421 -12.33 -6.93 1.81
C LEU C 421 -13.46 -7.40 2.71
N ALA C 422 -13.37 -7.16 4.01
CA ALA C 422 -14.39 -7.59 4.95
C ALA C 422 -15.41 -6.48 5.16
N ALA C 423 -16.68 -6.87 5.31
CA ALA C 423 -17.78 -5.92 5.41
C ALA C 423 -17.91 -5.36 6.81
N ILE C 424 -18.35 -4.10 6.89
CA ILE C 424 -18.68 -3.49 8.17
C ILE C 424 -19.99 -4.07 8.67
N THR C 425 -19.93 -4.77 9.81
CA THR C 425 -21.08 -5.48 10.32
C THR C 425 -21.39 -5.04 11.76
N SER C 426 -22.66 -5.20 12.14
CA SER C 426 -23.09 -4.96 13.50
C SER C 426 -23.06 -6.22 14.36
N ASP C 427 -22.43 -7.29 13.88
CA ASP C 427 -22.33 -8.53 14.64
C ASP C 427 -21.22 -8.41 15.66
N PRO C 428 -21.51 -8.51 16.96
CA PRO C 428 -20.43 -8.41 17.96
C PRO C 428 -19.37 -9.48 17.84
N THR C 429 -19.74 -10.71 17.46
CA THR C 429 -18.75 -11.77 17.36
C THR C 429 -17.78 -11.53 16.23
N GLU C 430 -18.25 -10.97 15.12
CA GLU C 430 -17.37 -10.70 14.00
C GLU C 430 -16.34 -9.63 14.37
N ALA C 431 -16.80 -8.55 15.01
CA ALA C 431 -15.89 -7.51 15.46
C ALA C 431 -14.93 -8.04 16.52
N THR C 432 -15.43 -8.90 17.43
CA THR C 432 -14.57 -9.47 18.46
C THR C 432 -13.50 -10.37 17.87
N ALA C 433 -13.85 -11.16 16.85
CA ALA C 433 -12.89 -12.09 16.26
C ALA C 433 -11.75 -11.35 15.59
N VAL C 434 -12.07 -10.32 14.79
CA VAL C 434 -11.03 -9.57 14.10
C VAL C 434 -10.22 -8.74 15.09
N GLY C 435 -10.83 -8.34 16.21
CA GLY C 435 -10.06 -7.68 17.26
C GLY C 435 -9.07 -8.62 17.91
N ALA C 436 -9.46 -9.87 18.12
CA ALA C 436 -8.56 -10.85 18.71
C ALA C 436 -7.36 -11.12 17.80
N VAL C 437 -7.60 -11.18 16.48
CA VAL C 437 -6.51 -11.45 15.55
C VAL C 437 -5.53 -10.28 15.52
N GLU C 438 -6.04 -9.04 15.49
CA GLU C 438 -5.17 -7.88 15.56
C GLU C 438 -4.34 -7.89 16.84
N ALA C 439 -4.98 -8.19 17.98
CA ALA C 439 -4.28 -8.23 19.24
C ALA C 439 -3.21 -9.32 19.25
N SER C 440 -3.50 -10.47 18.63
CA SER C 440 -2.53 -11.55 18.61
C SER C 440 -1.30 -11.18 17.78
N PHE C 441 -1.48 -10.32 16.77
CA PHE C 441 -0.34 -9.83 16.02
C PHE C 441 0.47 -8.84 16.86
N LYS C 442 -0.21 -8.00 17.64
CA LYS C 442 0.49 -6.94 18.37
C LYS C 442 1.43 -7.53 19.42
N CYS C 443 1.01 -8.64 20.06
CA CYS C 443 1.81 -9.24 21.12
C CYS C 443 2.43 -10.57 20.71
N CYS C 444 2.39 -10.90 19.41
CA CYS C 444 2.93 -12.16 18.90
C CYS C 444 2.44 -13.34 19.75
N SER C 445 1.13 -13.43 19.87
CA SER C 445 0.50 -14.34 20.83
C SER C 445 0.90 -15.78 20.55
N GLY C 446 0.96 -16.57 21.64
CA GLY C 446 1.22 -17.99 21.52
C GLY C 446 0.02 -18.80 21.07
N ALA C 447 -1.18 -18.28 21.25
CA ALA C 447 -2.39 -18.96 20.82
C ALA C 447 -3.58 -18.01 20.95
N ILE C 448 -4.63 -18.32 20.21
CA ILE C 448 -5.93 -17.69 20.37
C ILE C 448 -6.89 -18.77 20.84
N ILE C 449 -7.27 -18.71 22.11
CA ILE C 449 -8.19 -19.67 22.70
C ILE C 449 -9.63 -19.21 22.43
N VAL C 450 -10.43 -20.10 21.86
CA VAL C 450 -11.80 -19.79 21.49
C VAL C 450 -12.71 -20.84 22.10
N LEU C 451 -13.66 -20.39 22.92
CA LEU C 451 -14.74 -21.24 23.43
C LEU C 451 -15.88 -21.22 22.42
N THR C 452 -16.28 -22.40 21.95
CA THR C 452 -17.34 -22.48 20.95
C THR C 452 -18.10 -23.80 21.08
N LYS C 453 -19.41 -23.74 20.84
CA LYS C 453 -20.25 -24.93 20.81
C LYS C 453 -20.48 -25.45 19.39
N SER C 454 -20.77 -24.56 18.45
CA SER C 454 -21.02 -24.93 17.07
C SER C 454 -19.79 -24.80 16.18
N GLY C 455 -18.74 -24.14 16.65
CA GLY C 455 -17.56 -23.87 15.86
C GLY C 455 -17.52 -22.48 15.22
N ARG C 456 -18.66 -21.79 15.14
CA ARG C 456 -18.73 -20.53 14.40
C ARG C 456 -17.71 -19.53 14.92
N SER C 457 -17.62 -19.38 16.24
CA SER C 457 -16.68 -18.44 16.83
C SER C 457 -15.25 -18.73 16.37
N ALA C 458 -14.88 -20.01 16.33
CA ALA C 458 -13.55 -20.37 15.86
C ALA C 458 -13.41 -20.14 14.36
N HIS C 459 -14.47 -20.42 13.60
CA HIS C 459 -14.42 -20.18 12.16
C HIS C 459 -14.20 -18.71 11.86
N GLN C 460 -14.85 -17.82 12.62
CA GLN C 460 -14.72 -16.39 12.36
C GLN C 460 -13.31 -15.90 12.63
N VAL C 461 -12.62 -16.50 13.61
CA VAL C 461 -11.24 -16.10 13.85
C VAL C 461 -10.33 -16.60 12.72
N ALA C 462 -10.53 -17.85 12.30
CA ALA C 462 -9.67 -18.44 11.29
C ALA C 462 -9.76 -17.68 9.96
N ARG C 463 -10.92 -17.08 9.68
CA ARG C 463 -11.10 -16.38 8.41
C ARG C 463 -10.19 -15.16 8.28
N TYR C 464 -9.72 -14.62 9.40
CA TYR C 464 -8.79 -13.50 9.36
C TYR C 464 -7.34 -13.96 9.41
N ARG C 465 -7.10 -15.27 9.44
CA ARG C 465 -5.80 -15.92 9.21
C ARG C 465 -4.71 -15.43 10.14
N PRO C 466 -4.84 -15.64 11.44
CA PRO C 466 -3.76 -15.25 12.36
C PRO C 466 -2.56 -16.17 12.22
N ARG C 467 -1.41 -15.65 12.65
CA ARG C 467 -0.21 -16.48 12.73
C ARG C 467 -0.34 -17.48 13.87
N ALA C 468 -0.86 -17.03 15.01
CA ALA C 468 -0.96 -17.88 16.17
C ALA C 468 -1.99 -19.00 15.94
N PRO C 469 -1.80 -20.16 16.57
CA PRO C 469 -2.81 -21.22 16.43
C PRO C 469 -4.08 -20.87 17.19
N ILE C 470 -5.20 -21.37 16.69
CA ILE C 470 -6.50 -21.12 17.28
C ILE C 470 -6.92 -22.39 18.02
N ILE C 471 -6.84 -22.35 19.34
CA ILE C 471 -7.22 -23.48 20.18
C ILE C 471 -8.70 -23.36 20.48
N ALA C 472 -9.52 -24.14 19.78
CA ALA C 472 -10.96 -24.15 19.99
C ALA C 472 -11.31 -25.18 21.06
N VAL C 473 -11.91 -24.73 22.15
CA VAL C 473 -12.38 -25.61 23.21
C VAL C 473 -13.87 -25.84 23.01
N THR C 474 -14.27 -27.11 22.97
CA THR C 474 -15.67 -27.47 22.78
C THR C 474 -15.99 -28.71 23.58
N ARG C 475 -17.24 -28.82 24.00
CA ARG C 475 -17.77 -30.07 24.52
C ARG C 475 -18.52 -30.86 23.45
N ASN C 476 -18.69 -30.29 22.25
CA ASN C 476 -19.36 -30.95 21.14
C ASN C 476 -18.33 -31.74 20.35
N PRO C 477 -18.37 -33.08 20.37
CA PRO C 477 -17.34 -33.83 19.64
C PRO C 477 -17.41 -33.64 18.13
N GLN C 478 -18.62 -33.51 17.58
CA GLN C 478 -18.73 -33.28 16.14
C GLN C 478 -18.11 -31.94 15.76
N THR C 479 -18.39 -30.90 16.57
CA THR C 479 -17.74 -29.61 16.36
C THR C 479 -16.22 -29.73 16.41
N ALA C 480 -15.71 -30.53 17.35
CA ALA C 480 -14.27 -30.74 17.46
C ALA C 480 -13.69 -31.36 16.19
N ARG C 481 -14.37 -32.36 15.64
CA ARG C 481 -13.83 -33.03 14.46
C ARG C 481 -13.95 -32.15 13.23
N GLN C 482 -15.07 -31.45 13.07
CA GLN C 482 -15.27 -30.61 11.89
C GLN C 482 -14.34 -29.41 11.88
N ALA C 483 -13.80 -29.02 13.04
CA ALA C 483 -12.93 -27.86 13.12
C ALA C 483 -11.66 -28.02 12.29
N HIS C 484 -11.27 -29.25 11.96
CA HIS C 484 -10.06 -29.47 11.17
C HIS C 484 -10.17 -28.85 9.79
N LEU C 485 -11.38 -28.54 9.33
CA LEU C 485 -11.56 -27.98 8.00
C LEU C 485 -10.99 -26.57 7.89
N TYR C 486 -10.73 -25.91 9.01
CA TYR C 486 -10.35 -24.51 9.01
C TYR C 486 -8.88 -24.37 9.38
N ARG C 487 -8.16 -23.55 8.60
CA ARG C 487 -6.77 -23.26 8.88
C ARG C 487 -6.61 -22.72 10.29
N GLY C 488 -5.70 -23.32 11.05
CA GLY C 488 -5.27 -22.78 12.32
C GLY C 488 -6.07 -23.24 13.52
N ILE C 489 -7.22 -23.87 13.33
CA ILE C 489 -8.02 -24.31 14.46
C ILE C 489 -7.47 -25.63 14.97
N PHE C 490 -6.94 -25.60 16.20
CA PHE C 490 -6.51 -26.80 16.90
C PHE C 490 -7.60 -27.16 17.91
N PRO C 491 -8.51 -28.06 17.58
CA PRO C 491 -9.65 -28.33 18.47
C PRO C 491 -9.27 -29.22 19.64
N VAL C 492 -9.79 -28.88 20.82
CA VAL C 492 -9.62 -29.68 22.02
C VAL C 492 -11.00 -30.01 22.59
N LEU C 493 -11.22 -31.28 22.90
CA LEU C 493 -12.51 -31.75 23.42
C LEU C 493 -12.44 -31.76 24.94
N CYS C 494 -13.16 -30.83 25.57
CA CYS C 494 -13.21 -30.76 27.02
C CYS C 494 -14.19 -31.79 27.57
N LYS C 495 -13.77 -32.51 28.61
CA LYS C 495 -14.57 -33.55 29.22
C LYS C 495 -14.94 -33.27 30.67
N ASP C 496 -14.55 -32.13 31.22
CA ASP C 496 -14.91 -31.79 32.58
C ASP C 496 -16.42 -31.53 32.67
N PRO C 497 -17.04 -31.81 33.81
CA PRO C 497 -18.48 -31.59 33.92
C PRO C 497 -18.83 -30.12 33.84
N VAL C 498 -20.02 -29.84 33.30
CA VAL C 498 -20.47 -28.45 33.20
C VAL C 498 -20.64 -27.90 34.59
N GLN C 499 -19.96 -26.79 34.87
CA GLN C 499 -20.09 -26.13 36.16
C GLN C 499 -21.40 -25.37 36.24
N GLU C 500 -22.02 -25.40 37.43
CA GLU C 500 -23.31 -24.74 37.60
C GLU C 500 -23.20 -23.23 37.44
N ALA C 501 -22.06 -22.67 37.84
CA ALA C 501 -21.79 -21.26 37.63
C ALA C 501 -21.24 -21.03 36.24
N TRP C 502 -21.96 -20.20 35.47
CA TRP C 502 -21.57 -19.99 34.07
C TRP C 502 -20.15 -19.44 33.90
N ALA C 503 -19.79 -18.41 34.65
CA ALA C 503 -18.45 -17.88 34.52
C ALA C 503 -17.39 -18.94 34.86
N GLU C 504 -17.64 -19.77 35.87
CA GLU C 504 -16.66 -20.78 36.25
C GLU C 504 -16.55 -21.91 35.23
N ASP C 505 -17.65 -22.24 34.55
CA ASP C 505 -17.57 -23.20 33.46
C ASP C 505 -16.83 -22.63 32.26
N VAL C 506 -17.06 -21.35 31.97
CA VAL C 506 -16.30 -20.67 30.93
C VAL C 506 -14.82 -20.70 31.27
N ASP C 507 -14.49 -20.28 32.50
CA ASP C 507 -13.11 -20.31 32.95
C ASP C 507 -12.55 -21.72 32.89
N LEU C 508 -13.32 -22.71 33.34
CA LEU C 508 -12.84 -24.09 33.37
C LEU C 508 -12.33 -24.54 32.00
N ARG C 509 -13.03 -24.21 30.93
CA ARG C 509 -12.59 -24.62 29.61
C ARG C 509 -11.34 -23.86 29.19
N VAL C 510 -11.18 -22.62 29.68
CA VAL C 510 -9.99 -21.84 29.35
C VAL C 510 -8.74 -22.46 29.95
N ASN C 511 -8.79 -22.84 31.23
CA ASN C 511 -7.63 -23.52 31.81
C ASN C 511 -7.32 -24.82 31.09
N PHE C 512 -8.36 -25.49 30.56
CA PHE C 512 -8.13 -26.68 29.76
C PHE C 512 -7.29 -26.35 28.52
N ALA C 513 -7.66 -25.28 27.80
CA ALA C 513 -6.89 -24.86 26.64
C ALA C 513 -5.47 -24.48 27.00
N MET C 514 -5.29 -23.79 28.13
CA MET C 514 -3.96 -23.45 28.61
C MET C 514 -3.11 -24.70 28.80
N ASN C 515 -3.64 -25.72 29.47
CA ASN C 515 -2.86 -26.91 29.76
C ASN C 515 -2.45 -27.64 28.48
N VAL C 516 -3.36 -27.72 27.51
CA VAL C 516 -3.01 -28.35 26.23
C VAL C 516 -1.90 -27.57 25.55
N GLY C 517 -2.04 -26.24 25.48
CA GLY C 517 -1.03 -25.43 24.83
C GLY C 517 0.32 -25.54 25.49
N LYS C 518 0.35 -25.52 26.83
CA LYS C 518 1.61 -25.71 27.54
C LYS C 518 2.22 -27.07 27.25
N ALA C 519 1.41 -28.13 27.32
CA ALA C 519 1.91 -29.49 27.14
C ALA C 519 2.41 -29.73 25.73
N ARG C 520 1.69 -29.24 24.73
CA ARG C 520 2.08 -29.41 23.34
C ARG C 520 3.20 -28.45 22.90
N GLY C 521 3.63 -27.54 23.76
CA GLY C 521 4.67 -26.60 23.39
C GLY C 521 4.21 -25.46 22.51
N PHE C 522 2.94 -25.09 22.57
CA PHE C 522 2.46 -23.94 21.81
C PHE C 522 2.92 -22.63 22.43
N PHE C 523 3.08 -22.59 23.75
CA PHE C 523 3.58 -21.40 24.41
C PHE C 523 4.21 -21.81 25.73
N LYS C 524 4.97 -20.89 26.32
CA LYS C 524 5.66 -21.12 27.57
C LYS C 524 5.54 -19.88 28.44
N LYS C 525 6.07 -19.98 29.66
CA LYS C 525 6.08 -18.87 30.59
C LYS C 525 6.65 -17.61 29.92
N GLY C 526 5.93 -16.50 30.09
CA GLY C 526 6.27 -15.23 29.48
C GLY C 526 5.54 -14.94 28.18
N ASP C 527 4.97 -15.95 27.53
CA ASP C 527 4.14 -15.71 26.36
C ASP C 527 2.80 -15.09 26.75
N VAL C 528 2.05 -14.68 25.73
CA VAL C 528 0.75 -14.04 25.87
C VAL C 528 -0.26 -14.78 25.00
N VAL C 529 -1.47 -14.99 25.51
CA VAL C 529 -2.49 -15.65 24.71
C VAL C 529 -3.76 -14.80 24.72
N ILE C 530 -4.55 -14.93 23.65
CA ILE C 530 -5.83 -14.28 23.49
C ILE C 530 -6.93 -15.28 23.74
N VAL C 531 -7.92 -14.91 24.58
CA VAL C 531 -9.00 -15.80 24.97
C VAL C 531 -10.33 -15.18 24.58
N LEU C 532 -11.12 -15.91 23.81
CA LEU C 532 -12.42 -15.45 23.33
C LEU C 532 -13.52 -16.26 24.01
N THR C 533 -14.43 -15.56 24.71
CA THR C 533 -15.54 -16.17 25.43
C THR C 533 -16.77 -15.30 25.22
N GLY C 534 -17.89 -15.70 25.85
CA GLY C 534 -19.08 -14.89 25.85
C GLY C 534 -19.27 -14.17 27.17
N TRP C 535 -20.24 -13.24 27.16
CA TRP C 535 -20.55 -12.43 28.33
C TRP C 535 -21.85 -12.81 29.01
N ARG C 536 -22.77 -13.47 28.33
CA ARG C 536 -24.07 -13.87 28.84
C ARG C 536 -24.35 -15.32 28.50
N PRO C 537 -25.18 -15.98 29.31
CA PRO C 537 -25.63 -17.35 29.02
C PRO C 537 -26.43 -17.52 27.70
N PHE C 541 -22.49 -16.28 20.00
CA PHE C 541 -22.49 -14.88 20.43
C PHE C 541 -21.36 -14.62 21.42
N THR C 542 -20.15 -14.92 20.98
CA THR C 542 -18.93 -14.72 21.75
C THR C 542 -18.45 -13.28 21.56
N ASN C 543 -18.37 -12.52 22.66
CA ASN C 543 -18.13 -11.08 22.56
C ASN C 543 -17.09 -10.57 23.54
N THR C 544 -16.31 -11.44 24.17
CA THR C 544 -15.38 -11.06 25.22
C THR C 544 -13.98 -11.50 24.82
N MET C 545 -13.05 -10.55 24.80
CA MET C 545 -11.64 -10.82 24.50
C MET C 545 -10.81 -10.48 25.72
N ARG C 546 -9.99 -11.44 26.17
CA ARG C 546 -9.10 -11.27 27.30
C ARG C 546 -7.68 -11.55 26.85
N VAL C 547 -6.76 -10.66 27.20
CA VAL C 547 -5.34 -10.84 26.94
C VAL C 547 -4.67 -11.22 28.25
N VAL C 548 -4.29 -12.49 28.39
CA VAL C 548 -3.76 -12.95 29.67
C VAL C 548 -2.34 -13.46 29.44
N PRO C 549 -1.43 -13.24 30.39
CA PRO C 549 -0.08 -13.80 30.27
C PRO C 549 0.00 -15.26 30.69
N VAL C 550 0.79 -16.01 29.93
CA VAL C 550 1.00 -17.44 30.22
C VAL C 550 1.93 -17.58 31.44
N PRO C 551 1.54 -18.34 32.48
CA PRO C 551 2.40 -18.52 33.65
C PRO C 551 3.58 -19.44 33.38
N ILE D 33 -9.89 -7.00 -21.80
CA ILE D 33 -10.16 -7.69 -20.55
C ILE D 33 -10.16 -9.12 -21.09
N GLN D 34 -10.63 -10.13 -20.35
CA GLN D 34 -10.91 -11.41 -20.99
C GLN D 34 -9.69 -12.04 -21.69
N THR D 35 -8.55 -11.32 -21.68
CA THR D 35 -7.32 -11.77 -22.29
C THR D 35 -6.16 -11.43 -21.36
N GLN D 36 -5.11 -12.26 -21.40
CA GLN D 36 -3.89 -12.10 -20.58
C GLN D 36 -4.21 -11.93 -19.09
N GLN D 37 -5.34 -12.46 -18.63
CA GLN D 37 -5.77 -12.30 -17.23
C GLN D 37 -5.76 -10.83 -16.80
N LEU D 38 -6.20 -9.95 -17.71
CA LEU D 38 -6.12 -8.53 -17.45
C LEU D 38 -7.13 -8.09 -16.39
N HIS D 39 -8.23 -8.83 -16.24
CA HIS D 39 -9.15 -8.56 -15.13
C HIS D 39 -8.45 -8.72 -13.79
N ALA D 40 -7.68 -9.80 -13.64
CA ALA D 40 -6.89 -9.98 -12.43
C ALA D 40 -5.82 -8.91 -12.27
N ALA D 41 -5.36 -8.33 -13.40
CA ALA D 41 -4.30 -7.33 -13.35
C ALA D 41 -4.75 -6.04 -12.70
N MET D 42 -6.04 -5.73 -12.73
CA MET D 42 -6.54 -4.45 -12.23
C MET D 42 -7.04 -4.52 -10.79
N ALA D 43 -6.94 -5.68 -10.15
CA ALA D 43 -7.42 -5.83 -8.78
C ALA D 43 -6.68 -4.90 -7.83
N ASP D 44 -7.42 -4.37 -6.84
CA ASP D 44 -6.79 -3.51 -5.86
C ASP D 44 -5.99 -4.29 -4.82
N THR D 45 -6.24 -5.58 -4.68
CA THR D 45 -5.55 -6.41 -3.70
C THR D 45 -5.04 -7.67 -4.36
N PHE D 46 -4.02 -8.27 -3.75
CA PHE D 46 -3.53 -9.55 -4.24
C PHE D 46 -4.57 -10.66 -4.04
N LEU D 47 -5.35 -10.57 -2.96
CA LEU D 47 -6.41 -11.55 -2.74
C LEU D 47 -7.43 -11.51 -3.88
N GLU D 48 -7.92 -10.31 -4.22
CA GLU D 48 -8.81 -10.17 -5.36
C GLU D 48 -8.13 -10.57 -6.66
N HIS D 49 -6.82 -10.32 -6.77
CA HIS D 49 -6.07 -10.77 -7.95
C HIS D 49 -6.16 -12.28 -8.09
N MET D 50 -6.01 -13.02 -6.98
CA MET D 50 -6.22 -14.46 -7.00
C MET D 50 -7.64 -14.80 -7.41
N CYS D 51 -8.62 -14.10 -6.81
CA CYS D 51 -10.03 -14.40 -7.06
C CYS D 51 -10.40 -14.20 -8.52
N ARG D 52 -9.65 -13.38 -9.26
CA ARG D 52 -10.00 -13.05 -10.64
C ARG D 52 -9.28 -13.88 -11.69
N LEU D 53 -8.41 -14.80 -11.28
CA LEU D 53 -7.72 -15.65 -12.24
C LEU D 53 -8.72 -16.54 -12.97
N ASP D 54 -8.61 -16.56 -14.29
CA ASP D 54 -9.66 -17.08 -15.17
C ASP D 54 -9.06 -18.10 -16.12
N ILE D 55 -9.47 -19.37 -15.98
CA ILE D 55 -8.94 -20.40 -16.86
C ILE D 55 -9.39 -20.18 -18.30
N ASP D 56 -10.40 -19.35 -18.51
CA ASP D 56 -10.88 -18.99 -19.84
C ASP D 56 -10.29 -17.67 -20.33
N SER D 57 -9.25 -17.15 -19.67
CA SER D 57 -8.56 -15.96 -20.13
C SER D 57 -7.29 -16.39 -20.86
N PRO D 58 -7.27 -16.40 -22.19
CA PRO D 58 -6.11 -16.92 -22.93
C PRO D 58 -4.92 -15.99 -22.82
N PRO D 59 -3.71 -16.53 -22.71
CA PRO D 59 -2.51 -15.69 -22.64
C PRO D 59 -2.13 -15.15 -24.01
N ILE D 60 -1.15 -14.23 -24.01
CA ILE D 60 -0.57 -13.70 -25.24
C ILE D 60 0.25 -14.79 -25.92
N THR D 61 0.65 -14.54 -27.17
CA THR D 61 1.48 -15.50 -27.88
C THR D 61 2.88 -15.58 -27.29
N ALA D 62 3.47 -14.43 -26.98
CA ALA D 62 4.86 -14.39 -26.50
C ALA D 62 5.01 -15.08 -25.16
N ARG D 63 6.15 -15.72 -24.97
CA ARG D 63 6.49 -16.43 -23.73
C ARG D 63 7.80 -15.87 -23.22
N ASN D 64 7.79 -15.39 -21.99
CA ASN D 64 8.90 -14.59 -21.45
C ASN D 64 9.96 -15.44 -20.74
N THR D 65 9.57 -16.54 -20.10
CA THR D 65 10.50 -17.32 -19.30
C THR D 65 11.41 -18.16 -20.18
N GLY D 66 12.71 -18.01 -20.00
CA GLY D 66 13.64 -18.82 -20.75
C GLY D 66 13.60 -20.28 -20.33
N ILE D 67 13.82 -21.17 -21.29
CA ILE D 67 13.77 -22.60 -21.07
C ILE D 67 15.15 -23.19 -21.36
N ILE D 68 15.75 -23.80 -20.34
CA ILE D 68 17.04 -24.45 -20.45
C ILE D 68 16.81 -25.96 -20.38
N CYS D 69 17.39 -26.69 -21.32
CA CYS D 69 17.18 -28.13 -21.43
C CYS D 69 18.53 -28.85 -21.38
N THR D 70 18.65 -29.82 -20.49
CA THR D 70 19.84 -30.65 -20.43
C THR D 70 19.84 -31.64 -21.58
N ILE D 71 20.91 -31.64 -22.37
CA ILE D 71 21.00 -32.52 -23.53
C ILE D 71 21.66 -33.83 -23.12
N GLY D 72 21.12 -34.93 -23.61
CA GLY D 72 21.63 -36.26 -23.33
C GLY D 72 21.20 -37.23 -24.41
N PRO D 73 21.27 -38.54 -24.12
CA PRO D 73 20.92 -39.54 -25.15
C PRO D 73 19.56 -39.32 -25.78
N ALA D 74 18.59 -38.79 -25.03
CA ALA D 74 17.26 -38.55 -25.55
C ALA D 74 17.17 -37.31 -26.45
N SER D 75 18.21 -36.48 -26.49
CA SER D 75 18.10 -35.19 -27.17
C SER D 75 19.31 -34.80 -28.00
N ARG D 76 20.33 -35.67 -28.13
CA ARG D 76 21.53 -35.28 -28.85
C ARG D 76 21.32 -35.17 -30.35
N SER D 77 20.38 -35.95 -30.91
CA SER D 77 20.25 -35.98 -32.36
C SER D 77 19.86 -34.62 -32.89
N VAL D 78 20.35 -34.31 -34.10
CA VAL D 78 20.03 -33.04 -34.73
C VAL D 78 18.53 -32.93 -34.96
N GLU D 79 17.90 -34.04 -35.35
CA GLU D 79 16.45 -34.03 -35.57
C GLU D 79 15.71 -33.69 -34.28
N THR D 80 16.11 -34.31 -33.17
CA THR D 80 15.48 -34.00 -31.89
C THR D 80 15.75 -32.54 -31.51
N LEU D 81 17.01 -32.12 -31.63
CA LEU D 81 17.37 -30.74 -31.30
C LEU D 81 16.57 -29.74 -32.13
N LYS D 82 16.34 -30.07 -33.40
CA LYS D 82 15.49 -29.22 -34.24
C LYS D 82 14.09 -29.09 -33.64
N GLU D 83 13.50 -30.23 -33.25
CA GLU D 83 12.17 -30.20 -32.65
C GLU D 83 12.21 -29.54 -31.27
N MET D 84 13.30 -29.70 -30.53
CA MET D 84 13.39 -29.05 -29.22
C MET D 84 13.45 -27.53 -29.35
N ILE D 85 14.14 -27.04 -30.38
CA ILE D 85 14.15 -25.60 -30.63
C ILE D 85 12.75 -25.11 -30.95
N LYS D 86 12.06 -25.82 -31.83
CA LYS D 86 10.70 -25.44 -32.20
C LYS D 86 9.74 -25.55 -31.02
N SER D 87 10.00 -26.46 -30.10
CA SER D 87 9.13 -26.64 -28.94
C SER D 87 9.35 -25.60 -27.86
N GLY D 88 10.44 -24.84 -27.90
CA GLY D 88 10.62 -23.75 -26.96
C GLY D 88 11.98 -23.66 -26.30
N MET D 89 12.89 -24.57 -26.61
CA MET D 89 14.21 -24.56 -25.98
C MET D 89 14.96 -23.29 -26.34
N ASN D 90 15.55 -22.65 -25.33
CA ASN D 90 16.40 -21.48 -25.54
C ASN D 90 17.85 -21.70 -25.18
N VAL D 91 18.15 -22.56 -24.22
CA VAL D 91 19.51 -22.81 -23.75
C VAL D 91 19.73 -24.31 -23.65
N ALA D 92 20.85 -24.79 -24.19
CA ALA D 92 21.25 -26.18 -24.09
C ALA D 92 22.29 -26.34 -22.98
N ARG D 93 21.97 -27.14 -21.97
CA ARG D 93 22.85 -27.35 -20.83
C ARG D 93 23.58 -28.67 -20.99
N LEU D 94 24.90 -28.62 -20.93
CA LEU D 94 25.75 -29.80 -21.04
C LEU D 94 26.41 -30.05 -19.69
N ASN D 95 26.08 -31.17 -19.06
CA ASN D 95 26.61 -31.52 -17.74
C ASN D 95 27.92 -32.26 -17.91
N PHE D 96 29.03 -31.63 -17.50
CA PHE D 96 30.33 -32.25 -17.56
C PHE D 96 30.61 -33.10 -16.33
N SER D 97 29.59 -33.35 -15.51
CA SER D 97 29.69 -34.38 -14.48
C SER D 97 29.84 -35.77 -15.09
N HIS D 98 29.47 -35.92 -16.36
CA HIS D 98 29.64 -37.15 -17.10
C HIS D 98 30.10 -36.80 -18.50
N GLY D 99 30.60 -37.81 -19.23
CA GLY D 99 30.98 -37.62 -20.62
C GLY D 99 32.37 -37.07 -20.83
N THR D 100 33.00 -37.43 -21.95
CA THR D 100 34.32 -36.93 -22.31
C THR D 100 34.20 -35.62 -23.07
N HIS D 101 35.34 -34.92 -23.21
CA HIS D 101 35.38 -33.71 -24.03
C HIS D 101 35.04 -34.03 -25.48
N GLU D 102 35.47 -35.19 -25.97
CA GLU D 102 35.12 -35.61 -27.32
C GLU D 102 33.61 -35.74 -27.47
N TYR D 103 32.96 -36.40 -26.50
CA TYR D 103 31.51 -36.57 -26.52
C TYR D 103 30.80 -35.22 -26.52
N HIS D 104 31.15 -34.35 -25.57
CA HIS D 104 30.50 -33.05 -25.46
C HIS D 104 30.71 -32.20 -26.71
N ALA D 105 31.87 -32.32 -27.36
CA ALA D 105 32.12 -31.57 -28.59
C ALA D 105 31.10 -31.91 -29.66
N GLU D 106 30.78 -33.19 -29.82
CA GLU D 106 29.76 -33.58 -30.80
C GLU D 106 28.38 -33.09 -30.39
N THR D 107 28.11 -33.03 -29.08
CA THR D 107 26.84 -32.48 -28.62
C THR D 107 26.71 -31.01 -29.00
N ILE D 108 27.77 -30.22 -28.78
CA ILE D 108 27.73 -28.82 -29.17
C ILE D 108 27.59 -28.68 -30.67
N LYS D 109 28.34 -29.50 -31.42
CA LYS D 109 28.22 -29.49 -32.88
C LYS D 109 26.80 -29.74 -33.34
N ASN D 110 26.12 -30.71 -32.72
CA ASN D 110 24.74 -31.00 -33.11
C ASN D 110 23.81 -29.86 -32.73
N VAL D 111 24.00 -29.27 -31.55
CA VAL D 111 23.17 -28.14 -31.13
C VAL D 111 23.30 -27.00 -32.13
N ARG D 112 24.54 -26.66 -32.52
CA ARG D 112 24.74 -25.58 -33.46
C ARG D 112 24.28 -25.95 -34.85
N THR D 113 24.40 -27.23 -35.23
CA THR D 113 23.88 -27.68 -36.53
C THR D 113 22.36 -27.53 -36.57
N ALA D 114 21.67 -27.95 -35.51
CA ALA D 114 20.22 -27.77 -35.47
C ALA D 114 19.86 -26.28 -35.41
N THR D 115 20.62 -25.49 -34.65
CA THR D 115 20.33 -24.07 -34.52
C THR D 115 20.48 -23.37 -35.86
N GLU D 116 21.59 -23.62 -36.56
CA GLU D 116 21.87 -22.92 -37.80
C GLU D 116 21.00 -23.38 -38.95
N SER D 117 20.23 -24.45 -38.77
CA SER D 117 19.34 -24.90 -39.84
C SER D 117 18.15 -23.97 -40.04
N PHE D 118 17.89 -23.08 -39.09
CA PHE D 118 16.86 -22.07 -39.24
C PHE D 118 17.41 -20.72 -39.65
N ALA D 119 18.73 -20.61 -39.84
CA ALA D 119 19.36 -19.35 -40.18
C ALA D 119 19.03 -18.88 -41.59
N SER D 120 18.50 -19.76 -42.44
CA SER D 120 18.09 -19.36 -43.77
C SER D 120 16.93 -18.36 -43.75
N ASP D 121 16.28 -18.18 -42.61
CA ASP D 121 15.19 -17.23 -42.44
C ASP D 121 15.46 -16.47 -41.15
N PRO D 122 16.14 -15.32 -41.24
CA PRO D 122 16.50 -14.59 -40.00
C PRO D 122 15.31 -14.00 -39.27
N ILE D 123 14.11 -13.96 -39.86
CA ILE D 123 12.96 -13.43 -39.15
C ILE D 123 12.52 -14.39 -38.05
N LEU D 124 12.61 -15.69 -38.31
CA LEU D 124 12.21 -16.72 -37.36
C LEU D 124 13.39 -17.40 -36.70
N TYR D 125 14.62 -17.02 -37.03
CA TYR D 125 15.78 -17.65 -36.44
C TYR D 125 15.78 -17.44 -34.93
N ARG D 126 16.11 -18.50 -34.21
CA ARG D 126 16.12 -18.45 -32.74
C ARG D 126 17.53 -18.68 -32.25
N PRO D 127 18.16 -17.69 -31.62
CA PRO D 127 19.46 -17.93 -30.97
C PRO D 127 19.33 -18.98 -29.88
N VAL D 128 20.28 -19.91 -29.85
CA VAL D 128 20.30 -20.98 -28.85
C VAL D 128 21.62 -20.91 -28.11
N ALA D 129 21.54 -20.73 -26.79
CA ALA D 129 22.73 -20.65 -25.97
C ALA D 129 23.25 -22.05 -25.59
N VAL D 130 24.55 -22.12 -25.35
CA VAL D 130 25.23 -23.33 -24.89
C VAL D 130 25.73 -23.07 -23.48
N ALA D 131 25.37 -23.95 -22.54
CA ALA D 131 25.71 -23.78 -21.14
C ALA D 131 26.55 -24.95 -20.66
N LEU D 132 27.67 -24.65 -19.99
CA LEU D 132 28.56 -25.65 -19.43
C LEU D 132 28.28 -25.79 -17.94
N ASP D 133 27.91 -27.00 -17.51
CA ASP D 133 27.66 -27.31 -16.10
C ASP D 133 28.85 -28.10 -15.58
N THR D 134 29.59 -27.52 -14.63
CA THR D 134 30.81 -28.13 -14.13
C THR D 134 30.51 -29.35 -13.27
N LYS D 135 31.50 -30.24 -13.18
CA LYS D 135 31.42 -31.34 -12.23
C LYS D 135 31.45 -30.83 -10.79
N GLY D 136 32.43 -30.01 -10.45
CA GLY D 136 32.50 -29.42 -9.13
C GLY D 136 32.96 -30.41 -8.08
N PRO D 137 32.83 -30.05 -6.81
CA PRO D 137 33.25 -30.95 -5.72
C PRO D 137 32.21 -32.05 -5.46
N GLU D 138 31.98 -32.86 -6.48
CA GLU D 138 30.97 -33.91 -6.50
C GLU D 138 31.56 -35.26 -6.15
N ILE D 139 30.78 -36.07 -5.44
CA ILE D 139 31.07 -37.49 -5.27
C ILE D 139 30.16 -38.19 -6.26
N ARG D 140 30.74 -38.82 -7.27
CA ARG D 140 29.96 -39.40 -8.35
C ARG D 140 30.28 -40.88 -8.52
N THR D 141 29.36 -41.60 -9.16
CA THR D 141 29.52 -43.02 -9.44
C THR D 141 30.14 -43.19 -10.82
N GLY D 142 30.09 -44.41 -11.36
CA GLY D 142 30.70 -44.71 -12.64
C GLY D 142 29.73 -45.33 -13.63
N LEU D 143 30.28 -45.94 -14.68
CA LEU D 143 29.46 -46.51 -15.74
C LEU D 143 28.91 -47.87 -15.34
N ILE D 144 27.60 -48.05 -15.53
CA ILE D 144 26.96 -49.35 -15.31
C ILE D 144 27.26 -50.22 -16.53
N LYS D 145 28.02 -51.29 -16.30
CA LYS D 145 28.39 -52.23 -17.37
C LYS D 145 29.05 -51.52 -18.55
N GLY D 146 29.90 -50.55 -18.24
CA GLY D 146 30.64 -49.83 -19.26
C GLY D 146 29.78 -49.03 -20.23
N SER D 147 28.67 -48.49 -19.74
CA SER D 147 27.77 -47.73 -20.61
C SER D 147 27.04 -46.68 -19.77
N GLY D 148 27.06 -45.43 -20.25
CA GLY D 148 26.38 -44.36 -19.55
C GLY D 148 24.87 -44.51 -19.52
N THR D 149 24.30 -45.10 -20.57
CA THR D 149 22.85 -45.25 -20.68
C THR D 149 22.32 -46.48 -19.97
N ALA D 150 23.18 -47.37 -19.49
CA ALA D 150 22.72 -48.60 -18.84
C ALA D 150 22.29 -48.33 -17.41
N GLU D 151 21.28 -49.07 -16.96
CA GLU D 151 20.76 -48.94 -15.60
C GLU D 151 20.48 -50.32 -15.02
N VAL D 152 20.37 -50.37 -13.70
CA VAL D 152 20.08 -51.59 -12.96
C VAL D 152 19.00 -51.32 -11.92
N GLU D 153 18.25 -52.36 -11.58
CA GLU D 153 17.14 -52.26 -10.62
C GLU D 153 17.62 -52.77 -9.26
N LEU D 154 17.79 -51.86 -8.31
CA LEU D 154 18.11 -52.22 -6.93
C LEU D 154 16.83 -52.52 -6.14
N LYS D 155 16.90 -53.53 -5.29
CA LYS D 155 15.76 -53.96 -4.49
C LYS D 155 16.00 -53.65 -3.02
N LYS D 156 14.92 -53.30 -2.32
CA LYS D 156 15.02 -52.95 -0.90
C LYS D 156 15.59 -54.11 -0.10
N GLY D 157 16.56 -53.80 0.76
CA GLY D 157 17.21 -54.80 1.57
C GLY D 157 18.39 -55.48 0.91
N ALA D 158 18.59 -55.29 -0.40
CA ALA D 158 19.71 -55.91 -1.08
C ALA D 158 21.04 -55.44 -0.49
N THR D 159 22.08 -56.23 -0.69
CA THR D 159 23.41 -55.82 -0.30
C THR D 159 24.13 -55.24 -1.50
N LEU D 160 24.85 -54.14 -1.27
CA LEU D 160 25.68 -53.50 -2.27
C LEU D 160 27.04 -53.20 -1.69
N LYS D 161 28.09 -53.48 -2.45
CA LYS D 161 29.45 -53.16 -2.04
C LYS D 161 29.89 -51.89 -2.78
N ILE D 162 30.19 -50.85 -2.02
CA ILE D 162 30.74 -49.62 -2.58
C ILE D 162 32.24 -49.80 -2.66
N THR D 163 32.80 -49.64 -3.86
CA THR D 163 34.22 -49.87 -4.09
C THR D 163 34.92 -48.59 -4.54
N LEU D 164 36.19 -48.48 -4.17
CA LEU D 164 37.06 -47.41 -4.63
C LEU D 164 38.12 -47.92 -5.60
N ASP D 165 38.09 -49.21 -5.94
CA ASP D 165 39.05 -49.78 -6.87
C ASP D 165 38.64 -49.43 -8.30
N ASN D 166 39.56 -48.83 -9.05
CA ASN D 166 39.27 -48.38 -10.41
C ASN D 166 39.04 -49.54 -11.37
N ALA D 167 39.22 -50.79 -10.94
CA ALA D 167 38.85 -51.92 -11.77
C ALA D 167 37.34 -52.03 -11.95
N TYR D 168 36.56 -51.37 -11.11
CA TYR D 168 35.11 -51.29 -11.26
C TYR D 168 34.66 -49.92 -11.76
N MET D 169 35.59 -49.05 -12.17
CA MET D 169 35.24 -47.74 -12.70
C MET D 169 34.14 -47.83 -13.74
N GLU D 170 34.24 -48.82 -14.63
CA GLU D 170 33.34 -48.97 -15.76
C GLU D 170 32.59 -50.29 -15.69
N LYS D 171 32.42 -50.83 -14.49
CA LYS D 171 31.77 -52.13 -14.31
C LYS D 171 30.92 -52.12 -13.04
N CYS D 172 29.94 -51.21 -12.98
CA CYS D 172 29.01 -51.12 -11.87
C CYS D 172 27.72 -51.86 -12.21
N ASP D 173 27.07 -52.40 -11.18
CA ASP D 173 25.87 -53.20 -11.39
C ASP D 173 25.07 -53.24 -10.08
N GLU D 174 24.19 -54.24 -9.96
CA GLU D 174 23.37 -54.38 -8.77
C GLU D 174 24.17 -54.81 -7.55
N ASN D 175 25.37 -55.33 -7.73
CA ASN D 175 26.21 -55.81 -6.63
C ASN D 175 27.37 -54.88 -6.30
N ILE D 176 28.01 -54.30 -7.31
CA ILE D 176 29.19 -53.47 -7.11
C ILE D 176 28.92 -52.08 -7.69
N LEU D 177 29.46 -51.06 -7.04
CA LEU D 177 29.32 -49.67 -7.50
C LEU D 177 30.57 -48.89 -7.11
N TRP D 178 31.27 -48.36 -8.10
CA TRP D 178 32.48 -47.62 -7.87
C TRP D 178 32.18 -46.13 -7.71
N LEU D 179 33.09 -45.44 -7.03
CA LEU D 179 32.94 -44.02 -6.70
C LEU D 179 34.31 -43.35 -6.81
N ASP D 180 34.31 -42.03 -7.02
CA ASP D 180 35.57 -41.30 -7.13
C ASP D 180 35.97 -40.56 -5.86
N TYR D 181 35.18 -40.64 -4.78
CA TYR D 181 35.70 -40.21 -3.48
C TYR D 181 36.34 -41.40 -2.78
N PHE D 212 36.52 -49.74 0.78
CA PHE D 212 35.23 -50.24 0.33
C PHE D 212 34.22 -50.25 1.48
N LEU D 213 32.93 -50.22 1.14
CA LEU D 213 31.85 -50.10 2.13
C LEU D 213 30.72 -51.04 1.74
N VAL D 214 30.32 -51.93 2.65
CA VAL D 214 29.17 -52.82 2.44
C VAL D 214 27.93 -52.13 2.99
N THR D 215 26.96 -51.86 2.13
CA THR D 215 25.75 -51.14 2.50
C THR D 215 24.52 -51.98 2.18
N GLU D 216 23.38 -51.49 2.63
CA GLU D 216 22.08 -52.09 2.36
C GLU D 216 21.22 -51.08 1.60
N VAL D 217 20.10 -51.58 1.07
CA VAL D 217 19.21 -50.74 0.27
C VAL D 217 17.98 -50.41 1.10
N GLU D 218 17.99 -49.23 1.75
CA GLU D 218 16.81 -48.76 2.47
C GLU D 218 15.66 -48.48 1.52
N ASN D 219 15.94 -48.32 0.23
CA ASN D 219 14.92 -48.22 -0.81
C ASN D 219 15.59 -48.38 -2.17
N GLY D 220 15.05 -49.25 -3.01
CA GLY D 220 15.64 -49.54 -4.30
C GLY D 220 15.16 -48.61 -5.40
N GLY D 221 15.66 -48.86 -6.60
CA GLY D 221 15.32 -48.05 -7.74
C GLY D 221 16.34 -48.25 -8.86
N SER D 222 16.17 -47.46 -9.91
CA SER D 222 17.04 -47.54 -11.08
C SER D 222 18.36 -46.84 -10.78
N LEU D 223 19.46 -47.59 -10.90
CA LEU D 223 20.81 -47.05 -10.72
C LEU D 223 21.46 -46.95 -12.09
N GLY D 224 21.67 -45.72 -12.55
CA GLY D 224 22.33 -45.45 -13.80
C GLY D 224 23.81 -45.19 -13.63
N SER D 225 24.39 -44.52 -14.62
CA SER D 225 25.82 -44.27 -14.67
C SER D 225 26.14 -42.81 -14.33
N LYS D 226 27.31 -42.61 -13.73
CA LYS D 226 27.80 -41.28 -13.36
C LYS D 226 26.80 -40.53 -12.49
N LYS D 227 26.34 -41.20 -11.45
CA LYS D 227 25.33 -40.66 -10.54
C LYS D 227 25.98 -39.96 -9.35
N GLY D 228 25.17 -39.17 -8.63
CA GLY D 228 25.66 -38.36 -7.52
C GLY D 228 25.54 -39.02 -6.16
N VAL D 229 26.45 -38.64 -5.24
CA VAL D 229 26.47 -39.12 -3.87
C VAL D 229 26.50 -37.91 -2.94
N ASN D 230 25.70 -37.95 -1.87
CA ASN D 230 25.60 -36.83 -0.95
C ASN D 230 25.85 -37.25 0.50
N LEU D 231 26.65 -36.44 1.21
CA LEU D 231 26.92 -36.60 2.64
C LEU D 231 26.44 -35.33 3.34
N PRO D 232 25.18 -35.27 3.76
CA PRO D 232 24.66 -34.04 4.36
C PRO D 232 25.30 -33.75 5.72
N GLY D 233 25.16 -32.49 6.14
CA GLY D 233 25.56 -32.07 7.47
C GLY D 233 27.05 -31.96 7.72
N ALA D 234 27.89 -32.48 6.84
CA ALA D 234 29.33 -32.46 7.06
C ALA D 234 29.95 -31.21 6.42
N ALA D 235 31.26 -31.09 6.53
CA ALA D 235 32.03 -30.01 5.92
C ALA D 235 33.07 -30.65 5.00
N VAL D 236 32.63 -30.97 3.77
CA VAL D 236 33.52 -31.63 2.83
C VAL D 236 34.74 -30.75 2.55
N ASP D 237 35.85 -31.38 2.19
CA ASP D 237 37.08 -30.68 1.89
C ASP D 237 37.44 -30.73 0.40
N LEU D 238 36.51 -31.15 -0.45
CA LEU D 238 36.78 -31.18 -1.88
C LEU D 238 37.04 -29.77 -2.40
N PRO D 239 37.88 -29.62 -3.42
CA PRO D 239 38.18 -28.28 -3.94
C PRO D 239 36.97 -27.63 -4.61
N ALA D 240 36.92 -26.30 -4.55
CA ALA D 240 35.90 -25.57 -5.27
C ALA D 240 36.03 -25.79 -6.77
N VAL D 241 37.20 -25.54 -7.32
CA VAL D 241 37.52 -25.86 -8.71
C VAL D 241 38.56 -26.97 -8.68
N SER D 242 38.25 -28.08 -9.32
CA SER D 242 39.19 -29.18 -9.43
C SER D 242 40.02 -29.06 -10.71
N GLU D 243 41.05 -29.89 -10.81
CA GLU D 243 41.82 -29.93 -12.04
C GLU D 243 40.93 -30.32 -13.22
N LYS D 244 40.02 -31.28 -13.01
CA LYS D 244 39.04 -31.62 -14.03
C LYS D 244 38.15 -30.42 -14.35
N ASP D 245 37.76 -29.66 -13.32
CA ASP D 245 36.99 -28.44 -13.56
C ASP D 245 37.76 -27.45 -14.42
N ILE D 246 39.05 -27.24 -14.09
CA ILE D 246 39.88 -26.35 -14.90
C ILE D 246 39.89 -26.78 -16.36
N GLN D 247 40.03 -28.09 -16.61
CA GLN D 247 40.08 -28.56 -17.99
C GLN D 247 38.75 -28.33 -18.69
N ASP D 248 37.65 -28.70 -18.02
CA ASP D 248 36.33 -28.45 -18.58
C ASP D 248 36.11 -26.97 -18.84
N LEU D 249 36.53 -26.12 -17.89
CA LEU D 249 36.36 -24.67 -18.07
C LEU D 249 37.18 -24.17 -19.26
N LYS D 250 38.43 -24.63 -19.39
CA LYS D 250 39.22 -24.25 -20.56
C LYS D 250 38.61 -24.78 -21.84
N PHE D 251 38.09 -26.01 -21.81
CA PHE D 251 37.41 -26.56 -22.97
C PHE D 251 36.20 -25.71 -23.36
N GLY D 252 35.47 -25.21 -22.37
CA GLY D 252 34.33 -24.35 -22.67
C GLY D 252 34.74 -23.03 -23.31
N VAL D 253 35.85 -22.45 -22.86
CA VAL D 253 36.35 -21.23 -23.50
C VAL D 253 36.74 -21.52 -24.94
N GLU D 254 37.35 -22.69 -25.19
CA GLU D 254 37.75 -23.03 -26.54
C GLU D 254 36.53 -23.24 -27.44
N GLN D 255 35.46 -23.82 -26.90
CA GLN D 255 34.25 -24.09 -27.67
C GLN D 255 33.30 -22.91 -27.72
N ASP D 256 33.67 -21.78 -27.11
CA ASP D 256 32.89 -20.55 -27.17
C ASP D 256 31.49 -20.76 -26.59
N VAL D 257 31.43 -21.37 -25.42
CA VAL D 257 30.16 -21.49 -24.73
C VAL D 257 29.74 -20.10 -24.21
N ASP D 258 28.45 -19.95 -23.95
CA ASP D 258 27.93 -18.65 -23.56
C ASP D 258 27.91 -18.44 -22.06
N MET D 259 27.87 -19.51 -21.27
CA MET D 259 27.69 -19.38 -19.82
C MET D 259 28.19 -20.65 -19.14
N VAL D 260 28.50 -20.51 -17.86
CA VAL D 260 28.98 -21.62 -17.04
C VAL D 260 28.09 -21.73 -15.82
N PHE D 261 27.58 -22.94 -15.56
CA PHE D 261 26.84 -23.25 -14.34
C PHE D 261 27.82 -23.93 -13.39
N ALA D 262 28.32 -23.18 -12.40
CA ALA D 262 29.36 -23.67 -11.50
C ALA D 262 28.73 -24.37 -10.30
N SER D 263 28.96 -25.68 -10.20
CA SER D 263 28.32 -26.50 -9.18
C SER D 263 28.91 -26.26 -7.79
N PHE D 264 28.04 -26.32 -6.78
CA PHE D 264 28.42 -26.33 -5.36
C PHE D 264 29.26 -25.12 -4.99
N ILE D 265 28.87 -23.94 -5.46
CA ILE D 265 29.52 -22.71 -5.04
C ILE D 265 29.18 -22.45 -3.57
N ARG D 266 30.21 -22.37 -2.73
CA ARG D 266 30.01 -22.17 -1.30
C ARG D 266 30.40 -20.79 -0.81
N LYS D 267 31.19 -20.05 -1.58
CA LYS D 267 31.72 -18.76 -1.14
C LYS D 267 32.07 -17.93 -2.36
N ALA D 268 32.36 -16.65 -2.12
CA ALA D 268 32.72 -15.74 -3.20
C ALA D 268 34.06 -16.11 -3.81
N SER D 269 35.01 -16.57 -2.99
CA SER D 269 36.30 -17.01 -3.50
C SER D 269 36.15 -18.07 -4.59
N ASP D 270 35.13 -18.93 -4.47
CA ASP D 270 34.87 -19.94 -5.51
C ASP D 270 34.53 -19.27 -6.84
N VAL D 271 33.64 -18.28 -6.82
CA VAL D 271 33.25 -17.60 -8.04
C VAL D 271 34.45 -16.92 -8.68
N HIS D 272 35.29 -16.27 -7.86
CA HIS D 272 36.45 -15.57 -8.39
C HIS D 272 37.45 -16.53 -9.04
N GLU D 273 37.58 -17.73 -8.47
CA GLU D 273 38.50 -18.70 -9.07
C GLU D 273 38.01 -19.17 -10.44
N VAL D 274 36.71 -19.42 -10.55
CA VAL D 274 36.15 -19.79 -11.85
C VAL D 274 36.40 -18.69 -12.87
N ARG D 275 36.23 -17.43 -12.46
CA ARG D 275 36.45 -16.32 -13.37
C ARG D 275 37.91 -16.24 -13.80
N LYS D 276 38.86 -16.47 -12.89
CA LYS D 276 40.26 -16.44 -13.25
C LYS D 276 40.58 -17.48 -14.32
N VAL D 277 40.02 -18.69 -14.18
CA VAL D 277 40.27 -19.75 -15.14
C VAL D 277 39.72 -19.35 -16.51
N LEU D 278 38.51 -18.79 -16.53
CA LEU D 278 37.94 -18.31 -17.79
C LEU D 278 38.80 -17.20 -18.39
N GLY D 279 39.53 -16.47 -17.55
CA GLY D 279 40.52 -15.52 -17.98
C GLY D 279 39.99 -14.39 -18.85
N GLU D 280 40.91 -13.77 -19.58
CA GLU D 280 40.54 -12.70 -20.48
C GLU D 280 39.74 -13.21 -21.67
N LYS D 281 40.09 -14.40 -22.18
CA LYS D 281 39.39 -14.93 -23.34
C LYS D 281 37.93 -15.22 -23.03
N GLY D 282 37.63 -15.65 -21.80
CA GLY D 282 36.26 -15.92 -21.43
C GLY D 282 35.69 -14.93 -20.44
N LYS D 283 36.22 -13.71 -20.44
CA LYS D 283 35.77 -12.69 -19.51
C LYS D 283 34.29 -12.36 -19.69
N ASN D 284 33.75 -12.59 -20.88
CA ASN D 284 32.35 -12.31 -21.18
C ASN D 284 31.45 -13.52 -21.01
N ILE D 285 32.00 -14.67 -20.64
CA ILE D 285 31.19 -15.84 -20.34
C ILE D 285 30.49 -15.63 -19.00
N LYS D 286 29.16 -15.71 -19.00
CA LYS D 286 28.39 -15.46 -17.79
C LYS D 286 28.56 -16.60 -16.79
N ILE D 287 28.85 -16.26 -15.54
CA ILE D 287 29.05 -17.25 -14.49
C ILE D 287 27.78 -17.31 -13.64
N ILE D 288 27.12 -18.46 -13.68
CA ILE D 288 25.92 -18.72 -12.90
C ILE D 288 26.34 -19.65 -11.77
N SER D 289 26.30 -19.15 -10.54
CA SER D 289 26.68 -19.95 -9.39
C SER D 289 25.51 -20.83 -8.97
N LYS D 290 25.77 -22.13 -8.84
CA LYS D 290 24.75 -23.08 -8.41
C LYS D 290 24.79 -23.20 -6.89
N ILE D 291 23.70 -22.79 -6.24
CA ILE D 291 23.58 -22.90 -4.80
C ILE D 291 22.94 -24.24 -4.48
N GLU D 292 23.74 -25.16 -3.93
CA GLU D 292 23.32 -26.53 -3.72
C GLU D 292 23.48 -27.03 -2.29
N ASN D 293 23.96 -26.21 -1.36
CA ASN D 293 24.27 -26.70 -0.03
C ASN D 293 24.05 -25.58 0.97
N HIS D 294 24.25 -25.92 2.25
CA HIS D 294 23.98 -24.98 3.33
C HIS D 294 24.85 -23.73 3.21
N GLU D 295 26.14 -23.91 2.97
CA GLU D 295 27.05 -22.78 2.92
C GLU D 295 26.68 -21.80 1.82
N GLY D 296 26.27 -22.32 0.65
CA GLY D 296 25.88 -21.44 -0.43
C GLY D 296 24.72 -20.53 -0.07
N VAL D 297 23.74 -21.06 0.65
CA VAL D 297 22.62 -20.25 1.08
C VAL D 297 23.07 -19.21 2.10
N ARG D 298 23.84 -19.63 3.10
CA ARG D 298 24.27 -18.70 4.14
C ARG D 298 25.16 -17.60 3.59
N ARG D 299 25.92 -17.88 2.54
CA ARG D 299 26.80 -16.89 1.94
C ARG D 299 26.26 -16.36 0.61
N PHE D 300 24.93 -16.38 0.45
CA PHE D 300 24.34 -16.08 -0.84
C PHE D 300 24.67 -14.66 -1.30
N ASP D 301 24.59 -13.69 -0.39
CA ASP D 301 24.79 -12.29 -0.79
C ASP D 301 26.17 -12.08 -1.40
N GLU D 302 27.22 -12.62 -0.76
CA GLU D 302 28.56 -12.45 -1.32
C GLU D 302 28.74 -13.27 -2.60
N ILE D 303 28.09 -14.42 -2.71
CA ILE D 303 28.17 -15.20 -3.95
C ILE D 303 27.46 -14.46 -5.08
N LEU D 304 26.28 -13.91 -4.80
CA LEU D 304 25.53 -13.18 -5.82
C LEU D 304 26.28 -11.94 -6.26
N GLU D 305 26.97 -11.28 -5.32
CA GLU D 305 27.74 -10.09 -5.67
C GLU D 305 28.84 -10.43 -6.66
N ALA D 306 29.45 -11.60 -6.53
CA ALA D 306 30.53 -12.03 -7.42
C ALA D 306 30.03 -12.68 -8.70
N SER D 307 28.78 -13.13 -8.73
CA SER D 307 28.30 -13.91 -9.88
C SER D 307 27.53 -13.03 -10.86
N ASP D 308 27.38 -13.56 -12.06
CA ASP D 308 26.51 -12.97 -13.07
C ASP D 308 25.08 -13.46 -12.97
N GLY D 309 24.87 -14.57 -12.27
CA GLY D 309 23.53 -15.09 -12.08
C GLY D 309 23.58 -16.23 -11.08
N ILE D 310 22.40 -16.80 -10.83
CA ILE D 310 22.23 -17.78 -9.76
C ILE D 310 21.33 -18.91 -10.25
N MET D 311 21.68 -20.14 -9.88
CA MET D 311 20.83 -21.30 -10.14
C MET D 311 20.39 -21.92 -8.82
N VAL D 312 19.08 -22.06 -8.63
CA VAL D 312 18.54 -22.81 -7.51
C VAL D 312 18.60 -24.28 -7.87
N ALA D 313 19.72 -24.93 -7.56
CA ALA D 313 19.96 -26.32 -7.92
C ALA D 313 19.31 -27.21 -6.85
N ARG D 314 18.00 -27.39 -6.99
CA ARG D 314 17.21 -27.99 -5.92
C ARG D 314 17.55 -29.46 -5.70
N GLY D 315 18.00 -30.17 -6.73
CA GLY D 315 18.40 -31.56 -6.61
C GLY D 315 19.33 -31.79 -5.44
N ASP D 316 20.53 -31.22 -5.50
CA ASP D 316 21.47 -31.40 -4.39
C ASP D 316 21.02 -30.64 -3.15
N LEU D 317 20.41 -29.46 -3.35
CA LEU D 317 19.94 -28.66 -2.21
C LEU D 317 18.89 -29.41 -1.40
N GLY D 318 18.00 -30.16 -2.06
CA GLY D 318 16.98 -30.91 -1.36
C GLY D 318 17.50 -32.05 -0.51
N ILE D 319 18.73 -32.51 -0.74
CA ILE D 319 19.35 -33.50 0.14
C ILE D 319 20.22 -32.82 1.19
N GLU D 320 20.92 -31.75 0.82
CA GLU D 320 21.86 -31.11 1.73
C GLU D 320 21.12 -30.41 2.87
N ILE D 321 19.97 -29.82 2.57
CA ILE D 321 19.14 -29.17 3.58
C ILE D 321 17.83 -29.94 3.65
N PRO D 322 17.06 -29.78 4.73
CA PRO D 322 15.76 -30.46 4.81
C PRO D 322 14.88 -30.11 3.63
N ALA D 323 14.23 -31.14 3.07
CA ALA D 323 13.42 -30.95 1.88
C ALA D 323 12.31 -29.94 2.10
N GLU D 324 11.77 -29.89 3.33
CA GLU D 324 10.69 -28.95 3.65
C GLU D 324 11.16 -27.50 3.71
N LYS D 325 12.47 -27.24 3.64
CA LYS D 325 13.00 -25.89 3.67
C LYS D 325 13.42 -25.37 2.31
N VAL D 326 13.38 -26.23 1.28
CA VAL D 326 13.90 -25.87 -0.03
C VAL D 326 13.14 -24.68 -0.62
N PHE D 327 11.81 -24.66 -0.44
CA PHE D 327 11.01 -23.57 -1.01
C PHE D 327 11.40 -22.22 -0.41
N LEU D 328 11.83 -22.18 0.85
CA LEU D 328 12.30 -20.94 1.43
C LEU D 328 13.55 -20.46 0.73
N ALA D 329 14.53 -21.36 0.55
CA ALA D 329 15.77 -20.98 -0.12
C ALA D 329 15.51 -20.60 -1.57
N GLN D 330 14.57 -21.27 -2.22
CA GLN D 330 14.25 -20.93 -3.61
C GLN D 330 13.67 -19.53 -3.71
N LYS D 331 12.67 -19.23 -2.87
CA LYS D 331 12.00 -17.94 -2.94
C LYS D 331 12.90 -16.80 -2.44
N MET D 332 13.77 -17.08 -1.47
CA MET D 332 14.73 -16.08 -1.04
C MET D 332 15.65 -15.67 -2.17
N MET D 333 16.25 -16.68 -2.84
CA MET D 333 17.25 -16.40 -3.85
C MET D 333 16.62 -15.76 -5.10
N ILE D 334 15.42 -16.20 -5.48
CA ILE D 334 14.76 -15.57 -6.62
C ILE D 334 14.44 -14.11 -6.30
N GLY D 335 13.96 -13.85 -5.09
CA GLY D 335 13.71 -12.48 -4.69
C GLY D 335 14.97 -11.63 -4.70
N ARG D 336 16.07 -12.16 -4.18
CA ARG D 336 17.29 -11.35 -4.10
C ARG D 336 17.89 -11.10 -5.48
N CYS D 337 17.81 -12.08 -6.38
CA CYS D 337 18.26 -11.85 -7.75
C CYS D 337 17.36 -10.83 -8.45
N ASN D 338 16.03 -10.98 -8.30
CA ASN D 338 15.12 -9.96 -8.81
C ASN D 338 15.45 -8.59 -8.26
N ARG D 339 15.75 -8.52 -6.97
CA ARG D 339 16.12 -7.25 -6.35
C ARG D 339 17.44 -6.74 -6.89
N ALA D 340 18.37 -7.64 -7.24
CA ALA D 340 19.66 -7.24 -7.78
C ALA D 340 19.66 -7.07 -9.29
N GLY D 341 18.60 -7.50 -9.98
CA GLY D 341 18.61 -7.47 -11.43
C GLY D 341 19.57 -8.45 -12.06
N LYS D 342 19.80 -9.60 -11.43
CA LYS D 342 20.64 -10.63 -12.00
C LYS D 342 19.82 -11.87 -12.29
N PRO D 343 20.11 -12.59 -13.36
CA PRO D 343 19.30 -13.76 -13.73
C PRO D 343 19.33 -14.82 -12.65
N VAL D 344 18.18 -15.49 -12.45
CA VAL D 344 18.07 -16.61 -11.53
C VAL D 344 17.31 -17.73 -12.22
N ILE D 345 17.82 -18.96 -12.06
CA ILE D 345 17.26 -20.16 -12.67
C ILE D 345 16.72 -21.06 -11.57
N CYS D 346 15.48 -21.52 -11.74
CA CYS D 346 14.93 -22.59 -10.93
C CYS D 346 15.11 -23.91 -11.69
N ALA D 347 15.71 -24.91 -11.04
CA ALA D 347 16.14 -26.11 -11.74
C ALA D 347 15.75 -27.39 -11.01
N THR D 348 15.60 -28.45 -11.80
CA THR D 348 15.63 -29.86 -11.38
C THR D 348 14.30 -30.35 -10.83
N GLN D 349 13.83 -31.48 -11.38
CA GLN D 349 12.63 -32.22 -10.96
C GLN D 349 11.34 -31.41 -11.14
N MET D 350 11.37 -30.39 -12.00
CA MET D 350 10.18 -29.57 -12.23
C MET D 350 9.06 -30.39 -12.86
N LEU D 351 9.41 -31.31 -13.75
CA LEU D 351 8.46 -32.22 -14.40
C LEU D 351 9.01 -33.63 -14.37
N GLU D 352 9.46 -34.07 -13.19
CA GLU D 352 10.22 -35.32 -13.09
C GLU D 352 9.44 -36.51 -13.65
N SER D 353 8.12 -36.56 -13.40
CA SER D 353 7.33 -37.69 -13.86
C SER D 353 7.30 -37.80 -15.37
N MET D 354 7.59 -36.71 -16.10
CA MET D 354 7.58 -36.76 -17.55
C MET D 354 8.77 -37.51 -18.15
N ILE D 355 9.70 -38.00 -17.32
CA ILE D 355 10.74 -38.88 -17.83
C ILE D 355 10.14 -40.15 -18.39
N LYS D 356 9.08 -40.66 -17.74
CA LYS D 356 8.44 -41.89 -18.17
C LYS D 356 7.00 -41.72 -18.65
N LYS D 357 6.33 -40.61 -18.32
CA LYS D 357 4.93 -40.40 -18.63
C LYS D 357 4.74 -39.18 -19.54
N PRO D 358 3.74 -39.21 -20.43
CA PRO D 358 3.54 -38.07 -21.33
C PRO D 358 2.85 -36.89 -20.70
N ARG D 359 2.26 -37.05 -19.50
CA ARG D 359 1.63 -35.96 -18.81
C ARG D 359 2.28 -35.74 -17.45
N PRO D 360 2.43 -34.50 -17.01
CA PRO D 360 3.02 -34.24 -15.70
C PRO D 360 1.98 -34.44 -14.59
N THR D 361 2.48 -34.51 -13.36
CA THR D 361 1.62 -34.55 -12.21
C THR D 361 1.12 -33.16 -11.87
N ARG D 362 0.07 -33.09 -11.04
CA ARG D 362 -0.48 -31.80 -10.65
C ARG D 362 0.52 -30.99 -9.83
N ALA D 363 1.34 -31.65 -9.01
CA ALA D 363 2.36 -30.92 -8.27
C ALA D 363 3.42 -30.33 -9.20
N GLU D 364 3.76 -31.06 -10.26
CA GLU D 364 4.76 -30.57 -11.20
C GLU D 364 4.25 -29.38 -12.00
N GLY D 365 2.99 -29.45 -12.46
CA GLY D 365 2.40 -28.29 -13.10
C GLY D 365 2.39 -27.08 -12.19
N SER D 366 2.12 -27.30 -10.91
CA SER D 366 2.13 -26.22 -9.94
C SER D 366 3.55 -25.69 -9.73
N ASP D 367 4.54 -26.58 -9.76
CA ASP D 367 5.92 -26.18 -9.50
C ASP D 367 6.42 -25.20 -10.56
N VAL D 368 6.18 -25.51 -11.84
CA VAL D 368 6.62 -24.62 -12.91
C VAL D 368 5.90 -23.27 -12.80
N ALA D 369 4.58 -23.30 -12.64
CA ALA D 369 3.81 -22.06 -12.55
C ALA D 369 4.32 -21.19 -11.40
N ASN D 370 4.51 -21.78 -10.23
CA ASN D 370 4.90 -20.98 -9.07
C ASN D 370 6.32 -20.45 -9.18
N ALA D 371 7.23 -21.20 -9.84
CA ALA D 371 8.57 -20.67 -10.07
C ALA D 371 8.52 -19.41 -10.91
N VAL D 372 7.69 -19.41 -11.95
CA VAL D 372 7.52 -18.22 -12.77
C VAL D 372 6.89 -17.11 -11.96
N LEU D 373 5.86 -17.42 -11.18
CA LEU D 373 5.24 -16.44 -10.30
C LEU D 373 6.22 -15.94 -9.26
N ASP D 374 7.13 -16.80 -8.79
CA ASP D 374 8.17 -16.37 -7.87
C ASP D 374 9.02 -15.27 -8.48
N GLY D 375 9.27 -15.35 -9.80
CA GLY D 375 10.08 -14.36 -10.49
C GLY D 375 11.32 -14.94 -11.14
N ALA D 376 11.34 -16.26 -11.34
CA ALA D 376 12.50 -16.90 -11.94
C ALA D 376 12.66 -16.48 -13.39
N ASP D 377 13.90 -16.18 -13.79
CA ASP D 377 14.17 -15.80 -15.16
C ASP D 377 14.11 -17.00 -16.10
N CYS D 378 14.59 -18.15 -15.64
CA CYS D 378 14.62 -19.36 -16.45
C CYS D 378 14.15 -20.55 -15.61
N ILE D 379 13.61 -21.55 -16.30
CA ILE D 379 13.27 -22.84 -15.70
C ILE D 379 14.04 -23.91 -16.47
N MET D 380 14.37 -24.99 -15.78
CA MET D 380 15.27 -25.99 -16.32
C MET D 380 14.62 -27.36 -16.38
N LEU D 381 15.09 -28.15 -17.35
CA LEU D 381 14.77 -29.56 -17.50
C LEU D 381 16.06 -30.35 -17.53
N SER D 382 16.10 -31.47 -16.79
CA SER D 382 17.32 -32.27 -16.73
C SER D 382 17.07 -33.65 -17.33
N GLY D 383 16.72 -34.63 -16.49
CA GLY D 383 16.47 -35.95 -17.00
C GLY D 383 15.29 -36.02 -17.96
N GLU D 384 14.33 -35.11 -17.81
CA GLU D 384 13.16 -35.08 -18.70
C GLU D 384 13.55 -34.92 -20.16
N THR D 385 14.64 -34.20 -20.44
CA THR D 385 15.11 -34.03 -21.80
C THR D 385 16.42 -34.77 -22.07
N ALA D 386 17.23 -35.02 -21.05
CA ALA D 386 18.49 -35.70 -21.26
C ALA D 386 18.28 -37.19 -21.54
N LYS D 387 17.41 -37.84 -20.76
CA LYS D 387 17.24 -39.29 -20.87
C LYS D 387 15.79 -39.76 -20.92
N GLY D 388 14.81 -38.88 -20.71
CA GLY D 388 13.42 -39.32 -20.65
C GLY D 388 12.86 -39.74 -21.99
N ASP D 389 11.64 -40.27 -21.95
CA ASP D 389 10.93 -40.75 -23.13
C ASP D 389 10.09 -39.68 -23.81
N TYR D 390 9.89 -38.52 -23.17
CA TYR D 390 9.04 -37.47 -23.74
C TYR D 390 9.72 -36.12 -23.60
N PRO D 391 10.88 -35.94 -24.25
CA PRO D 391 11.58 -34.65 -24.10
C PRO D 391 10.85 -33.48 -24.75
N LEU D 392 10.30 -33.69 -25.95
CA LEU D 392 9.56 -32.61 -26.60
C LEU D 392 8.36 -32.19 -25.78
N GLU D 393 7.61 -33.17 -25.26
CA GLU D 393 6.42 -32.86 -24.47
C GLU D 393 6.79 -32.10 -23.20
N ALA D 394 7.92 -32.45 -22.58
CA ALA D 394 8.37 -31.73 -21.39
C ALA D 394 8.70 -30.28 -21.73
N VAL D 395 9.36 -30.06 -22.86
CA VAL D 395 9.65 -28.69 -23.29
C VAL D 395 8.36 -27.93 -23.58
N ARG D 396 7.42 -28.59 -24.27
CA ARG D 396 6.15 -27.96 -24.58
C ARG D 396 5.34 -27.65 -23.32
N MET D 397 5.41 -28.54 -22.32
CA MET D 397 4.68 -28.31 -21.08
C MET D 397 5.20 -27.09 -20.35
N GLN D 398 6.52 -26.92 -20.25
CA GLN D 398 7.07 -25.72 -19.62
C GLN D 398 6.63 -24.47 -20.39
N HIS D 399 6.64 -24.54 -21.72
CA HIS D 399 6.21 -23.41 -22.54
C HIS D 399 4.77 -23.03 -22.23
N LEU D 400 3.87 -24.01 -22.17
CA LEU D 400 2.46 -23.73 -21.93
C LEU D 400 2.24 -23.15 -20.54
N ILE D 401 2.84 -23.77 -19.52
CA ILE D 401 2.65 -23.30 -18.15
C ILE D 401 3.25 -21.92 -17.96
N ALA D 402 4.46 -21.71 -18.48
CA ALA D 402 5.14 -20.42 -18.30
C ALA D 402 4.30 -19.27 -18.84
N ARG D 403 3.69 -19.45 -20.01
CA ARG D 403 2.85 -18.40 -20.58
C ARG D 403 1.66 -18.11 -19.67
N GLU D 404 0.97 -19.16 -19.19
CA GLU D 404 -0.17 -18.95 -18.32
C GLU D 404 0.23 -18.23 -17.04
N ALA D 405 1.34 -18.65 -16.43
CA ALA D 405 1.77 -18.02 -15.19
C ALA D 405 2.26 -16.60 -15.42
N GLU D 406 2.87 -16.33 -16.57
CA GLU D 406 3.35 -14.98 -16.87
C GLU D 406 2.19 -13.99 -16.91
N ALA D 407 1.03 -14.43 -17.44
CA ALA D 407 -0.15 -13.58 -17.44
C ALA D 407 -0.76 -13.44 -16.06
N ALA D 408 -0.50 -14.38 -15.15
CA ALA D 408 -1.09 -14.37 -13.82
C ALA D 408 -0.28 -13.56 -12.82
N ILE D 409 0.90 -13.05 -13.21
CA ILE D 409 1.69 -12.23 -12.32
C ILE D 409 0.94 -10.96 -11.97
N TYR D 410 1.00 -10.59 -10.69
CA TYR D 410 0.37 -9.35 -10.20
C TYR D 410 1.34 -8.21 -10.49
N HIS D 411 1.35 -7.78 -11.77
CA HIS D 411 2.29 -6.77 -12.23
C HIS D 411 2.11 -5.45 -11.49
N LEU D 412 0.88 -5.15 -11.06
CA LEU D 412 0.62 -3.91 -10.33
C LEU D 412 1.51 -3.82 -9.09
N GLN D 413 1.54 -4.86 -8.28
CA GLN D 413 2.36 -4.84 -7.07
C GLN D 413 3.84 -5.07 -7.38
N LEU D 414 4.16 -5.90 -8.37
CA LEU D 414 5.56 -6.23 -8.65
C LEU D 414 6.35 -5.02 -9.13
N PHE D 415 5.87 -4.35 -10.18
CA PHE D 415 6.52 -3.13 -10.66
C PHE D 415 6.65 -2.12 -9.55
N GLU D 416 5.63 -2.06 -8.68
CA GLU D 416 5.52 -1.06 -7.65
C GLU D 416 6.72 -1.17 -6.74
N GLU D 417 7.02 -2.42 -6.30
CA GLU D 417 8.13 -2.73 -5.38
C GLU D 417 9.50 -2.66 -6.08
N LEU D 418 9.55 -3.06 -7.36
CA LEU D 418 10.81 -3.04 -8.08
C LEU D 418 11.36 -1.62 -8.19
N ARG D 419 10.50 -0.64 -8.45
CA ARG D 419 10.96 0.74 -8.50
C ARG D 419 11.32 1.24 -7.11
N ARG D 420 10.45 1.00 -6.13
CA ARG D 420 10.69 1.51 -4.78
C ARG D 420 11.96 0.91 -4.19
N LEU D 421 12.24 -0.35 -4.52
CA LEU D 421 13.48 -0.97 -4.06
C LEU D 421 14.68 -0.60 -4.94
N ALA D 422 14.45 0.14 -6.01
CA ALA D 422 15.51 0.53 -6.93
C ALA D 422 16.07 1.90 -6.56
N ALA D 423 17.37 2.07 -6.75
CA ALA D 423 18.06 3.28 -6.34
C ALA D 423 17.89 4.39 -7.38
N ILE D 424 17.84 5.63 -6.90
CA ILE D 424 17.82 6.80 -7.77
C ILE D 424 19.21 6.99 -8.37
N THR D 425 19.31 6.86 -9.70
CA THR D 425 20.58 6.91 -10.38
C THR D 425 20.59 7.99 -11.45
N SER D 426 21.79 8.43 -11.79
CA SER D 426 22.01 9.38 -12.88
C SER D 426 22.29 8.70 -14.21
N ASP D 427 22.04 7.40 -14.31
CA ASP D 427 22.26 6.71 -15.57
C ASP D 427 21.09 6.96 -16.50
N PRO D 428 21.30 7.63 -17.64
CA PRO D 428 20.17 7.89 -18.55
C PRO D 428 19.53 6.61 -19.07
N THR D 429 20.32 5.56 -19.26
CA THR D 429 19.78 4.30 -19.75
C THR D 429 18.85 3.66 -18.72
N GLU D 430 19.17 3.80 -17.43
CA GLU D 430 18.31 3.23 -16.40
C GLU D 430 16.97 3.95 -16.32
N ALA D 431 17.00 5.29 -16.33
CA ALA D 431 15.75 6.05 -16.32
C ALA D 431 14.94 5.77 -17.59
N THR D 432 15.64 5.63 -18.72
CA THR D 432 14.95 5.30 -19.98
C THR D 432 14.29 3.93 -19.90
N ALA D 433 14.96 2.95 -19.32
CA ALA D 433 14.41 1.60 -19.25
C ALA D 433 13.16 1.56 -18.39
N VAL D 434 13.22 2.16 -17.20
CA VAL D 434 12.06 2.13 -16.32
C VAL D 434 10.93 2.99 -16.89
N GLY D 435 11.27 4.03 -17.65
CA GLY D 435 10.25 4.79 -18.35
C GLY D 435 9.58 3.97 -19.44
N ALA D 436 10.37 3.14 -20.13
CA ALA D 436 9.82 2.27 -21.17
C ALA D 436 8.86 1.25 -20.57
N VAL D 437 9.19 0.71 -19.40
CA VAL D 437 8.31 -0.27 -18.78
C VAL D 437 7.00 0.38 -18.35
N GLU D 438 7.07 1.56 -17.74
CA GLU D 438 5.86 2.27 -17.38
C GLU D 438 5.00 2.58 -18.61
N ALA D 439 5.63 3.03 -19.69
CA ALA D 439 4.86 3.31 -20.91
C ALA D 439 4.26 2.03 -21.48
N SER D 440 4.98 0.91 -21.37
CA SER D 440 4.44 -0.35 -21.86
C SER D 440 3.24 -0.79 -21.05
N PHE D 441 3.22 -0.48 -19.76
CA PHE D 441 2.05 -0.76 -18.94
C PHE D 441 0.91 0.18 -19.26
N LYS D 442 1.22 1.45 -19.53
CA LYS D 442 0.17 2.46 -19.75
C LYS D 442 -0.66 2.14 -20.99
N CYS D 443 -0.02 1.66 -22.06
CA CYS D 443 -0.72 1.40 -23.32
C CYS D 443 -0.83 -0.08 -23.63
N CYS D 444 -0.50 -0.96 -22.70
CA CYS D 444 -0.51 -2.41 -22.92
C CYS D 444 0.20 -2.78 -24.21
N SER D 445 1.44 -2.31 -24.33
CA SER D 445 2.18 -2.42 -25.58
C SER D 445 2.40 -3.89 -25.96
N GLY D 446 2.50 -4.13 -27.26
CA GLY D 446 2.79 -5.47 -27.75
C GLY D 446 4.23 -5.90 -27.58
N ALA D 447 5.16 -4.95 -27.42
CA ALA D 447 6.56 -5.29 -27.23
C ALA D 447 7.33 -4.03 -26.82
N ILE D 448 8.50 -4.27 -26.25
CA ILE D 448 9.51 -3.25 -26.02
C ILE D 448 10.70 -3.61 -26.89
N ILE D 449 10.90 -2.87 -27.97
CA ILE D 449 12.01 -3.12 -28.87
C ILE D 449 13.23 -2.38 -28.36
N VAL D 450 14.33 -3.10 -28.18
CA VAL D 450 15.55 -2.54 -27.63
C VAL D 450 16.70 -2.89 -28.57
N LEU D 451 17.39 -1.88 -29.08
CA LEU D 451 18.63 -2.08 -29.80
C LEU D 451 19.74 -2.13 -28.76
N THR D 452 20.53 -3.21 -28.78
CA THR D 452 21.59 -3.34 -27.79
C THR D 452 22.74 -4.11 -28.41
N LYS D 453 23.96 -3.68 -28.08
CA LYS D 453 25.19 -4.31 -28.55
C LYS D 453 25.73 -5.32 -27.54
N SER D 454 25.78 -4.94 -26.26
CA SER D 454 26.27 -5.81 -25.20
C SER D 454 25.14 -6.55 -24.49
N GLY D 455 23.89 -6.14 -24.70
CA GLY D 455 22.76 -6.68 -23.98
C GLY D 455 22.33 -5.84 -22.81
N ARG D 456 23.19 -4.90 -22.37
CA ARG D 456 22.95 -4.16 -21.13
C ARG D 456 21.61 -3.41 -21.18
N SER D 457 21.35 -2.72 -22.30
CA SER D 457 20.09 -1.99 -22.44
C SER D 457 18.89 -2.90 -22.27
N ALA D 458 18.95 -4.10 -22.86
CA ALA D 458 17.82 -5.04 -22.73
C ALA D 458 17.73 -5.60 -21.32
N HIS D 459 18.87 -5.88 -20.69
CA HIS D 459 18.83 -6.40 -19.32
C HIS D 459 18.18 -5.40 -18.37
N GLN D 460 18.44 -4.10 -18.58
CA GLN D 460 17.89 -3.08 -17.70
C GLN D 460 16.36 -3.00 -17.81
N VAL D 461 15.81 -3.29 -18.98
CA VAL D 461 14.35 -3.33 -19.11
C VAL D 461 13.79 -4.55 -18.40
N ALA D 462 14.45 -5.70 -18.58
CA ALA D 462 13.95 -6.94 -17.98
C ALA D 462 13.92 -6.87 -16.46
N ARG D 463 14.81 -6.08 -15.86
CA ARG D 463 14.86 -6.02 -14.39
C ARG D 463 13.57 -5.44 -13.80
N TYR D 464 12.86 -4.61 -14.55
CA TYR D 464 11.60 -4.04 -14.08
C TYR D 464 10.39 -4.86 -14.50
N ARG D 465 10.61 -6.02 -15.13
CA ARG D 465 9.61 -7.05 -15.34
C ARG D 465 8.37 -6.57 -16.06
N PRO D 466 8.48 -6.09 -17.30
CA PRO D 466 7.28 -5.70 -18.04
C PRO D 466 6.47 -6.91 -18.46
N ARG D 467 5.18 -6.69 -18.67
CA ARG D 467 4.34 -7.74 -19.23
C ARG D 467 4.70 -8.00 -20.69
N ALA D 468 4.92 -6.94 -21.45
CA ALA D 468 5.19 -7.09 -22.87
C ALA D 468 6.55 -7.75 -23.08
N PRO D 469 6.70 -8.51 -24.16
CA PRO D 469 8.00 -9.12 -24.46
C PRO D 469 9.00 -8.06 -24.87
N ILE D 470 10.28 -8.34 -24.58
CA ILE D 470 11.37 -7.44 -24.89
C ILE D 470 12.12 -8.03 -26.08
N ILE D 471 11.93 -7.42 -27.25
CA ILE D 471 12.59 -7.85 -28.48
C ILE D 471 13.94 -7.12 -28.52
N ALA D 472 15.00 -7.82 -28.13
CA ALA D 472 16.34 -7.25 -28.15
C ALA D 472 16.96 -7.51 -29.52
N VAL D 473 17.29 -6.44 -30.24
CA VAL D 473 17.91 -6.53 -31.55
C VAL D 473 19.41 -6.33 -31.37
N THR D 474 20.20 -7.28 -31.87
CA THR D 474 21.65 -7.18 -31.76
C THR D 474 22.30 -7.79 -32.99
N ARG D 475 23.48 -7.29 -33.33
CA ARG D 475 24.34 -7.93 -34.31
C ARG D 475 25.35 -8.85 -33.65
N ASN D 476 25.42 -8.85 -32.32
CA ASN D 476 26.36 -9.67 -31.57
C ASN D 476 25.73 -11.03 -31.30
N PRO D 477 26.23 -12.11 -31.90
CA PRO D 477 25.58 -13.43 -31.67
C PRO D 477 25.70 -13.90 -30.24
N GLN D 478 26.82 -13.67 -29.57
CA GLN D 478 26.95 -14.06 -28.17
C GLN D 478 25.96 -13.29 -27.30
N THR D 479 25.80 -11.98 -27.56
CA THR D 479 24.77 -11.22 -26.87
C THR D 479 23.39 -11.82 -27.12
N ALA D 480 23.12 -12.23 -28.36
CA ALA D 480 21.83 -12.83 -28.68
C ALA D 480 21.58 -14.09 -27.87
N ARG D 481 22.61 -14.93 -27.71
CA ARG D 481 22.42 -16.18 -26.99
C ARG D 481 22.25 -15.95 -25.49
N GLN D 482 23.08 -15.07 -24.91
CA GLN D 482 23.04 -14.83 -23.47
C GLN D 482 21.78 -14.11 -23.03
N ALA D 483 21.08 -13.46 -23.96
CA ALA D 483 19.86 -12.74 -23.60
C ALA D 483 18.80 -13.67 -23.02
N HIS D 484 18.87 -14.96 -23.33
CA HIS D 484 17.89 -15.92 -22.81
C HIS D 484 17.93 -16.00 -21.30
N LEU D 485 18.99 -15.52 -20.65
CA LEU D 485 19.08 -15.60 -19.20
C LEU D 485 18.11 -14.68 -18.50
N TYR D 486 17.54 -13.70 -19.19
CA TYR D 486 16.71 -12.68 -18.58
C TYR D 486 15.25 -12.88 -19.00
N ARG D 487 14.35 -12.86 -18.03
CA ARG D 487 12.92 -13.00 -18.30
C ARG D 487 12.45 -11.96 -19.31
N GLY D 488 11.80 -12.44 -20.36
CA GLY D 488 11.12 -11.56 -21.29
C GLY D 488 11.93 -11.08 -22.46
N ILE D 489 13.24 -11.29 -22.46
CA ILE D 489 14.07 -10.85 -23.57
C ILE D 489 13.95 -11.90 -24.67
N PHE D 490 13.38 -11.49 -25.82
CA PHE D 490 13.31 -12.29 -27.03
C PHE D 490 14.39 -11.83 -27.99
N PRO D 491 15.57 -12.46 -28.02
CA PRO D 491 16.66 -11.95 -28.85
C PRO D 491 16.48 -12.29 -30.32
N VAL D 492 16.79 -11.32 -31.18
CA VAL D 492 16.80 -11.51 -32.63
C VAL D 492 18.18 -11.09 -33.14
N LEU D 493 18.81 -11.95 -33.92
CA LEU D 493 20.16 -11.70 -34.43
C LEU D 493 20.05 -11.05 -35.80
N CYS D 494 20.38 -9.76 -35.88
CA CYS D 494 20.39 -9.04 -37.14
C CYS D 494 21.70 -9.30 -37.86
N LYS D 495 21.62 -9.62 -39.16
CA LYS D 495 22.78 -9.94 -39.96
C LYS D 495 23.00 -8.96 -41.12
N ASP D 496 22.17 -7.93 -41.22
CA ASP D 496 22.32 -6.94 -42.28
C ASP D 496 23.57 -6.10 -42.07
N PRO D 497 24.17 -5.60 -43.14
CA PRO D 497 25.36 -4.75 -42.99
C PRO D 497 25.04 -3.43 -42.32
N VAL D 498 26.02 -2.92 -41.58
CA VAL D 498 25.86 -1.66 -40.87
C VAL D 498 25.73 -0.52 -41.88
N GLN D 499 24.64 0.24 -41.77
CA GLN D 499 24.47 1.41 -42.61
C GLN D 499 25.32 2.55 -42.06
N GLU D 500 25.95 3.30 -42.96
CA GLU D 500 26.83 4.39 -42.54
C GLU D 500 26.06 5.52 -41.87
N ALA D 501 24.82 5.78 -42.29
CA ALA D 501 24.00 6.78 -41.61
C ALA D 501 23.36 6.14 -40.39
N TRP D 502 23.70 6.66 -39.22
CA TRP D 502 23.27 6.06 -37.96
C TRP D 502 21.75 5.94 -37.90
N ALA D 503 21.04 7.03 -38.25
CA ALA D 503 19.58 7.00 -38.18
C ALA D 503 19.01 5.89 -39.08
N GLU D 504 19.58 5.71 -40.26
CA GLU D 504 19.10 4.64 -41.14
C GLU D 504 19.49 3.26 -40.61
N ASP D 505 20.62 3.16 -39.91
CA ASP D 505 20.97 1.89 -39.28
C ASP D 505 20.02 1.58 -38.12
N VAL D 506 19.65 2.61 -37.35
CA VAL D 506 18.68 2.41 -36.28
C VAL D 506 17.35 1.92 -36.85
N ASP D 507 16.82 2.64 -37.84
CA ASP D 507 15.54 2.25 -38.44
C ASP D 507 15.60 0.84 -39.00
N LEU D 508 16.71 0.49 -39.65
CA LEU D 508 16.85 -0.85 -40.19
C LEU D 508 16.64 -1.91 -39.10
N ARG D 509 17.25 -1.70 -37.93
CA ARG D 509 17.12 -2.69 -36.87
C ARG D 509 15.75 -2.62 -36.22
N VAL D 510 15.13 -1.44 -36.16
CA VAL D 510 13.79 -1.34 -35.60
C VAL D 510 12.80 -2.06 -36.50
N ASN D 511 12.90 -1.83 -37.82
CA ASN D 511 12.04 -2.52 -38.76
C ASN D 511 12.25 -4.03 -38.73
N PHE D 512 13.47 -4.48 -38.44
CA PHE D 512 13.72 -5.91 -38.28
C PHE D 512 12.89 -6.48 -37.14
N ALA D 513 12.92 -5.81 -35.97
CA ALA D 513 12.10 -6.25 -34.86
C ALA D 513 10.62 -6.20 -35.21
N MET D 514 10.21 -5.16 -35.95
CA MET D 514 8.83 -5.07 -36.41
C MET D 514 8.43 -6.30 -37.19
N ASN D 515 9.24 -6.70 -38.17
CA ASN D 515 8.90 -7.84 -39.01
C ASN D 515 8.86 -9.12 -38.20
N VAL D 516 9.79 -9.28 -37.25
CA VAL D 516 9.76 -10.46 -36.40
C VAL D 516 8.49 -10.48 -35.57
N GLY D 517 8.15 -9.34 -34.94
CA GLY D 517 6.96 -9.29 -34.12
C GLY D 517 5.69 -9.59 -34.88
N LYS D 518 5.56 -9.06 -36.10
CA LYS D 518 4.40 -9.38 -36.93
C LYS D 518 4.34 -10.85 -37.28
N ALA D 519 5.46 -11.42 -37.74
CA ALA D 519 5.47 -12.81 -38.18
C ALA D 519 5.18 -13.74 -37.02
N ARG D 520 5.68 -13.42 -35.84
CA ARG D 520 5.47 -14.20 -34.63
C ARG D 520 4.09 -14.02 -34.02
N GLY D 521 3.28 -13.09 -34.52
CA GLY D 521 1.99 -12.84 -33.90
C GLY D 521 2.07 -12.11 -32.59
N PHE D 522 3.15 -11.36 -32.35
CA PHE D 522 3.21 -10.56 -31.14
C PHE D 522 2.35 -9.30 -31.25
N PHE D 523 2.29 -8.74 -32.45
CA PHE D 523 1.50 -7.54 -32.71
C PHE D 523 1.32 -7.44 -34.22
N LYS D 524 0.48 -6.51 -34.64
CA LYS D 524 0.25 -6.27 -36.06
C LYS D 524 0.28 -4.78 -36.31
N LYS D 525 0.25 -4.40 -37.59
CA LYS D 525 0.21 -3.00 -37.98
C LYS D 525 -0.92 -2.27 -37.28
N GLY D 526 -0.62 -1.10 -36.72
CA GLY D 526 -1.58 -0.32 -35.98
C GLY D 526 -1.53 -0.50 -34.48
N ASP D 527 -0.89 -1.58 -34.00
CA ASP D 527 -0.65 -1.74 -32.59
C ASP D 527 0.39 -0.73 -32.13
N VAL D 528 0.66 -0.70 -30.82
CA VAL D 528 1.57 0.26 -30.23
C VAL D 528 2.69 -0.50 -29.54
N VAL D 529 3.94 -0.09 -29.80
CA VAL D 529 5.12 -0.71 -29.22
C VAL D 529 6.04 0.39 -28.69
N ILE D 530 6.88 0.00 -27.74
CA ILE D 530 7.89 0.89 -27.18
C ILE D 530 9.23 0.56 -27.83
N VAL D 531 9.94 1.59 -28.27
CA VAL D 531 11.21 1.41 -28.97
C VAL D 531 12.28 2.16 -28.20
N LEU D 532 13.36 1.45 -27.86
CA LEU D 532 14.50 2.00 -27.14
C LEU D 532 15.69 2.05 -28.09
N THR D 533 16.24 3.24 -28.29
CA THR D 533 17.38 3.41 -29.16
C THR D 533 18.35 4.39 -28.52
N GLY D 534 19.48 4.58 -29.20
CA GLY D 534 20.49 5.55 -28.81
C GLY D 534 20.56 6.75 -29.73
N TRP D 535 21.40 7.70 -29.33
CA TRP D 535 21.63 8.92 -30.10
C TRP D 535 22.96 8.88 -30.86
N ARG D 536 23.90 8.03 -30.44
CA ARG D 536 25.18 7.84 -31.09
C ARG D 536 25.45 6.35 -31.25
N PRO D 537 26.18 5.96 -32.29
CA PRO D 537 26.51 4.54 -32.46
C PRO D 537 27.41 4.03 -31.35
N GLY D 538 27.20 2.78 -30.97
CA GLY D 538 28.01 2.13 -29.96
C GLY D 538 27.18 1.70 -28.77
N SER D 539 27.89 1.30 -27.70
CA SER D 539 27.28 0.73 -26.51
C SER D 539 27.35 1.74 -25.37
N GLY D 540 26.20 2.02 -24.76
CA GLY D 540 26.11 2.91 -23.61
C GLY D 540 25.33 4.19 -23.84
N PHE D 541 24.73 4.38 -25.01
CA PHE D 541 24.04 5.63 -25.34
C PHE D 541 22.55 5.43 -25.50
N THR D 542 21.96 4.43 -24.85
CA THR D 542 20.53 4.19 -25.00
C THR D 542 19.78 5.22 -24.17
N ASN D 543 19.16 6.19 -24.85
CA ASN D 543 18.57 7.32 -24.16
C ASN D 543 17.26 7.78 -24.80
N THR D 544 16.71 7.01 -25.74
CA THR D 544 15.56 7.44 -26.54
C THR D 544 14.45 6.41 -26.42
N MET D 545 13.29 6.86 -25.97
CA MET D 545 12.10 6.03 -25.86
C MET D 545 11.04 6.58 -26.79
N ARG D 546 10.51 5.72 -27.65
CA ARG D 546 9.46 6.10 -28.57
C ARG D 546 8.26 5.18 -28.40
N VAL D 547 7.07 5.78 -28.35
CA VAL D 547 5.83 5.03 -28.36
C VAL D 547 5.31 5.14 -29.78
N VAL D 548 5.52 4.09 -30.57
CA VAL D 548 5.22 4.19 -32.01
C VAL D 548 4.16 3.18 -32.42
N PRO D 549 3.31 3.53 -33.37
CA PRO D 549 2.40 2.55 -33.95
C PRO D 549 3.17 1.65 -34.90
N VAL D 550 2.79 0.38 -34.93
CA VAL D 550 3.49 -0.57 -35.80
C VAL D 550 3.24 -0.20 -37.25
N PRO D 551 4.30 0.00 -38.07
CA PRO D 551 4.22 0.38 -39.48
C PRO D 551 3.80 -0.76 -40.40
C1 OXL E . -15.60 33.66 -4.64
C2 OXL E . -15.36 34.20 -6.06
O1 OXL E . -16.84 33.76 -4.23
O2 OXL E . -16.28 34.71 -6.70
O3 OXL E . -14.68 33.16 -3.99
O4 OXL E . -14.12 34.07 -6.48
C1 GOL F . -27.74 33.22 -4.59
O1 GOL F . -27.84 32.30 -3.55
C2 GOL F . -26.74 32.64 -5.59
O2 GOL F . -27.23 31.49 -6.20
C3 GOL F . -26.45 33.78 -6.59
O3 GOL F . -27.35 33.61 -7.65
C1 GOL G . 4.48 28.10 -12.66
O1 GOL G . 5.35 27.25 -13.34
C2 GOL G . 3.88 29.07 -13.71
O2 GOL G . 2.76 28.57 -14.31
C3 GOL G . 5.01 29.36 -14.72
O3 GOL G . 5.84 30.31 -14.13
C1 EDO H . -3.08 34.82 -29.85
O1 EDO H . -2.22 35.96 -29.87
C2 EDO H . -4.43 35.19 -30.45
O2 EDO H . -5.37 34.14 -30.21
C1 EDO I . 9.34 34.63 -9.25
O1 EDO I . 10.76 34.35 -9.26
C2 EDO I . 8.58 33.49 -9.93
O2 EDO I . 8.97 33.40 -11.31
C1 EDO J . 23.72 25.93 -25.45
O1 EDO J . 24.29 25.18 -26.51
C2 EDO J . 24.83 26.62 -24.66
O2 EDO J . 24.25 27.43 -23.62
MG MG K . -18.06 34.45 -5.91
MG MG L . -17.23 37.88 -10.27
MG MG M . -5.75 34.94 -26.00
C1 OXL N . 3.06 31.18 20.55
C2 OXL N . 2.77 30.92 22.04
O1 OXL N . 2.27 30.82 19.69
O2 OXL N . 1.65 30.27 22.27
O3 OXL N . 4.20 31.79 20.33
O4 OXL N . 3.54 31.31 22.90
P1 FBP O . -10.58 0.19 39.50
O1P FBP O . -10.76 1.53 40.16
O2P FBP O . -11.47 -0.84 40.15
O3P FBP O . -9.13 -0.25 39.61
O1 FBP O . -10.97 0.33 37.89
C1 FBP O . -11.14 -0.87 37.11
C2 FBP O . -10.07 -0.91 36.00
O2 FBP O . -10.66 -1.30 34.77
C3 FBP O . -8.91 -1.90 36.39
O3 FBP O . -9.24 -3.20 36.18
C4 FBP O . -7.86 -1.43 35.42
O4 FBP O . -6.53 -2.01 35.75
C5 FBP O . -7.90 -0.10 35.65
O5 FBP O . -9.47 0.23 35.88
C6 FBP O . -7.36 0.69 34.51
O6 FBP O . -6.83 1.91 35.01
P2 FBP O . -5.42 2.45 34.34
O4P FBP O . -4.83 3.52 35.24
O5P FBP O . -4.47 1.30 34.21
O6P FBP O . -5.70 3.05 32.98
C1 GOL P . 13.20 35.36 21.27
O1 GOL P . 13.90 35.34 20.07
C2 GOL P . 13.47 34.02 21.97
O2 GOL P . 14.80 33.66 21.89
C3 GOL P . 13.02 34.25 23.42
O3 GOL P . 13.60 33.25 24.20
C1 GOL Q . -11.10 16.05 24.88
O1 GOL Q . -10.14 15.99 23.83
C2 GOL Q . -12.53 16.34 24.31
O2 GOL Q . -12.91 15.41 23.34
C3 GOL Q . -13.47 16.26 25.54
O3 GOL Q . -14.70 16.77 25.16
MG MG R . 5.37 32.08 22.96
MG MG S . 3.85 32.71 27.21
MG MG T . 11.36 26.22 21.40
C1 OXL U . -9.69 -35.75 -7.65
C2 OXL U . -10.53 -36.37 -6.51
O1 OXL U . -10.19 -35.93 -8.85
O2 OXL U . -11.55 -36.99 -6.77
O3 OXL U . -8.66 -35.14 -7.41
O4 OXL U . -10.04 -36.19 -5.32
C6 FBP V . -21.43 -20.76 21.48
O6 FBP V . -20.35 -20.98 20.60
P2 FBP V . -20.56 -20.58 19.01
O4P FBP V . -21.09 -19.17 18.90
O5P FBP V . -19.24 -20.66 18.26
O6P FBP V . -21.54 -21.55 18.38
C1 GOL W . -5.60 -29.06 12.04
O1 GOL W . -6.85 -28.51 12.31
C2 GOL W . -4.74 -28.86 13.30
O2 GOL W . -4.67 -27.51 13.68
C3 GOL W . -5.39 -29.76 14.37
O3 GOL W . -4.47 -30.76 14.65
C1 EDO X . 14.18 -37.57 -3.85
O1 EDO X . 15.15 -37.10 -2.92
C2 EDO X . 14.69 -37.40 -5.28
O2 EDO X . 13.69 -37.87 -6.20
MG MG Y . -12.13 -37.05 -8.73
C1 OXL Z . 21.04 -29.88 -9.04
C2 OXL Z . 21.71 -29.42 -10.36
O1 OXL Z . 19.83 -29.80 -8.91
O2 OXL Z . 20.88 -28.94 -11.25
O3 OXL Z . 21.88 -30.33 -8.16
O4 OXL Z . 22.92 -29.52 -10.52
C6 FBP AA . 23.97 -0.44 -27.32
O6 FBP AA . 23.30 -1.01 -26.22
P2 FBP AA . 24.19 -1.57 -24.94
O4P FBP AA . 23.29 -2.41 -24.05
O5P FBP AA . 24.71 -0.40 -24.13
O6P FBP AA . 25.34 -2.40 -25.44
C1 GOL BA . 13.84 -16.31 -24.42
O1 GOL BA . 14.17 -15.74 -23.19
C2 GOL BA . 12.31 -16.57 -24.41
O2 GOL BA . 11.59 -15.37 -24.44
C3 GOL BA . 12.06 -17.45 -25.67
O3 GOL BA . 12.94 -16.99 -26.64
C1 EDO CA . 28.17 -33.69 -1.37
O1 EDO CA . 27.67 -34.02 -0.07
C2 EDO CA . 29.33 -32.72 -1.26
O2 EDO CA . 28.99 -31.62 -0.42
C1 GOL DA . -1.87 -3.25 -4.54
O1 GOL DA . -0.88 -2.27 -4.56
C2 GOL DA . -1.28 -4.47 -3.79
O2 GOL DA . -2.28 -5.24 -3.20
C3 GOL DA . -0.28 -3.89 -2.74
O3 GOL DA . -1.00 -3.01 -1.94
MG MG EA . 23.86 -30.54 -8.53
MG MG FA . 26.41 -30.98 -12.33
#